data_8WMS
# 
_entry.id   8WMS 
# 
_audit_conform.dict_name       mmcif_pdbx.dic 
_audit_conform.dict_version    5.402 
_audit_conform.dict_location   http://mmcif.pdb.org/dictionaries/ascii/mmcif_pdbx.dic 
# 
loop_
_database_2.database_id 
_database_2.database_code 
_database_2.pdbx_database_accession 
_database_2.pdbx_DOI 
PDB   8WMS         pdb_00008wms 10.2210/pdb8wms/pdb 
WWPDB D_1300041585 ?            ?                   
# 
loop_
_pdbx_audit_revision_history.ordinal 
_pdbx_audit_revision_history.data_content_type 
_pdbx_audit_revision_history.major_revision 
_pdbx_audit_revision_history.minor_revision 
_pdbx_audit_revision_history.revision_date 
_pdbx_audit_revision_history.part_number 
1 'Structure model' 1 0 2024-07-31 ? 
2 'Structure model' 1 1 2025-03-19 ? 
# 
_pdbx_audit_revision_details.ordinal             1 
_pdbx_audit_revision_details.revision_ordinal    1 
_pdbx_audit_revision_details.data_content_type   'Structure model' 
_pdbx_audit_revision_details.provider            repository 
_pdbx_audit_revision_details.type                'Initial release' 
_pdbx_audit_revision_details.description         ? 
_pdbx_audit_revision_details.details             ? 
# 
loop_
_pdbx_audit_revision_group.ordinal 
_pdbx_audit_revision_group.revision_ordinal 
_pdbx_audit_revision_group.data_content_type 
_pdbx_audit_revision_group.group 
1 2 'Structure model' 'Database references' 
2 2 'Structure model' 'Structure summary'   
# 
loop_
_pdbx_audit_revision_category.ordinal 
_pdbx_audit_revision_category.revision_ordinal 
_pdbx_audit_revision_category.data_content_type 
_pdbx_audit_revision_category.category 
1 2 'Structure model' citation           
2 2 'Structure model' citation_author    
3 2 'Structure model' pdbx_entry_details 
# 
loop_
_pdbx_audit_revision_item.ordinal 
_pdbx_audit_revision_item.revision_ordinal 
_pdbx_audit_revision_item.data_content_type 
_pdbx_audit_revision_item.item 
1  2 'Structure model' '_citation.country'                            
2  2 'Structure model' '_citation.journal_abbrev'                     
3  2 'Structure model' '_citation.journal_id_CSD'                     
4  2 'Structure model' '_citation.journal_id_ISSN'                    
5  2 'Structure model' '_citation.journal_volume'                     
6  2 'Structure model' '_citation.page_first'                         
7  2 'Structure model' '_citation.page_last'                          
8  2 'Structure model' '_citation.pdbx_database_id_DOI'               
9  2 'Structure model' '_citation.pdbx_database_id_PubMed'            
10 2 'Structure model' '_citation.title'                              
11 2 'Structure model' '_citation.year'                               
12 2 'Structure model' '_pdbx_entry_details.has_protein_modification' 
# 
_pdbx_database_status.status_code                     REL 
_pdbx_database_status.status_code_sf                  REL 
_pdbx_database_status.status_code_mr                  ? 
_pdbx_database_status.entry_id                        8WMS 
_pdbx_database_status.recvd_initial_deposition_date   2023-10-04 
_pdbx_database_status.SG_entry                        N 
_pdbx_database_status.deposit_site                    PDBJ 
_pdbx_database_status.process_site                    PDBJ 
_pdbx_database_status.status_code_cs                  ? 
_pdbx_database_status.status_code_nmr_data            ? 
_pdbx_database_status.methods_development_category    ? 
_pdbx_database_status.pdb_format_compatible           Y 
# 
_pdbx_contact_author.id                 2 
_pdbx_contact_author.email              aritak@yokohama-cu.ac.jp 
_pdbx_contact_author.name_first         Kyohei 
_pdbx_contact_author.name_last          Arita 
_pdbx_contact_author.name_mi            ? 
_pdbx_contact_author.role               'principal investigator/group leader' 
_pdbx_contact_author.identifier_ORCID   0000-0002-9762-8405 
# 
loop_
_audit_author.name 
_audit_author.pdbx_ordinal 
_audit_author.identifier_ORCID 
'Shiraishi, N.' 1 ?                   
'Arita, K.'     2 0000-0002-9762-8405 
# 
_citation.abstract                  ? 
_citation.abstract_id_CAS           ? 
_citation.book_id_ISBN              ? 
_citation.book_publisher            ? 
_citation.book_publisher_city       ? 
_citation.book_title                ? 
_citation.coordinate_linkage        ? 
_citation.country                   UK 
_citation.database_id_Medline       ? 
_citation.details                   ? 
_citation.id                        primary 
_citation.journal_abbrev            'Commun Biol' 
_citation.journal_id_ASTM           ? 
_citation.journal_id_CSD            ? 
_citation.journal_id_ISSN           2399-3642 
_citation.journal_full              ? 
_citation.journal_issue             ? 
_citation.journal_volume            7 
_citation.language                  ? 
_citation.page_first                746 
_citation.page_last                 746 
_citation.title                     
'Structure of human DPPA3 bound to the UHRF1 PHD finger reveals its functional and structural differences from mouse DPPA3.' 
_citation.year                      2024 
_citation.database_id_CSD           ? 
_citation.pdbx_database_id_DOI      10.1038/s42003-024-06434-9 
_citation.pdbx_database_id_PubMed   38898124 
_citation.pdbx_database_id_patent   ? 
_citation.unpublished_flag          ? 
# 
loop_
_citation_author.citation_id 
_citation_author.name 
_citation_author.ordinal 
_citation_author.identifier_ORCID 
primary 'Shiraishi, N.' 1 ?                   
primary 'Konuma, T.'    2 ?                   
primary 'Chiba, Y.'     3 ?                   
primary 'Hokazono, S.'  4 ?                   
primary 'Nakamura, N.'  5 ?                   
primary 'Islam, M.H.'   6 ?                   
primary 'Nakanishi, M.' 7 ?                   
primary 'Nishiyama, A.' 8 0000-0002-8416-3776 
primary 'Arita, K.'     9 0000-0002-9762-8405 
# 
loop_
_entity.id 
_entity.type 
_entity.src_method 
_entity.pdbx_description 
_entity.formula_weight 
_entity.pdbx_number_of_molecules 
_entity.pdbx_ec 
_entity.pdbx_mutation 
_entity.pdbx_fragment 
_entity.details 
1 polymer     man 'E3 ubiquitin-protein ligase UHRF1'               7762.821 1 2.3.2.27 ? ? ? 
2 polymer     man 'Developmental pluripotency-associated protein 3' 4564.400 1 ?        ? ? ? 
3 non-polymer syn 'ZINC ION'                                        65.409   4 ?        ? ? ? 
# 
loop_
_entity_name_com.entity_id 
_entity_name_com.name 
1 
;Inverted CCAAT box-binding protein of 90 kDa,Nuclear protein 95,Nuclear zinc finger protein Np95,hNp95,RING finger protein 106,RING-type E3 ubiquitin transferase UHRF1,Transcription factor ICBP90,Ubiquitin-like PHD and RING finger domain-containing protein 1,hUHRF1,Ubiquitin-like-containing PHD and RING finger domains protein 1
;
2 'Stella-related protein' 
# 
loop_
_entity_poly.entity_id 
_entity_poly.type 
_entity_poly.nstd_linkage 
_entity_poly.nstd_monomer 
_entity_poly.pdbx_seq_one_letter_code 
_entity_poly.pdbx_seq_one_letter_code_can 
_entity_poly.pdbx_strand_id 
_entity_poly.pdbx_target_identifier 
1 'polypeptide(L)' no no GPSCKHCKDDVNRLCRVCACHLCGGRQDPDKQLMCDECDMAFHIYCLDPPLSSVPSEDEWYCPECRND 
GPSCKHCKDDVNRLCRVCACHLCGGRQDPDKQLMCDECDMAFHIYCLDPPLSSVPSEDEWYCPECRND A ? 
2 'polypeptide(L)' no no SRRGVRTLLSVQREKMARLRYMLLGGVRTHERRPTNKE                               
SRRGVRTLLSVQREKMARLRYMLLGGVRTHERRPTNKE                               B ? 
# 
_pdbx_entity_nonpoly.entity_id   3 
_pdbx_entity_nonpoly.name        'ZINC ION' 
_pdbx_entity_nonpoly.comp_id     ZN 
# 
loop_
_entity_poly_seq.entity_id 
_entity_poly_seq.num 
_entity_poly_seq.mon_id 
_entity_poly_seq.hetero 
1 1  GLY n 
1 2  PRO n 
1 3  SER n 
1 4  CYS n 
1 5  LYS n 
1 6  HIS n 
1 7  CYS n 
1 8  LYS n 
1 9  ASP n 
1 10 ASP n 
1 11 VAL n 
1 12 ASN n 
1 13 ARG n 
1 14 LEU n 
1 15 CYS n 
1 16 ARG n 
1 17 VAL n 
1 18 CYS n 
1 19 ALA n 
1 20 CYS n 
1 21 HIS n 
1 22 LEU n 
1 23 CYS n 
1 24 GLY n 
1 25 GLY n 
1 26 ARG n 
1 27 GLN n 
1 28 ASP n 
1 29 PRO n 
1 30 ASP n 
1 31 LYS n 
1 32 GLN n 
1 33 LEU n 
1 34 MET n 
1 35 CYS n 
1 36 ASP n 
1 37 GLU n 
1 38 CYS n 
1 39 ASP n 
1 40 MET n 
1 41 ALA n 
1 42 PHE n 
1 43 HIS n 
1 44 ILE n 
1 45 TYR n 
1 46 CYS n 
1 47 LEU n 
1 48 ASP n 
1 49 PRO n 
1 50 PRO n 
1 51 LEU n 
1 52 SER n 
1 53 SER n 
1 54 VAL n 
1 55 PRO n 
1 56 SER n 
1 57 GLU n 
1 58 ASP n 
1 59 GLU n 
1 60 TRP n 
1 61 TYR n 
1 62 CYS n 
1 63 PRO n 
1 64 GLU n 
1 65 CYS n 
1 66 ARG n 
1 67 ASN n 
1 68 ASP n 
2 1  SER n 
2 2  ARG n 
2 3  ARG n 
2 4  GLY n 
2 5  VAL n 
2 6  ARG n 
2 7  THR n 
2 8  LEU n 
2 9  LEU n 
2 10 SER n 
2 11 VAL n 
2 12 GLN n 
2 13 ARG n 
2 14 GLU n 
2 15 LYS n 
2 16 MET n 
2 17 ALA n 
2 18 ARG n 
2 19 LEU n 
2 20 ARG n 
2 21 TYR n 
2 22 MET n 
2 23 LEU n 
2 24 LEU n 
2 25 GLY n 
2 26 GLY n 
2 27 VAL n 
2 28 ARG n 
2 29 THR n 
2 30 HIS n 
2 31 GLU n 
2 32 ARG n 
2 33 ARG n 
2 34 PRO n 
2 35 THR n 
2 36 ASN n 
2 37 LYS n 
2 38 GLU n 
# 
loop_
_entity_src_gen.entity_id 
_entity_src_gen.pdbx_src_id 
_entity_src_gen.pdbx_alt_source_flag 
_entity_src_gen.pdbx_seq_type 
_entity_src_gen.pdbx_beg_seq_num 
_entity_src_gen.pdbx_end_seq_num 
_entity_src_gen.gene_src_common_name 
_entity_src_gen.gene_src_genus 
_entity_src_gen.pdbx_gene_src_gene 
_entity_src_gen.gene_src_species 
_entity_src_gen.gene_src_strain 
_entity_src_gen.gene_src_tissue 
_entity_src_gen.gene_src_tissue_fraction 
_entity_src_gen.gene_src_details 
_entity_src_gen.pdbx_gene_src_fragment 
_entity_src_gen.pdbx_gene_src_scientific_name 
_entity_src_gen.pdbx_gene_src_ncbi_taxonomy_id 
_entity_src_gen.pdbx_gene_src_variant 
_entity_src_gen.pdbx_gene_src_cell_line 
_entity_src_gen.pdbx_gene_src_atcc 
_entity_src_gen.pdbx_gene_src_organ 
_entity_src_gen.pdbx_gene_src_organelle 
_entity_src_gen.pdbx_gene_src_cell 
_entity_src_gen.pdbx_gene_src_cellular_location 
_entity_src_gen.host_org_common_name 
_entity_src_gen.pdbx_host_org_scientific_name 
_entity_src_gen.pdbx_host_org_ncbi_taxonomy_id 
_entity_src_gen.host_org_genus 
_entity_src_gen.pdbx_host_org_gene 
_entity_src_gen.pdbx_host_org_organ 
_entity_src_gen.host_org_species 
_entity_src_gen.pdbx_host_org_tissue 
_entity_src_gen.pdbx_host_org_tissue_fraction 
_entity_src_gen.pdbx_host_org_strain 
_entity_src_gen.pdbx_host_org_variant 
_entity_src_gen.pdbx_host_org_cell_line 
_entity_src_gen.pdbx_host_org_atcc 
_entity_src_gen.pdbx_host_org_culture_collection 
_entity_src_gen.pdbx_host_org_cell 
_entity_src_gen.pdbx_host_org_organelle 
_entity_src_gen.pdbx_host_org_cellular_location 
_entity_src_gen.pdbx_host_org_vector_type 
_entity_src_gen.pdbx_host_org_vector 
_entity_src_gen.host_org_details 
_entity_src_gen.expression_system_id 
_entity_src_gen.plasmid_name 
_entity_src_gen.plasmid_details 
_entity_src_gen.pdbx_description 
1 1 sample 'Biological sequence' 1 68 human ? 'UHRF1, ICBP90, NP95, RNF106' ? ? ? ? ? ? 'Homo sapiens' 9606 ? ? ? ? ? ? ? ? 
'unidentified plasmid' 45202 ? ? ? ? ? ? ? ? ? ? ? ? ? ? ? ? ? ? ? ? ? 
2 1 sample 'Biological sequence' 1 38 human ? 'DPPA3, STELLAR'              ? ? ? ? ? ? 'Homo sapiens' 9606 ? ? ? ? ? ? ? ? 
'unidentified plasmid' 45202 ? ? ? ? ? ? ? ? ? ? ? ? ? ? ? ? ? ? ? ? ? 
# 
loop_
_chem_comp.id 
_chem_comp.type 
_chem_comp.mon_nstd_flag 
_chem_comp.name 
_chem_comp.pdbx_synonyms 
_chem_comp.formula 
_chem_comp.formula_weight 
ALA 'L-peptide linking' y ALANINE         ? 'C3 H7 N O2'     89.093  
ARG 'L-peptide linking' y ARGININE        ? 'C6 H15 N4 O2 1' 175.209 
ASN 'L-peptide linking' y ASPARAGINE      ? 'C4 H8 N2 O3'    132.118 
ASP 'L-peptide linking' y 'ASPARTIC ACID' ? 'C4 H7 N O4'     133.103 
CYS 'L-peptide linking' y CYSTEINE        ? 'C3 H7 N O2 S'   121.158 
GLN 'L-peptide linking' y GLUTAMINE       ? 'C5 H10 N2 O3'   146.144 
GLU 'L-peptide linking' y 'GLUTAMIC ACID' ? 'C5 H9 N O4'     147.129 
GLY 'peptide linking'   y GLYCINE         ? 'C2 H5 N O2'     75.067  
HIS 'L-peptide linking' y HISTIDINE       ? 'C6 H10 N3 O2 1' 156.162 
ILE 'L-peptide linking' y ISOLEUCINE      ? 'C6 H13 N O2'    131.173 
LEU 'L-peptide linking' y LEUCINE         ? 'C6 H13 N O2'    131.173 
LYS 'L-peptide linking' y LYSINE          ? 'C6 H15 N2 O2 1' 147.195 
MET 'L-peptide linking' y METHIONINE      ? 'C5 H11 N O2 S'  149.211 
PHE 'L-peptide linking' y PHENYLALANINE   ? 'C9 H11 N O2'    165.189 
PRO 'L-peptide linking' y PROLINE         ? 'C5 H9 N O2'     115.130 
SER 'L-peptide linking' y SERINE          ? 'C3 H7 N O3'     105.093 
THR 'L-peptide linking' y THREONINE       ? 'C4 H9 N O3'     119.119 
TRP 'L-peptide linking' y TRYPTOPHAN      ? 'C11 H12 N2 O2'  204.225 
TYR 'L-peptide linking' y TYROSINE        ? 'C9 H11 N O3'    181.189 
VAL 'L-peptide linking' y VALINE          ? 'C5 H11 N O2'    117.146 
ZN  non-polymer         . 'ZINC ION'      ? 'Zn 2'           65.409  
# 
loop_
_pdbx_poly_seq_scheme.asym_id 
_pdbx_poly_seq_scheme.entity_id 
_pdbx_poly_seq_scheme.seq_id 
_pdbx_poly_seq_scheme.mon_id 
_pdbx_poly_seq_scheme.ndb_seq_num 
_pdbx_poly_seq_scheme.pdb_seq_num 
_pdbx_poly_seq_scheme.auth_seq_num 
_pdbx_poly_seq_scheme.pdb_mon_id 
_pdbx_poly_seq_scheme.auth_mon_id 
_pdbx_poly_seq_scheme.pdb_strand_id 
_pdbx_poly_seq_scheme.pdb_ins_code 
_pdbx_poly_seq_scheme.hetero 
A 1 1  GLY 1  299 299 GLY GLY A . n 
A 1 2  PRO 2  300 300 PRO PRO A . n 
A 1 3  SER 3  301 301 SER SER A . n 
A 1 4  CYS 4  302 302 CYS CYS A . n 
A 1 5  LYS 5  303 303 LYS LYS A . n 
A 1 6  HIS 6  304 304 HIS HIS A . n 
A 1 7  CYS 7  305 305 CYS CYS A . n 
A 1 8  LYS 8  306 306 LYS LYS A . n 
A 1 9  ASP 9  307 307 ASP ASP A . n 
A 1 10 ASP 10 308 308 ASP ASP A . n 
A 1 11 VAL 11 309 309 VAL VAL A . n 
A 1 12 ASN 12 310 310 ASN ASN A . n 
A 1 13 ARG 13 311 311 ARG ARG A . n 
A 1 14 LEU 14 312 312 LEU LEU A . n 
A 1 15 CYS 15 313 313 CYS CYS A . n 
A 1 16 ARG 16 314 314 ARG ARG A . n 
A 1 17 VAL 17 315 315 VAL VAL A . n 
A 1 18 CYS 18 316 316 CYS CYS A . n 
A 1 19 ALA 19 317 317 ALA ALA A . n 
A 1 20 CYS 20 318 318 CYS CYS A . n 
A 1 21 HIS 21 319 319 HIS HIS A . n 
A 1 22 LEU 22 320 320 LEU LEU A . n 
A 1 23 CYS 23 321 321 CYS CYS A . n 
A 1 24 GLY 24 322 322 GLY GLY A . n 
A 1 25 GLY 25 323 323 GLY GLY A . n 
A 1 26 ARG 26 324 324 ARG ARG A . n 
A 1 27 GLN 27 325 325 GLN GLN A . n 
A 1 28 ASP 28 326 326 ASP ASP A . n 
A 1 29 PRO 29 327 327 PRO PRO A . n 
A 1 30 ASP 30 328 328 ASP ASP A . n 
A 1 31 LYS 31 329 329 LYS LYS A . n 
A 1 32 GLN 32 330 330 GLN GLN A . n 
A 1 33 LEU 33 331 331 LEU LEU A . n 
A 1 34 MET 34 332 332 MET MET A . n 
A 1 35 CYS 35 333 333 CYS CYS A . n 
A 1 36 ASP 36 334 334 ASP ASP A . n 
A 1 37 GLU 37 335 335 GLU GLU A . n 
A 1 38 CYS 38 336 336 CYS CYS A . n 
A 1 39 ASP 39 337 337 ASP ASP A . n 
A 1 40 MET 40 338 338 MET MET A . n 
A 1 41 ALA 41 339 339 ALA ALA A . n 
A 1 42 PHE 42 340 340 PHE PHE A . n 
A 1 43 HIS 43 341 341 HIS HIS A . n 
A 1 44 ILE 44 342 342 ILE ILE A . n 
A 1 45 TYR 45 343 343 TYR TYR A . n 
A 1 46 CYS 46 344 344 CYS CYS A . n 
A 1 47 LEU 47 345 345 LEU LEU A . n 
A 1 48 ASP 48 346 346 ASP ASP A . n 
A 1 49 PRO 49 347 347 PRO PRO A . n 
A 1 50 PRO 50 348 348 PRO PRO A . n 
A 1 51 LEU 51 349 349 LEU LEU A . n 
A 1 52 SER 52 350 350 SER SER A . n 
A 1 53 SER 53 351 351 SER SER A . n 
A 1 54 VAL 54 352 352 VAL VAL A . n 
A 1 55 PRO 55 353 353 PRO PRO A . n 
A 1 56 SER 56 354 354 SER SER A . n 
A 1 57 GLU 57 355 355 GLU GLU A . n 
A 1 58 ASP 58 356 356 ASP ASP A . n 
A 1 59 GLU 59 357 357 GLU GLU A . n 
A 1 60 TRP 60 358 358 TRP TRP A . n 
A 1 61 TYR 61 359 359 TYR TYR A . n 
A 1 62 CYS 62 360 360 CYS CYS A . n 
A 1 63 PRO 63 361 361 PRO PRO A . n 
A 1 64 GLU 64 362 362 GLU GLU A . n 
A 1 65 CYS 65 363 363 CYS CYS A . n 
A 1 66 ARG 66 364 364 ARG ARG A . n 
A 1 67 ASN 67 365 ?   ?   ?   A . n 
A 1 68 ASP 68 366 ?   ?   ?   A . n 
B 2 1  SER 1  81  ?   ?   ?   B . n 
B 2 2  ARG 2  82  ?   ?   ?   B . n 
B 2 3  ARG 3  83  ?   ?   ?   B . n 
B 2 4  GLY 4  84  84  GLY GLY B . n 
B 2 5  VAL 5  85  85  VAL VAL B . n 
B 2 6  ARG 6  86  86  ARG ARG B . n 
B 2 7  THR 7  87  87  THR THR B . n 
B 2 8  LEU 8  88  88  LEU LEU B . n 
B 2 9  LEU 9  89  89  LEU LEU B . n 
B 2 10 SER 10 90  90  SER SER B . n 
B 2 11 VAL 11 91  91  VAL VAL B . n 
B 2 12 GLN 12 92  92  GLN GLN B . n 
B 2 13 ARG 13 93  93  ARG ARG B . n 
B 2 14 GLU 14 94  94  GLU GLU B . n 
B 2 15 LYS 15 95  95  LYS LYS B . n 
B 2 16 MET 16 96  96  MET MET B . n 
B 2 17 ALA 17 97  97  ALA ALA B . n 
B 2 18 ARG 18 98  98  ARG ARG B . n 
B 2 19 LEU 19 99  99  LEU LEU B . n 
B 2 20 ARG 20 100 100 ARG ARG B . n 
B 2 21 TYR 21 101 101 TYR TYR B . n 
B 2 22 MET 22 102 102 MET MET B . n 
B 2 23 LEU 23 103 103 LEU LEU B . n 
B 2 24 LEU 24 104 104 LEU LEU B . n 
B 2 25 GLY 25 105 105 GLY GLY B . n 
B 2 26 GLY 26 106 106 GLY GLY B . n 
B 2 27 VAL 27 107 107 VAL VAL B . n 
B 2 28 ARG 28 108 ?   ?   ?   B . n 
B 2 29 THR 29 109 ?   ?   ?   B . n 
B 2 30 HIS 30 110 ?   ?   ?   B . n 
B 2 31 GLU 31 111 ?   ?   ?   B . n 
B 2 32 ARG 32 112 ?   ?   ?   B . n 
B 2 33 ARG 33 113 ?   ?   ?   B . n 
B 2 34 PRO 34 114 ?   ?   ?   B . n 
B 2 35 THR 35 115 ?   ?   ?   B . n 
B 2 36 ASN 36 116 ?   ?   ?   B . n 
B 2 37 LYS 37 117 ?   ?   ?   B . n 
B 2 38 GLU 38 118 ?   ?   ?   B . n 
# 
_pdbx_entity_instance_feature.ordinal        1 
_pdbx_entity_instance_feature.comp_id        ZN 
_pdbx_entity_instance_feature.asym_id        ? 
_pdbx_entity_instance_feature.seq_num        ? 
_pdbx_entity_instance_feature.auth_comp_id   ZN 
_pdbx_entity_instance_feature.auth_asym_id   ? 
_pdbx_entity_instance_feature.auth_seq_num   ? 
_pdbx_entity_instance_feature.feature_type   'SUBJECT OF INVESTIGATION' 
_pdbx_entity_instance_feature.details        ? 
# 
loop_
_pdbx_nonpoly_scheme.asym_id 
_pdbx_nonpoly_scheme.entity_id 
_pdbx_nonpoly_scheme.mon_id 
_pdbx_nonpoly_scheme.ndb_seq_num 
_pdbx_nonpoly_scheme.pdb_seq_num 
_pdbx_nonpoly_scheme.auth_seq_num 
_pdbx_nonpoly_scheme.pdb_mon_id 
_pdbx_nonpoly_scheme.auth_mon_id 
_pdbx_nonpoly_scheme.pdb_strand_id 
_pdbx_nonpoly_scheme.pdb_ins_code 
C 3 ZN 1 401 401 ZN ZN A . 
D 3 ZN 1 402 402 ZN ZN A . 
E 3 ZN 1 403 403 ZN ZN A . 
F 3 ZN 1 404 404 ZN ZN A . 
# 
_pdbx_unobs_or_zero_occ_atoms.id               1 
_pdbx_unobs_or_zero_occ_atoms.PDB_model_num    1 
_pdbx_unobs_or_zero_occ_atoms.polymer_flag     Y 
_pdbx_unobs_or_zero_occ_atoms.occupancy_flag   1 
_pdbx_unobs_or_zero_occ_atoms.auth_asym_id     A 
_pdbx_unobs_or_zero_occ_atoms.auth_comp_id     GLY 
_pdbx_unobs_or_zero_occ_atoms.auth_seq_id      299 
_pdbx_unobs_or_zero_occ_atoms.PDB_ins_code     ? 
_pdbx_unobs_or_zero_occ_atoms.auth_atom_id     N 
_pdbx_unobs_or_zero_occ_atoms.label_alt_id     ? 
_pdbx_unobs_or_zero_occ_atoms.label_asym_id    A 
_pdbx_unobs_or_zero_occ_atoms.label_comp_id    GLY 
_pdbx_unobs_or_zero_occ_atoms.label_seq_id     1 
_pdbx_unobs_or_zero_occ_atoms.label_atom_id    N 
# 
loop_
_software.citation_id 
_software.classification 
_software.compiler_name 
_software.compiler_version 
_software.contact_author 
_software.contact_author_email 
_software.date 
_software.description 
_software.dependencies 
_software.hardware 
_software.language 
_software.location 
_software.mods 
_software.name 
_software.os 
_software.os_version 
_software.type 
_software.version 
_software.pdbx_ordinal 
? refinement       ? ? ? ? ? ? ? ? ? ? ? PHENIX ? ? ? 1.20.1_4487 1 
? 'data reduction' ? ? ? ? ? ? ? ? ? ? ? XDS    ? ? ? .           2 
? 'data scaling'   ? ? ? ? ? ? ? ? ? ? ? XDS    ? ? ? .           3 
? phasing          ? ? ? ? ? ? ? ? ? ? ? PHASER ? ? ? .           4 
# 
_cell.angle_alpha                  90.000 
_cell.angle_alpha_esd              ? 
_cell.angle_beta                   90.000 
_cell.angle_beta_esd               ? 
_cell.angle_gamma                  90.000 
_cell.angle_gamma_esd              ? 
_cell.entry_id                     8WMS 
_cell.details                      ? 
_cell.formula_units_Z              ? 
_cell.length_a                     77.802 
_cell.length_a_esd                 ? 
_cell.length_b                     77.802 
_cell.length_b_esd                 ? 
_cell.length_c                     140.674 
_cell.length_c_esd                 ? 
_cell.volume                       851520.992 
_cell.volume_esd                   ? 
_cell.Z_PDB                        16 
_cell.reciprocal_angle_alpha       ? 
_cell.reciprocal_angle_beta        ? 
_cell.reciprocal_angle_gamma       ? 
_cell.reciprocal_angle_alpha_esd   ? 
_cell.reciprocal_angle_beta_esd    ? 
_cell.reciprocal_angle_gamma_esd   ? 
_cell.reciprocal_length_a          ? 
_cell.reciprocal_length_b          ? 
_cell.reciprocal_length_c          ? 
_cell.reciprocal_length_a_esd      ? 
_cell.reciprocal_length_b_esd      ? 
_cell.reciprocal_length_c_esd      ? 
_cell.pdbx_unique_axis             ? 
_cell.pdbx_esd_method              ? 
# 
_symmetry.entry_id                         8WMS 
_symmetry.cell_setting                     ? 
_symmetry.Int_Tables_number                98 
_symmetry.space_group_name_Hall            'I 4bw 2bw' 
_symmetry.space_group_name_H-M             'I 41 2 2' 
_symmetry.pdbx_full_space_group_name_H-M   ? 
# 
_exptl.absorpt_coefficient_mu     ? 
_exptl.absorpt_correction_T_max   ? 
_exptl.absorpt_correction_T_min   ? 
_exptl.absorpt_correction_type    ? 
_exptl.absorpt_process_details    ? 
_exptl.entry_id                   8WMS 
_exptl.crystals_number            1 
_exptl.details                    ? 
_exptl.method                     'X-RAY DIFFRACTION' 
_exptl.method_details             ? 
# 
_exptl_crystal.colour                       ? 
_exptl_crystal.density_diffrn               ? 
_exptl_crystal.density_Matthews             4.32 
_exptl_crystal.density_method               ? 
_exptl_crystal.density_percent_sol          71.51 
_exptl_crystal.description                  ? 
_exptl_crystal.F_000                        ? 
_exptl_crystal.id                           1 
_exptl_crystal.preparation                  ? 
_exptl_crystal.size_max                     ? 
_exptl_crystal.size_mid                     ? 
_exptl_crystal.size_min                     ? 
_exptl_crystal.size_rad                     ? 
_exptl_crystal.colour_lustre                ? 
_exptl_crystal.colour_modifier              ? 
_exptl_crystal.colour_primary               ? 
_exptl_crystal.density_meas                 ? 
_exptl_crystal.density_meas_esd             ? 
_exptl_crystal.density_meas_gt              ? 
_exptl_crystal.density_meas_lt              ? 
_exptl_crystal.density_meas_temp            ? 
_exptl_crystal.density_meas_temp_esd        ? 
_exptl_crystal.density_meas_temp_gt         ? 
_exptl_crystal.density_meas_temp_lt         ? 
_exptl_crystal.pdbx_crystal_image_url       ? 
_exptl_crystal.pdbx_crystal_image_format    ? 
_exptl_crystal.pdbx_mosaicity               ? 
_exptl_crystal.pdbx_mosaicity_esd           ? 
_exptl_crystal.pdbx_mosaic_method           ? 
_exptl_crystal.pdbx_mosaic_block_size       ? 
_exptl_crystal.pdbx_mosaic_block_size_esd   ? 
# 
_exptl_crystal_grow.apparatus       ? 
_exptl_crystal_grow.atmosphere      ? 
_exptl_crystal_grow.crystal_id      1 
_exptl_crystal_grow.details         ? 
_exptl_crystal_grow.method          'VAPOR DIFFUSION, SITTING DROP' 
_exptl_crystal_grow.method_ref      ? 
_exptl_crystal_grow.pH              ? 
_exptl_crystal_grow.pressure        ? 
_exptl_crystal_grow.pressure_esd    ? 
_exptl_crystal_grow.seeding         ? 
_exptl_crystal_grow.seeding_ref     ? 
_exptl_crystal_grow.temp_details    ? 
_exptl_crystal_grow.temp_esd        ? 
_exptl_crystal_grow.time            ? 
_exptl_crystal_grow.pdbx_details    '100  mM Tris-HCl (pH 7.0), 200 mM tri-potassium phosphate and 20% (w/v) PEG3,350' 
_exptl_crystal_grow.pdbx_pH_range   ? 
_exptl_crystal_grow.temp            293 
# 
_diffrn.ambient_environment              ? 
_diffrn.ambient_temp                     100 
_diffrn.ambient_temp_details             ? 
_diffrn.ambient_temp_esd                 ? 
_diffrn.crystal_id                       1 
_diffrn.crystal_support                  ? 
_diffrn.crystal_treatment                ? 
_diffrn.details                          ? 
_diffrn.id                               1 
_diffrn.ambient_pressure                 ? 
_diffrn.ambient_pressure_esd             ? 
_diffrn.ambient_pressure_gt              ? 
_diffrn.ambient_pressure_lt              ? 
_diffrn.ambient_temp_gt                  ? 
_diffrn.ambient_temp_lt                  ? 
_diffrn.pdbx_serial_crystal_experiment   N 
# 
_diffrn_detector.details                      ? 
_diffrn_detector.detector                     PIXEL 
_diffrn_detector.diffrn_id                    1 
_diffrn_detector.type                         'DECTRIS EIGER X 16M' 
_diffrn_detector.area_resol_mean              ? 
_diffrn_detector.dtime                        ? 
_diffrn_detector.pdbx_frames_total            ? 
_diffrn_detector.pdbx_collection_time_total   ? 
_diffrn_detector.pdbx_collection_date         2022-05-16 
_diffrn_detector.pdbx_frequency               ? 
_diffrn_detector.id                           ? 
_diffrn_detector.number_of_axes               ? 
# 
_diffrn_radiation.collimation                      ? 
_diffrn_radiation.diffrn_id                        1 
_diffrn_radiation.filter_edge                      ? 
_diffrn_radiation.inhomogeneity                    ? 
_diffrn_radiation.monochromator                    ? 
_diffrn_radiation.polarisn_norm                    ? 
_diffrn_radiation.polarisn_ratio                   ? 
_diffrn_radiation.probe                            ? 
_diffrn_radiation.type                             ? 
_diffrn_radiation.xray_symbol                      ? 
_diffrn_radiation.wavelength_id                    1 
_diffrn_radiation.pdbx_monochromatic_or_laue_m_l   M 
_diffrn_radiation.pdbx_wavelength_list             ? 
_diffrn_radiation.pdbx_wavelength                  ? 
_diffrn_radiation.pdbx_diffrn_protocol             'SINGLE WAVELENGTH' 
_diffrn_radiation.pdbx_analyzer                    ? 
_diffrn_radiation.pdbx_scattering_type             x-ray 
# 
_diffrn_radiation_wavelength.id           1 
_diffrn_radiation_wavelength.wavelength   0.98 
_diffrn_radiation_wavelength.wt           1.0 
# 
_diffrn_source.current                     ? 
_diffrn_source.details                     ? 
_diffrn_source.diffrn_id                   1 
_diffrn_source.power                       ? 
_diffrn_source.size                        ? 
_diffrn_source.source                      SYNCHROTRON 
_diffrn_source.target                      ? 
_diffrn_source.type                        'PHOTON FACTORY BEAMLINE BL-17A' 
_diffrn_source.voltage                     ? 
_diffrn_source.take-off_angle              ? 
_diffrn_source.pdbx_wavelength_list        0.98 
_diffrn_source.pdbx_wavelength             ? 
_diffrn_source.pdbx_synchrotron_beamline   BL-17A 
_diffrn_source.pdbx_synchrotron_site       'Photon Factory' 
# 
_reflns.B_iso_Wilson_estimate                          64.60 
_reflns.entry_id                                       8WMS 
_reflns.data_reduction_details                         ? 
_reflns.data_reduction_method                          ? 
_reflns.d_resolution_high                              2.40 
_reflns.d_resolution_low                               43.33 
_reflns.details                                        ? 
_reflns.limit_h_max                                    ? 
_reflns.limit_h_min                                    ? 
_reflns.limit_k_max                                    ? 
_reflns.limit_k_min                                    ? 
_reflns.limit_l_max                                    ? 
_reflns.limit_l_min                                    ? 
_reflns.number_all                                     ? 
_reflns.number_obs                                     8775 
_reflns.observed_criterion                             ? 
_reflns.observed_criterion_F_max                       ? 
_reflns.observed_criterion_F_min                       ? 
_reflns.observed_criterion_I_max                       ? 
_reflns.observed_criterion_I_min                       ? 
_reflns.observed_criterion_sigma_F                     ? 
_reflns.observed_criterion_sigma_I                     ? 
_reflns.percent_possible_obs                           99.7 
_reflns.R_free_details                                 ? 
_reflns.Rmerge_F_all                                   ? 
_reflns.Rmerge_F_obs                                   ? 
_reflns.Friedel_coverage                               ? 
_reflns.number_gt                                      ? 
_reflns.threshold_expression                           ? 
_reflns.pdbx_redundancy                                5.4 
_reflns.pdbx_netI_over_av_sigmaI                       ? 
_reflns.pdbx_netI_over_sigmaI                          12.5 
_reflns.pdbx_res_netI_over_av_sigmaI_2                 ? 
_reflns.pdbx_res_netI_over_sigmaI_2                    ? 
_reflns.pdbx_chi_squared                               ? 
_reflns.pdbx_scaling_rejects                           ? 
_reflns.pdbx_d_res_high_opt                            ? 
_reflns.pdbx_d_res_low_opt                             ? 
_reflns.pdbx_d_res_opt_method                          ? 
_reflns.phase_calculation_details                      ? 
_reflns.pdbx_Rrim_I_all                                ? 
_reflns.pdbx_Rpim_I_all                                ? 
_reflns.pdbx_d_opt                                     ? 
_reflns.pdbx_number_measured_all                       ? 
_reflns.pdbx_diffrn_id                                 1 
_reflns.pdbx_ordinal                                   1 
_reflns.pdbx_CC_half                                   0.99 
_reflns.pdbx_CC_star                                   ? 
_reflns.pdbx_R_split                                   ? 
_reflns.pdbx_Rmerge_I_obs                              0.064 
_reflns.pdbx_Rmerge_I_all                              ? 
_reflns.pdbx_Rsym_value                                ? 
_reflns.pdbx_CC_split_method                           ? 
_reflns.pdbx_aniso_diffraction_limit_axis_1_ortho[1]   ? 
_reflns.pdbx_aniso_diffraction_limit_axis_1_ortho[2]   ? 
_reflns.pdbx_aniso_diffraction_limit_axis_1_ortho[3]   ? 
_reflns.pdbx_aniso_diffraction_limit_axis_2_ortho[1]   ? 
_reflns.pdbx_aniso_diffraction_limit_axis_2_ortho[2]   ? 
_reflns.pdbx_aniso_diffraction_limit_axis_2_ortho[3]   ? 
_reflns.pdbx_aniso_diffraction_limit_axis_3_ortho[1]   ? 
_reflns.pdbx_aniso_diffraction_limit_axis_3_ortho[2]   ? 
_reflns.pdbx_aniso_diffraction_limit_axis_3_ortho[3]   ? 
_reflns.pdbx_aniso_diffraction_limit_1                 ? 
_reflns.pdbx_aniso_diffraction_limit_2                 ? 
_reflns.pdbx_aniso_diffraction_limit_3                 ? 
_reflns.pdbx_aniso_B_tensor_eigenvector_1_ortho[1]     ? 
_reflns.pdbx_aniso_B_tensor_eigenvector_1_ortho[2]     ? 
_reflns.pdbx_aniso_B_tensor_eigenvector_1_ortho[3]     ? 
_reflns.pdbx_aniso_B_tensor_eigenvector_2_ortho[1]     ? 
_reflns.pdbx_aniso_B_tensor_eigenvector_2_ortho[2]     ? 
_reflns.pdbx_aniso_B_tensor_eigenvector_2_ortho[3]     ? 
_reflns.pdbx_aniso_B_tensor_eigenvector_3_ortho[1]     ? 
_reflns.pdbx_aniso_B_tensor_eigenvector_3_ortho[2]     ? 
_reflns.pdbx_aniso_B_tensor_eigenvector_3_ortho[3]     ? 
_reflns.pdbx_aniso_B_tensor_eigenvalue_1               ? 
_reflns.pdbx_aniso_B_tensor_eigenvalue_2               ? 
_reflns.pdbx_aniso_B_tensor_eigenvalue_3               ? 
_reflns.pdbx_orthogonalization_convention              ? 
_reflns.pdbx_percent_possible_ellipsoidal              ? 
_reflns.pdbx_percent_possible_spherical                ? 
_reflns.pdbx_percent_possible_ellipsoidal_anomalous    ? 
_reflns.pdbx_percent_possible_spherical_anomalous      ? 
_reflns.pdbx_redundancy_anomalous                      ? 
_reflns.pdbx_CC_half_anomalous                         ? 
_reflns.pdbx_absDiff_over_sigma_anomalous              ? 
_reflns.pdbx_percent_possible_anomalous                ? 
_reflns.pdbx_observed_signal_threshold                 ? 
_reflns.pdbx_signal_type                               ? 
_reflns.pdbx_signal_details                            ? 
_reflns.pdbx_signal_software_id                        ? 
# 
_reflns_shell.d_res_high                                    2.40 
_reflns_shell.d_res_low                                     2.49 
_reflns_shell.meanI_over_sigI_all                           ? 
_reflns_shell.meanI_over_sigI_obs                           2.5 
_reflns_shell.number_measured_all                           ? 
_reflns_shell.number_measured_obs                           ? 
_reflns_shell.number_possible                               ? 
_reflns_shell.number_unique_all                             ? 
_reflns_shell.number_unique_obs                             903 
_reflns_shell.percent_possible_obs                          ? 
_reflns_shell.Rmerge_F_all                                  ? 
_reflns_shell.Rmerge_F_obs                                  ? 
_reflns_shell.meanI_over_sigI_gt                            ? 
_reflns_shell.meanI_over_uI_all                             ? 
_reflns_shell.meanI_over_uI_gt                              ? 
_reflns_shell.number_measured_gt                            ? 
_reflns_shell.number_unique_gt                              ? 
_reflns_shell.percent_possible_gt                           ? 
_reflns_shell.Rmerge_F_gt                                   ? 
_reflns_shell.Rmerge_I_gt                                   ? 
_reflns_shell.pdbx_redundancy                               ? 
_reflns_shell.pdbx_chi_squared                              ? 
_reflns_shell.pdbx_netI_over_sigmaI_all                     ? 
_reflns_shell.pdbx_netI_over_sigmaI_obs                     ? 
_reflns_shell.pdbx_Rrim_I_all                               ? 
_reflns_shell.pdbx_Rpim_I_all                               ? 
_reflns_shell.pdbx_rejects                                  ? 
_reflns_shell.pdbx_ordinal                                  1 
_reflns_shell.pdbx_diffrn_id                                1 
_reflns_shell.pdbx_CC_half                                  0.896 
_reflns_shell.pdbx_CC_star                                  ? 
_reflns_shell.pdbx_R_split                                  ? 
_reflns_shell.percent_possible_all                          ? 
_reflns_shell.Rmerge_I_all                                  ? 
_reflns_shell.Rmerge_I_obs                                  0.488 
_reflns_shell.pdbx_Rsym_value                               ? 
_reflns_shell.pdbx_percent_possible_ellipsoidal             ? 
_reflns_shell.pdbx_percent_possible_spherical               ? 
_reflns_shell.pdbx_percent_possible_ellipsoidal_anomalous   ? 
_reflns_shell.pdbx_percent_possible_spherical_anomalous     ? 
_reflns_shell.pdbx_redundancy_anomalous                     ? 
_reflns_shell.pdbx_CC_half_anomalous                        ? 
_reflns_shell.pdbx_absDiff_over_sigma_anomalous             ? 
_reflns_shell.pdbx_percent_possible_anomalous               ? 
# 
_refine.aniso_B[1][1]                            ? 
_refine.aniso_B[1][2]                            ? 
_refine.aniso_B[1][3]                            ? 
_refine.aniso_B[2][2]                            ? 
_refine.aniso_B[2][3]                            ? 
_refine.aniso_B[3][3]                            ? 
_refine.B_iso_max                                ? 
_refine.B_iso_mean                               80.77 
_refine.B_iso_min                                ? 
_refine.correlation_coeff_Fo_to_Fc               ? 
_refine.correlation_coeff_Fo_to_Fc_free          ? 
_refine.details                                  ? 
_refine.diff_density_max                         ? 
_refine.diff_density_max_esd                     ? 
_refine.diff_density_min                         ? 
_refine.diff_density_min_esd                     ? 
_refine.diff_density_rms                         ? 
_refine.diff_density_rms_esd                     ? 
_refine.entry_id                                 8WMS 
_refine.pdbx_refine_id                           'X-RAY DIFFRACTION' 
_refine.ls_abs_structure_details                 ? 
_refine.ls_abs_structure_Flack                   ? 
_refine.ls_abs_structure_Flack_esd               ? 
_refine.ls_abs_structure_Rogers                  ? 
_refine.ls_abs_structure_Rogers_esd              ? 
_refine.ls_d_res_high                            2.40 
_refine.ls_d_res_low                             43.33 
_refine.ls_extinction_coef                       ? 
_refine.ls_extinction_coef_esd                   ? 
_refine.ls_extinction_expression                 ? 
_refine.ls_extinction_method                     ? 
_refine.ls_goodness_of_fit_all                   ? 
_refine.ls_goodness_of_fit_all_esd               ? 
_refine.ls_goodness_of_fit_obs                   ? 
_refine.ls_goodness_of_fit_obs_esd               ? 
_refine.ls_hydrogen_treatment                    ? 
_refine.ls_matrix_type                           ? 
_refine.ls_number_constraints                    ? 
_refine.ls_number_parameters                     ? 
_refine.ls_number_reflns_all                     ? 
_refine.ls_number_reflns_obs                     8693 
_refine.ls_number_reflns_R_free                  424 
_refine.ls_number_reflns_R_work                  8269 
_refine.ls_number_restraints                     ? 
_refine.ls_percent_reflns_obs                    98.74 
_refine.ls_percent_reflns_R_free                 4.88 
_refine.ls_R_factor_all                          ? 
_refine.ls_R_factor_obs                          0.2346 
_refine.ls_R_factor_R_free                       0.2664 
_refine.ls_R_factor_R_free_error                 ? 
_refine.ls_R_factor_R_free_error_details         ? 
_refine.ls_R_factor_R_work                       0.2329 
_refine.ls_R_Fsqd_factor_obs                     ? 
_refine.ls_R_I_factor_obs                        ? 
_refine.ls_redundancy_reflns_all                 ? 
_refine.ls_redundancy_reflns_obs                 ? 
_refine.ls_restrained_S_all                      ? 
_refine.ls_restrained_S_obs                      ? 
_refine.ls_shift_over_esd_max                    ? 
_refine.ls_shift_over_esd_mean                   ? 
_refine.ls_structure_factor_coef                 ? 
_refine.ls_weighting_details                     ? 
_refine.ls_weighting_scheme                      ? 
_refine.ls_wR_factor_all                         ? 
_refine.ls_wR_factor_obs                         ? 
_refine.ls_wR_factor_R_free                      ? 
_refine.ls_wR_factor_R_work                      ? 
_refine.occupancy_max                            ? 
_refine.occupancy_min                            ? 
_refine.solvent_model_details                    'FLAT BULK SOLVENT MODEL' 
_refine.solvent_model_param_bsol                 ? 
_refine.solvent_model_param_ksol                 ? 
_refine.pdbx_R_complete                          ? 
_refine.ls_R_factor_gt                           ? 
_refine.ls_goodness_of_fit_gt                    ? 
_refine.ls_goodness_of_fit_ref                   ? 
_refine.ls_shift_over_su_max                     ? 
_refine.ls_shift_over_su_max_lt                  ? 
_refine.ls_shift_over_su_mean                    ? 
_refine.ls_shift_over_su_mean_lt                 ? 
_refine.pdbx_ls_sigma_I                          ? 
_refine.pdbx_ls_sigma_F                          1.34 
_refine.pdbx_ls_sigma_Fsqd                       ? 
_refine.pdbx_data_cutoff_high_absF               ? 
_refine.pdbx_data_cutoff_high_rms_absF           ? 
_refine.pdbx_data_cutoff_low_absF                ? 
_refine.pdbx_isotropic_thermal_model             ? 
_refine.pdbx_ls_cross_valid_method               'FREE R-VALUE' 
_refine.pdbx_method_to_determine_struct          'MOLECULAR REPLACEMENT' 
_refine.pdbx_starting_model                      ? 
_refine.pdbx_stereochemistry_target_values       'GeoStd + Monomer Library + CDL v1.2' 
_refine.pdbx_R_Free_selection_details            ? 
_refine.pdbx_stereochem_target_val_spec_case     ? 
_refine.pdbx_overall_ESU_R                       ? 
_refine.pdbx_overall_ESU_R_Free                  ? 
_refine.pdbx_solvent_vdw_probe_radii             1.1000 
_refine.pdbx_solvent_ion_probe_radii             ? 
_refine.pdbx_solvent_shrinkage_radii             0.9000 
_refine.pdbx_real_space_R                        ? 
_refine.pdbx_density_correlation                 ? 
_refine.pdbx_pd_number_of_powder_patterns        ? 
_refine.pdbx_pd_number_of_points                 ? 
_refine.pdbx_pd_meas_number_of_points            ? 
_refine.pdbx_pd_proc_ls_prof_R_factor            ? 
_refine.pdbx_pd_proc_ls_prof_wR_factor           ? 
_refine.pdbx_pd_Marquardt_correlation_coeff      ? 
_refine.pdbx_pd_Fsqrd_R_factor                   ? 
_refine.pdbx_pd_ls_matrix_band_width             ? 
_refine.pdbx_overall_phase_error                 36.7463 
_refine.pdbx_overall_SU_R_free_Cruickshank_DPI   ? 
_refine.pdbx_overall_SU_R_free_Blow_DPI          ? 
_refine.pdbx_overall_SU_R_Blow_DPI               ? 
_refine.pdbx_TLS_residual_ADP_flag               ? 
_refine.pdbx_diffrn_id                           1 
_refine.overall_SU_B                             ? 
_refine.overall_SU_ML                            0.2939 
_refine.overall_SU_R_Cruickshank_DPI             ? 
_refine.overall_SU_R_free                        ? 
_refine.overall_FOM_free_R_set                   ? 
_refine.overall_FOM_work_R_set                   ? 
_refine.pdbx_average_fsc_overall                 ? 
_refine.pdbx_average_fsc_work                    ? 
_refine.pdbx_average_fsc_free                    ? 
# 
_refine_hist.pdbx_refine_id                   'X-RAY DIFFRACTION' 
_refine_hist.cycle_id                         LAST 
_refine_hist.details                          ? 
_refine_hist.d_res_high                       2.40 
_refine_hist.d_res_low                        43.33 
_refine_hist.number_atoms_solvent             0 
_refine_hist.number_atoms_total               708 
_refine_hist.number_reflns_all                ? 
_refine_hist.number_reflns_obs                ? 
_refine_hist.number_reflns_R_free             ? 
_refine_hist.number_reflns_R_work             ? 
_refine_hist.R_factor_all                     ? 
_refine_hist.R_factor_obs                     ? 
_refine_hist.R_factor_R_free                  ? 
_refine_hist.R_factor_R_work                  ? 
_refine_hist.pdbx_number_residues_total       ? 
_refine_hist.pdbx_B_iso_mean_ligand           ? 
_refine_hist.pdbx_B_iso_mean_solvent          ? 
_refine_hist.pdbx_number_atoms_protein        704 
_refine_hist.pdbx_number_atoms_nucleic_acid   0 
_refine_hist.pdbx_number_atoms_ligand         4 
_refine_hist.pdbx_number_atoms_lipid          ? 
_refine_hist.pdbx_number_atoms_carb           ? 
_refine_hist.pdbx_pseudo_atom_details         ? 
# 
loop_
_refine_ls_restr.pdbx_refine_id 
_refine_ls_restr.criterion 
_refine_ls_restr.dev_ideal 
_refine_ls_restr.dev_ideal_target 
_refine_ls_restr.number 
_refine_ls_restr.rejects 
_refine_ls_restr.type 
_refine_ls_restr.weight 
_refine_ls_restr.pdbx_restraint_function 
'X-RAY DIFFRACTION' ? 0.0042 ? 717 ? f_bond_d           ? ? 
'X-RAY DIFFRACTION' ? 0.8030 ? 964 ? f_angle_d          ? ? 
'X-RAY DIFFRACTION' ? 0.0479 ? 102 ? f_chiral_restr     ? ? 
'X-RAY DIFFRACTION' ? 0.0082 ? 127 ? f_plane_restr      ? ? 
'X-RAY DIFFRACTION' ? 4.7561 ? 99  ? f_dihedral_angle_d ? ? 
# 
loop_
_refine_ls_shell.pdbx_refine_id 
_refine_ls_shell.d_res_high 
_refine_ls_shell.d_res_low 
_refine_ls_shell.number_reflns_all 
_refine_ls_shell.number_reflns_obs 
_refine_ls_shell.number_reflns_R_free 
_refine_ls_shell.number_reflns_R_work 
_refine_ls_shell.percent_reflns_obs 
_refine_ls_shell.percent_reflns_R_free 
_refine_ls_shell.R_factor_all 
_refine_ls_shell.R_factor_obs 
_refine_ls_shell.R_factor_R_free_error 
_refine_ls_shell.R_factor_R_work 
_refine_ls_shell.redundancy_reflns_all 
_refine_ls_shell.redundancy_reflns_obs 
_refine_ls_shell.wR_factor_all 
_refine_ls_shell.wR_factor_obs 
_refine_ls_shell.wR_factor_R_free 
_refine_ls_shell.wR_factor_R_work 
_refine_ls_shell.pdbx_R_complete 
_refine_ls_shell.pdbx_total_number_of_bins_used 
_refine_ls_shell.pdbx_phase_error 
_refine_ls_shell.pdbx_fsc_work 
_refine_ls_shell.pdbx_fsc_free 
_refine_ls_shell.R_factor_R_free 
'X-RAY DIFFRACTION' 2.40 2.75  . . 128 2679 98.39 . . . . 0.3480 . . . . . . . . . . . 0.3405 
'X-RAY DIFFRACTION' 2.75 3.46  . . 133 2736 98.73 . . . . 0.2993 . . . . . . . . . . . 0.3495 
'X-RAY DIFFRACTION' 3.46 43.33 . . 163 2854 99.08 . . . . 0.2000 . . . . . . . . . . . 0.2349 
# 
_struct.entry_id                     8WMS 
_struct.title                        'Crystal structure of human DPPA3 in complex with human UHRF1 PHD domain' 
_struct.pdbx_model_details           ? 
_struct.pdbx_formula_weight          ? 
_struct.pdbx_formula_weight_method   ? 
_struct.pdbx_model_type_details      ? 
_struct.pdbx_CASP_flag               N 
# 
_struct_keywords.entry_id        8WMS 
_struct_keywords.text            'DNA methylation, GENE REGULATION' 
_struct_keywords.pdbx_keywords   'GENE REGULATION' 
# 
loop_
_struct_asym.id 
_struct_asym.pdbx_blank_PDB_chainid_flag 
_struct_asym.pdbx_modified 
_struct_asym.entity_id 
_struct_asym.details 
A N N 1 ? 
B N N 2 ? 
C N N 3 ? 
D N N 3 ? 
E N N 3 ? 
F N N 3 ? 
# 
loop_
_struct_ref.id 
_struct_ref.db_name 
_struct_ref.db_code 
_struct_ref.pdbx_db_accession 
_struct_ref.pdbx_db_isoform 
_struct_ref.entity_id 
_struct_ref.pdbx_seq_one_letter_code 
_struct_ref.pdbx_align_begin 
1 UNP UHRF1_HUMAN Q96T88 ? 1 GPSCKHCKDDVNRLCRVCACHLCGGRQDPDKQLMCDECDMAFHIYCLDPPLSSVPSEDEWYCPECRND 299 
2 UNP DPPA3_HUMAN Q6W0C5 ? 2 SRRGVRTLLSVQREKMARLRYMLLGGVRTHERRPTNKE                               81  
# 
loop_
_struct_ref_seq.align_id 
_struct_ref_seq.ref_id 
_struct_ref_seq.pdbx_PDB_id_code 
_struct_ref_seq.pdbx_strand_id 
_struct_ref_seq.seq_align_beg 
_struct_ref_seq.pdbx_seq_align_beg_ins_code 
_struct_ref_seq.seq_align_end 
_struct_ref_seq.pdbx_seq_align_end_ins_code 
_struct_ref_seq.pdbx_db_accession 
_struct_ref_seq.db_align_beg 
_struct_ref_seq.pdbx_db_align_beg_ins_code 
_struct_ref_seq.db_align_end 
_struct_ref_seq.pdbx_db_align_end_ins_code 
_struct_ref_seq.pdbx_auth_seq_align_beg 
_struct_ref_seq.pdbx_auth_seq_align_end 
1 1 8WMS A 1 ? 68 ? Q96T88 299 ? 366 ? 299 366 
2 2 8WMS B 1 ? 38 ? Q6W0C5 81  ? 118 ? 81  118 
# 
_pdbx_struct_assembly.id                   1 
_pdbx_struct_assembly.details              author_and_software_defined_assembly 
_pdbx_struct_assembly.method_details       PISA 
_pdbx_struct_assembly.oligomeric_details   dimeric 
_pdbx_struct_assembly.oligomeric_count     2 
# 
loop_
_pdbx_struct_assembly_prop.biol_id 
_pdbx_struct_assembly_prop.type 
_pdbx_struct_assembly_prop.value 
_pdbx_struct_assembly_prop.details 
1 'ABSA (A^2)' 1030 ? 
1 MORE         -11  ? 
1 'SSA (A^2)'  6550 ? 
# 
_pdbx_struct_assembly_gen.assembly_id       1 
_pdbx_struct_assembly_gen.oper_expression   1 
_pdbx_struct_assembly_gen.asym_id_list      A,B,C,D,E,F 
# 
_pdbx_struct_assembly_auth_evidence.id                     1 
_pdbx_struct_assembly_auth_evidence.assembly_id            1 
_pdbx_struct_assembly_auth_evidence.experimental_support   SAXS 
_pdbx_struct_assembly_auth_evidence.details                ? 
# 
_pdbx_struct_oper_list.id                   1 
_pdbx_struct_oper_list.type                 'identity operation' 
_pdbx_struct_oper_list.name                 1_555 
_pdbx_struct_oper_list.symmetry_operation   x,y,z 
_pdbx_struct_oper_list.matrix[1][1]         1.0000000000 
_pdbx_struct_oper_list.matrix[1][2]         0.0000000000 
_pdbx_struct_oper_list.matrix[1][3]         0.0000000000 
_pdbx_struct_oper_list.vector[1]            0.0000000000 
_pdbx_struct_oper_list.matrix[2][1]         0.0000000000 
_pdbx_struct_oper_list.matrix[2][2]         1.0000000000 
_pdbx_struct_oper_list.matrix[2][3]         0.0000000000 
_pdbx_struct_oper_list.vector[2]            0.0000000000 
_pdbx_struct_oper_list.matrix[3][1]         0.0000000000 
_pdbx_struct_oper_list.matrix[3][2]         0.0000000000 
_pdbx_struct_oper_list.matrix[3][3]         1.0000000000 
_pdbx_struct_oper_list.vector[3]            0.0000000000 
# 
loop_
_struct_conf.conf_type_id 
_struct_conf.id 
_struct_conf.pdbx_PDB_helix_id 
_struct_conf.beg_label_comp_id 
_struct_conf.beg_label_asym_id 
_struct_conf.beg_label_seq_id 
_struct_conf.pdbx_beg_PDB_ins_code 
_struct_conf.end_label_comp_id 
_struct_conf.end_label_asym_id 
_struct_conf.end_label_seq_id 
_struct_conf.pdbx_end_PDB_ins_code 
_struct_conf.beg_auth_comp_id 
_struct_conf.beg_auth_asym_id 
_struct_conf.beg_auth_seq_id 
_struct_conf.end_auth_comp_id 
_struct_conf.end_auth_asym_id 
_struct_conf.end_auth_seq_id 
_struct_conf.pdbx_PDB_helix_class 
_struct_conf.details 
_struct_conf.pdbx_PDB_helix_length 
HELX_P HELX_P1 AA1 ASP A 28 ? ASP A 30 ? ASP A 326 ASP A 328 5 ? 3  
HELX_P HELX_P2 AA2 THR B 7  ? GLY B 25 ? THR B 87  GLY B 105 1 ? 19 
# 
_struct_conf_type.id          HELX_P 
_struct_conf_type.criteria    ? 
_struct_conf_type.reference   ? 
# 
loop_
_struct_conn.id 
_struct_conn.conn_type_id 
_struct_conn.pdbx_leaving_atom_flag 
_struct_conn.pdbx_PDB_id 
_struct_conn.ptnr1_label_asym_id 
_struct_conn.ptnr1_label_comp_id 
_struct_conn.ptnr1_label_seq_id 
_struct_conn.ptnr1_label_atom_id 
_struct_conn.pdbx_ptnr1_label_alt_id 
_struct_conn.pdbx_ptnr1_PDB_ins_code 
_struct_conn.pdbx_ptnr1_standard_comp_id 
_struct_conn.ptnr1_symmetry 
_struct_conn.ptnr2_label_asym_id 
_struct_conn.ptnr2_label_comp_id 
_struct_conn.ptnr2_label_seq_id 
_struct_conn.ptnr2_label_atom_id 
_struct_conn.pdbx_ptnr2_label_alt_id 
_struct_conn.pdbx_ptnr2_PDB_ins_code 
_struct_conn.ptnr1_auth_asym_id 
_struct_conn.ptnr1_auth_comp_id 
_struct_conn.ptnr1_auth_seq_id 
_struct_conn.ptnr2_auth_asym_id 
_struct_conn.ptnr2_auth_comp_id 
_struct_conn.ptnr2_auth_seq_id 
_struct_conn.ptnr2_symmetry 
_struct_conn.pdbx_ptnr3_label_atom_id 
_struct_conn.pdbx_ptnr3_label_seq_id 
_struct_conn.pdbx_ptnr3_label_comp_id 
_struct_conn.pdbx_ptnr3_label_asym_id 
_struct_conn.pdbx_ptnr3_label_alt_id 
_struct_conn.pdbx_ptnr3_PDB_ins_code 
_struct_conn.details 
_struct_conn.pdbx_dist_value 
_struct_conn.pdbx_value_order 
_struct_conn.pdbx_role 
metalc1  metalc ? ? A CYS 4  SG  ? ? ? 1_555 C ZN . ZN ? ? A CYS 302 A ZN 401 1_555 ? ? ? ? ? ? ? 2.311 ? ? 
metalc2  metalc ? ? A CYS 7  SG  ? ? ? 1_555 C ZN . ZN ? ? A CYS 305 A ZN 401 1_555 ? ? ? ? ? ? ? 2.322 ? ? 
metalc3  metalc ? ? A CYS 15 SG  ? ? ? 1_555 C ZN . ZN ? ? A CYS 313 A ZN 401 1_555 ? ? ? ? ? ? ? 2.316 ? ? 
metalc4  metalc ? ? A CYS 18 SG  ? ? ? 1_555 C ZN . ZN ? ? A CYS 316 A ZN 401 1_555 ? ? ? ? ? ? ? 2.327 ? ? 
metalc5  metalc ? ? A CYS 20 SG  ? ? ? 1_555 D ZN . ZN ? ? A CYS 318 A ZN 402 1_555 ? ? ? ? ? ? ? 2.316 ? ? 
metalc6  metalc ? ? A HIS 21 NE2 ? ? ? 1_555 F ZN . ZN ? ? A HIS 319 A ZN 404 1_555 ? ? ? ? ? ? ? 2.297 ? ? 
metalc7  metalc ? ? A HIS 21 NE2 ? ? ? 1_555 F ZN . ZN ? ? A HIS 319 A ZN 404 7_545 ? ? ? ? ? ? ? 1.992 ? ? 
metalc8  metalc ? ? A CYS 23 SG  ? ? ? 1_555 D ZN . ZN ? ? A CYS 321 A ZN 402 1_555 ? ? ? ? ? ? ? 2.312 ? ? 
metalc9  metalc ? ? A CYS 35 SG  ? ? ? 1_555 E ZN . ZN ? ? A CYS 333 A ZN 403 1_555 ? ? ? ? ? ? ? 2.330 ? ? 
metalc10 metalc ? ? A CYS 38 SG  ? ? ? 1_555 E ZN . ZN ? ? A CYS 336 A ZN 403 1_555 ? ? ? ? ? ? ? 2.340 ? ? 
metalc11 metalc ? ? A HIS 43 ND1 ? ? ? 1_555 D ZN . ZN ? ? A HIS 341 A ZN 402 1_555 ? ? ? ? ? ? ? 2.087 ? ? 
metalc12 metalc ? ? A CYS 46 SG  ? ? ? 1_555 D ZN . ZN ? ? A CYS 344 A ZN 402 1_555 ? ? ? ? ? ? ? 2.314 ? ? 
metalc13 metalc ? ? A CYS 62 SG  ? ? ? 1_555 E ZN . ZN ? ? A CYS 360 A ZN 403 1_555 ? ? ? ? ? ? ? 2.326 ? ? 
metalc14 metalc ? ? A GLU 64 OE1 ? ? ? 1_555 F ZN . ZN ? ? A GLU 362 A ZN 404 1_555 ? ? ? ? ? ? ? 2.255 ? ? 
metalc15 metalc ? ? A GLU 64 OE2 ? ? ? 1_555 F ZN . ZN ? ? A GLU 362 A ZN 404 1_555 ? ? ? ? ? ? ? 1.887 ? ? 
metalc16 metalc ? ? A CYS 65 SG  ? ? ? 1_555 E ZN . ZN ? ? A CYS 363 A ZN 403 1_555 ? ? ? ? ? ? ? 2.312 ? ? 
# 
_struct_conn_type.id          metalc 
_struct_conn_type.criteria    ? 
_struct_conn_type.reference   ? 
# 
loop_
_pdbx_struct_conn_angle.id 
_pdbx_struct_conn_angle.ptnr1_label_atom_id 
_pdbx_struct_conn_angle.ptnr1_label_alt_id 
_pdbx_struct_conn_angle.ptnr1_label_asym_id 
_pdbx_struct_conn_angle.ptnr1_label_comp_id 
_pdbx_struct_conn_angle.ptnr1_label_seq_id 
_pdbx_struct_conn_angle.ptnr1_auth_atom_id 
_pdbx_struct_conn_angle.ptnr1_auth_asym_id 
_pdbx_struct_conn_angle.ptnr1_auth_comp_id 
_pdbx_struct_conn_angle.ptnr1_auth_seq_id 
_pdbx_struct_conn_angle.ptnr1_PDB_ins_code 
_pdbx_struct_conn_angle.ptnr1_symmetry 
_pdbx_struct_conn_angle.ptnr2_label_atom_id 
_pdbx_struct_conn_angle.ptnr2_label_alt_id 
_pdbx_struct_conn_angle.ptnr2_label_asym_id 
_pdbx_struct_conn_angle.ptnr2_label_comp_id 
_pdbx_struct_conn_angle.ptnr2_label_seq_id 
_pdbx_struct_conn_angle.ptnr2_auth_atom_id 
_pdbx_struct_conn_angle.ptnr2_auth_asym_id 
_pdbx_struct_conn_angle.ptnr2_auth_comp_id 
_pdbx_struct_conn_angle.ptnr2_auth_seq_id 
_pdbx_struct_conn_angle.ptnr2_PDB_ins_code 
_pdbx_struct_conn_angle.ptnr2_symmetry 
_pdbx_struct_conn_angle.ptnr3_label_atom_id 
_pdbx_struct_conn_angle.ptnr3_label_alt_id 
_pdbx_struct_conn_angle.ptnr3_label_asym_id 
_pdbx_struct_conn_angle.ptnr3_label_comp_id 
_pdbx_struct_conn_angle.ptnr3_label_seq_id 
_pdbx_struct_conn_angle.ptnr3_auth_atom_id 
_pdbx_struct_conn_angle.ptnr3_auth_asym_id 
_pdbx_struct_conn_angle.ptnr3_auth_comp_id 
_pdbx_struct_conn_angle.ptnr3_auth_seq_id 
_pdbx_struct_conn_angle.ptnr3_PDB_ins_code 
_pdbx_struct_conn_angle.ptnr3_symmetry 
_pdbx_struct_conn_angle.value 
_pdbx_struct_conn_angle.value_esd 
1  SG  ? A CYS 4  ? A CYS 302 ? 1_555 ZN ? C ZN . ? A ZN 401 ? 1_555 SG  ? A CYS 7  ? A CYS 305 ? 1_555 113.8 ? 
2  SG  ? A CYS 4  ? A CYS 302 ? 1_555 ZN ? C ZN . ? A ZN 401 ? 1_555 SG  ? A CYS 15 ? A CYS 313 ? 1_555 107.6 ? 
3  SG  ? A CYS 7  ? A CYS 305 ? 1_555 ZN ? C ZN . ? A ZN 401 ? 1_555 SG  ? A CYS 15 ? A CYS 313 ? 1_555 106.0 ? 
4  SG  ? A CYS 4  ? A CYS 302 ? 1_555 ZN ? C ZN . ? A ZN 401 ? 1_555 SG  ? A CYS 18 ? A CYS 316 ? 1_555 114.0 ? 
5  SG  ? A CYS 7  ? A CYS 305 ? 1_555 ZN ? C ZN . ? A ZN 401 ? 1_555 SG  ? A CYS 18 ? A CYS 316 ? 1_555 104.9 ? 
6  SG  ? A CYS 15 ? A CYS 313 ? 1_555 ZN ? C ZN . ? A ZN 401 ? 1_555 SG  ? A CYS 18 ? A CYS 316 ? 1_555 110.3 ? 
7  SG  ? A CYS 20 ? A CYS 318 ? 1_555 ZN ? D ZN . ? A ZN 402 ? 1_555 SG  ? A CYS 23 ? A CYS 321 ? 1_555 112.1 ? 
8  SG  ? A CYS 20 ? A CYS 318 ? 1_555 ZN ? D ZN . ? A ZN 402 ? 1_555 ND1 ? A HIS 43 ? A HIS 341 ? 1_555 102.3 ? 
9  SG  ? A CYS 23 ? A CYS 321 ? 1_555 ZN ? D ZN . ? A ZN 402 ? 1_555 ND1 ? A HIS 43 ? A HIS 341 ? 1_555 102.9 ? 
10 SG  ? A CYS 20 ? A CYS 318 ? 1_555 ZN ? D ZN . ? A ZN 402 ? 1_555 SG  ? A CYS 46 ? A CYS 344 ? 1_555 112.4 ? 
11 SG  ? A CYS 23 ? A CYS 321 ? 1_555 ZN ? D ZN . ? A ZN 402 ? 1_555 SG  ? A CYS 46 ? A CYS 344 ? 1_555 108.4 ? 
12 ND1 ? A HIS 43 ? A HIS 341 ? 1_555 ZN ? D ZN . ? A ZN 402 ? 1_555 SG  ? A CYS 46 ? A CYS 344 ? 1_555 118.3 ? 
13 NE2 ? A HIS 21 ? A HIS 319 ? 1_555 ZN ? F ZN . ? A ZN 404 ? 1_555 NE2 ? A HIS 21 ? A HIS 319 ? 1_555 0.0   ? 
14 NE2 ? A HIS 21 ? A HIS 319 ? 1_555 ZN ? F ZN . ? A ZN 404 ? 1_555 OE1 ? A GLU 64 ? A GLU 362 ? 1_555 112.7 ? 
15 NE2 ? A HIS 21 ? A HIS 319 ? 1_555 ZN ? F ZN . ? A ZN 404 ? 1_555 OE1 ? A GLU 64 ? A GLU 362 ? 1_555 112.7 ? 
16 NE2 ? A HIS 21 ? A HIS 319 ? 1_555 ZN ? F ZN . ? A ZN 404 ? 1_555 OE2 ? A GLU 64 ? A GLU 362 ? 1_555 111.6 ? 
17 NE2 ? A HIS 21 ? A HIS 319 ? 1_555 ZN ? F ZN . ? A ZN 404 ? 1_555 OE2 ? A GLU 64 ? A GLU 362 ? 1_555 111.6 ? 
18 OE1 ? A GLU 64 ? A GLU 362 ? 1_555 ZN ? F ZN . ? A ZN 404 ? 1_555 OE2 ? A GLU 64 ? A GLU 362 ? 1_555 63.5  ? 
19 SG  ? A CYS 35 ? A CYS 333 ? 1_555 ZN ? E ZN . ? A ZN 403 ? 1_555 SG  ? A CYS 38 ? A CYS 336 ? 1_555 111.4 ? 
20 SG  ? A CYS 35 ? A CYS 333 ? 1_555 ZN ? E ZN . ? A ZN 403 ? 1_555 SG  ? A CYS 62 ? A CYS 360 ? 1_555 107.0 ? 
21 SG  ? A CYS 38 ? A CYS 336 ? 1_555 ZN ? E ZN . ? A ZN 403 ? 1_555 SG  ? A CYS 62 ? A CYS 360 ? 1_555 114.2 ? 
22 SG  ? A CYS 35 ? A CYS 333 ? 1_555 ZN ? E ZN . ? A ZN 403 ? 1_555 SG  ? A CYS 65 ? A CYS 363 ? 1_555 107.9 ? 
23 SG  ? A CYS 38 ? A CYS 336 ? 1_555 ZN ? E ZN . ? A ZN 403 ? 1_555 SG  ? A CYS 65 ? A CYS 363 ? 1_555 109.7 ? 
24 SG  ? A CYS 62 ? A CYS 360 ? 1_555 ZN ? E ZN . ? A ZN 403 ? 1_555 SG  ? A CYS 65 ? A CYS 363 ? 1_555 106.4 ? 
# 
_struct_mon_prot_cis.pdbx_id                1 
_struct_mon_prot_cis.label_comp_id          ASP 
_struct_mon_prot_cis.label_seq_id           48 
_struct_mon_prot_cis.label_asym_id          A 
_struct_mon_prot_cis.label_alt_id           . 
_struct_mon_prot_cis.pdbx_PDB_ins_code      ? 
_struct_mon_prot_cis.auth_comp_id           ASP 
_struct_mon_prot_cis.auth_seq_id            346 
_struct_mon_prot_cis.auth_asym_id           A 
_struct_mon_prot_cis.pdbx_label_comp_id_2   PRO 
_struct_mon_prot_cis.pdbx_label_seq_id_2    49 
_struct_mon_prot_cis.pdbx_label_asym_id_2   A 
_struct_mon_prot_cis.pdbx_PDB_ins_code_2    ? 
_struct_mon_prot_cis.pdbx_auth_comp_id_2    PRO 
_struct_mon_prot_cis.pdbx_auth_seq_id_2     347 
_struct_mon_prot_cis.pdbx_auth_asym_id_2    A 
_struct_mon_prot_cis.pdbx_PDB_model_num     1 
_struct_mon_prot_cis.pdbx_omega_angle       4.13 
# 
_struct_sheet.id               AA1 
_struct_sheet.type             ? 
_struct_sheet.number_strands   2 
_struct_sheet.details          ? 
# 
_struct_sheet_order.sheet_id     AA1 
_struct_sheet_order.range_id_1   1 
_struct_sheet_order.range_id_2   2 
_struct_sheet_order.offset       ? 
_struct_sheet_order.sense        anti-parallel 
# 
loop_
_struct_sheet_range.sheet_id 
_struct_sheet_range.id 
_struct_sheet_range.beg_label_comp_id 
_struct_sheet_range.beg_label_asym_id 
_struct_sheet_range.beg_label_seq_id 
_struct_sheet_range.pdbx_beg_PDB_ins_code 
_struct_sheet_range.end_label_comp_id 
_struct_sheet_range.end_label_asym_id 
_struct_sheet_range.end_label_seq_id 
_struct_sheet_range.pdbx_end_PDB_ins_code 
_struct_sheet_range.beg_auth_comp_id 
_struct_sheet_range.beg_auth_asym_id 
_struct_sheet_range.beg_auth_seq_id 
_struct_sheet_range.end_auth_comp_id 
_struct_sheet_range.end_auth_asym_id 
_struct_sheet_range.end_auth_seq_id 
AA1 1 GLN A 32 ? MET A 34 ? GLN A 330 MET A 332 
AA1 2 ALA A 41 ? HIS A 43 ? ALA A 339 HIS A 341 
# 
_pdbx_struct_sheet_hbond.sheet_id                AA1 
_pdbx_struct_sheet_hbond.range_id_1              1 
_pdbx_struct_sheet_hbond.range_id_2              2 
_pdbx_struct_sheet_hbond.range_1_label_atom_id   N 
_pdbx_struct_sheet_hbond.range_1_label_comp_id   LEU 
_pdbx_struct_sheet_hbond.range_1_label_asym_id   A 
_pdbx_struct_sheet_hbond.range_1_label_seq_id    33 
_pdbx_struct_sheet_hbond.range_1_PDB_ins_code    ? 
_pdbx_struct_sheet_hbond.range_1_auth_atom_id    N 
_pdbx_struct_sheet_hbond.range_1_auth_comp_id    LEU 
_pdbx_struct_sheet_hbond.range_1_auth_asym_id    A 
_pdbx_struct_sheet_hbond.range_1_auth_seq_id     331 
_pdbx_struct_sheet_hbond.range_2_label_atom_id   O 
_pdbx_struct_sheet_hbond.range_2_label_comp_id   PHE 
_pdbx_struct_sheet_hbond.range_2_label_asym_id   A 
_pdbx_struct_sheet_hbond.range_2_label_seq_id    42 
_pdbx_struct_sheet_hbond.range_2_PDB_ins_code    ? 
_pdbx_struct_sheet_hbond.range_2_auth_atom_id    O 
_pdbx_struct_sheet_hbond.range_2_auth_comp_id    PHE 
_pdbx_struct_sheet_hbond.range_2_auth_asym_id    A 
_pdbx_struct_sheet_hbond.range_2_auth_seq_id     340 
# 
_pdbx_entry_details.entry_id                   8WMS 
_pdbx_entry_details.has_ligand_of_interest     Y 
_pdbx_entry_details.compound_details           ? 
_pdbx_entry_details.source_details             ? 
_pdbx_entry_details.nonpolymer_details         ? 
_pdbx_entry_details.sequence_details           ? 
_pdbx_entry_details.has_protein_modification   N 
# 
loop_
_pdbx_validate_torsion.id 
_pdbx_validate_torsion.PDB_model_num 
_pdbx_validate_torsion.auth_comp_id 
_pdbx_validate_torsion.auth_asym_id 
_pdbx_validate_torsion.auth_seq_id 
_pdbx_validate_torsion.PDB_ins_code 
_pdbx_validate_torsion.label_alt_id 
_pdbx_validate_torsion.phi 
_pdbx_validate_torsion.psi 
1 1 LYS A 306 ? ? 46.82   28.87   
2 1 ALA A 317 ? ? -120.17 -155.52 
# 
loop_
_space_group_symop.id 
_space_group_symop.operation_xyz 
1  x,y,z                
2  -y+1/2,x,z+3/4       
3  y+1/2,-x,z+3/4       
4  x+1/2,-y,-z+3/4      
5  -x+1/2,y,-z+3/4      
6  -x,-y,z              
7  y,x,-z               
8  -y,-x,-z             
9  x+1/2,y+1/2,z+1/2    
10 -y+1,x+1/2,z+5/4     
11 y+1,-x+1/2,z+5/4     
12 x+1,-y+1/2,-z+5/4    
13 -x+1,y+1/2,-z+5/4    
14 -x+1/2,-y+1/2,z+1/2  
15 y+1/2,x+1/2,-z+1/2   
16 -y+1/2,-x+1/2,-z+1/2 
# 
loop_
_pdbx_unobs_or_zero_occ_residues.id 
_pdbx_unobs_or_zero_occ_residues.PDB_model_num 
_pdbx_unobs_or_zero_occ_residues.polymer_flag 
_pdbx_unobs_or_zero_occ_residues.occupancy_flag 
_pdbx_unobs_or_zero_occ_residues.auth_asym_id 
_pdbx_unobs_or_zero_occ_residues.auth_comp_id 
_pdbx_unobs_or_zero_occ_residues.auth_seq_id 
_pdbx_unobs_or_zero_occ_residues.PDB_ins_code 
_pdbx_unobs_or_zero_occ_residues.label_asym_id 
_pdbx_unobs_or_zero_occ_residues.label_comp_id 
_pdbx_unobs_or_zero_occ_residues.label_seq_id 
1  1 Y 1 A ASN 365 ? A ASN 67 
2  1 Y 1 A ASP 366 ? A ASP 68 
3  1 Y 1 B SER 81  ? B SER 1  
4  1 Y 1 B ARG 82  ? B ARG 2  
5  1 Y 1 B ARG 83  ? B ARG 3  
6  1 Y 1 B ARG 108 ? B ARG 28 
7  1 Y 1 B THR 109 ? B THR 29 
8  1 Y 1 B HIS 110 ? B HIS 30 
9  1 Y 1 B GLU 111 ? B GLU 31 
10 1 Y 1 B ARG 112 ? B ARG 32 
11 1 Y 1 B ARG 113 ? B ARG 33 
12 1 Y 1 B PRO 114 ? B PRO 34 
13 1 Y 1 B THR 115 ? B THR 35 
14 1 Y 1 B ASN 116 ? B ASN 36 
15 1 Y 1 B LYS 117 ? B LYS 37 
16 1 Y 1 B GLU 118 ? B GLU 38 
# 
loop_
_chem_comp_atom.comp_id 
_chem_comp_atom.atom_id 
_chem_comp_atom.type_symbol 
_chem_comp_atom.pdbx_aromatic_flag 
_chem_comp_atom.pdbx_stereo_config 
_chem_comp_atom.pdbx_ordinal 
ALA N    N  N N 1   
ALA CA   C  N S 2   
ALA C    C  N N 3   
ALA O    O  N N 4   
ALA CB   C  N N 5   
ALA OXT  O  N N 6   
ALA H    H  N N 7   
ALA H2   H  N N 8   
ALA HA   H  N N 9   
ALA HB1  H  N N 10  
ALA HB2  H  N N 11  
ALA HB3  H  N N 12  
ALA HXT  H  N N 13  
ARG N    N  N N 14  
ARG CA   C  N S 15  
ARG C    C  N N 16  
ARG O    O  N N 17  
ARG CB   C  N N 18  
ARG CG   C  N N 19  
ARG CD   C  N N 20  
ARG NE   N  N N 21  
ARG CZ   C  N N 22  
ARG NH1  N  N N 23  
ARG NH2  N  N N 24  
ARG OXT  O  N N 25  
ARG H    H  N N 26  
ARG H2   H  N N 27  
ARG HA   H  N N 28  
ARG HB2  H  N N 29  
ARG HB3  H  N N 30  
ARG HG2  H  N N 31  
ARG HG3  H  N N 32  
ARG HD2  H  N N 33  
ARG HD3  H  N N 34  
ARG HE   H  N N 35  
ARG HH11 H  N N 36  
ARG HH12 H  N N 37  
ARG HH21 H  N N 38  
ARG HH22 H  N N 39  
ARG HXT  H  N N 40  
ASN N    N  N N 41  
ASN CA   C  N S 42  
ASN C    C  N N 43  
ASN O    O  N N 44  
ASN CB   C  N N 45  
ASN CG   C  N N 46  
ASN OD1  O  N N 47  
ASN ND2  N  N N 48  
ASN OXT  O  N N 49  
ASN H    H  N N 50  
ASN H2   H  N N 51  
ASN HA   H  N N 52  
ASN HB2  H  N N 53  
ASN HB3  H  N N 54  
ASN HD21 H  N N 55  
ASN HD22 H  N N 56  
ASN HXT  H  N N 57  
ASP N    N  N N 58  
ASP CA   C  N S 59  
ASP C    C  N N 60  
ASP O    O  N N 61  
ASP CB   C  N N 62  
ASP CG   C  N N 63  
ASP OD1  O  N N 64  
ASP OD2  O  N N 65  
ASP OXT  O  N N 66  
ASP H    H  N N 67  
ASP H2   H  N N 68  
ASP HA   H  N N 69  
ASP HB2  H  N N 70  
ASP HB3  H  N N 71  
ASP HD2  H  N N 72  
ASP HXT  H  N N 73  
CYS N    N  N N 74  
CYS CA   C  N R 75  
CYS C    C  N N 76  
CYS O    O  N N 77  
CYS CB   C  N N 78  
CYS SG   S  N N 79  
CYS OXT  O  N N 80  
CYS H    H  N N 81  
CYS H2   H  N N 82  
CYS HA   H  N N 83  
CYS HB2  H  N N 84  
CYS HB3  H  N N 85  
CYS HG   H  N N 86  
CYS HXT  H  N N 87  
GLN N    N  N N 88  
GLN CA   C  N S 89  
GLN C    C  N N 90  
GLN O    O  N N 91  
GLN CB   C  N N 92  
GLN CG   C  N N 93  
GLN CD   C  N N 94  
GLN OE1  O  N N 95  
GLN NE2  N  N N 96  
GLN OXT  O  N N 97  
GLN H    H  N N 98  
GLN H2   H  N N 99  
GLN HA   H  N N 100 
GLN HB2  H  N N 101 
GLN HB3  H  N N 102 
GLN HG2  H  N N 103 
GLN HG3  H  N N 104 
GLN HE21 H  N N 105 
GLN HE22 H  N N 106 
GLN HXT  H  N N 107 
GLU N    N  N N 108 
GLU CA   C  N S 109 
GLU C    C  N N 110 
GLU O    O  N N 111 
GLU CB   C  N N 112 
GLU CG   C  N N 113 
GLU CD   C  N N 114 
GLU OE1  O  N N 115 
GLU OE2  O  N N 116 
GLU OXT  O  N N 117 
GLU H    H  N N 118 
GLU H2   H  N N 119 
GLU HA   H  N N 120 
GLU HB2  H  N N 121 
GLU HB3  H  N N 122 
GLU HG2  H  N N 123 
GLU HG3  H  N N 124 
GLU HE2  H  N N 125 
GLU HXT  H  N N 126 
GLY N    N  N N 127 
GLY CA   C  N N 128 
GLY C    C  N N 129 
GLY O    O  N N 130 
GLY OXT  O  N N 131 
GLY H    H  N N 132 
GLY H2   H  N N 133 
GLY HA2  H  N N 134 
GLY HA3  H  N N 135 
GLY HXT  H  N N 136 
HIS N    N  N N 137 
HIS CA   C  N S 138 
HIS C    C  N N 139 
HIS O    O  N N 140 
HIS CB   C  N N 141 
HIS CG   C  Y N 142 
HIS ND1  N  Y N 143 
HIS CD2  C  Y N 144 
HIS CE1  C  Y N 145 
HIS NE2  N  Y N 146 
HIS OXT  O  N N 147 
HIS H    H  N N 148 
HIS H2   H  N N 149 
HIS HA   H  N N 150 
HIS HB2  H  N N 151 
HIS HB3  H  N N 152 
HIS HD1  H  N N 153 
HIS HD2  H  N N 154 
HIS HE1  H  N N 155 
HIS HE2  H  N N 156 
HIS HXT  H  N N 157 
ILE N    N  N N 158 
ILE CA   C  N S 159 
ILE C    C  N N 160 
ILE O    O  N N 161 
ILE CB   C  N S 162 
ILE CG1  C  N N 163 
ILE CG2  C  N N 164 
ILE CD1  C  N N 165 
ILE OXT  O  N N 166 
ILE H    H  N N 167 
ILE H2   H  N N 168 
ILE HA   H  N N 169 
ILE HB   H  N N 170 
ILE HG12 H  N N 171 
ILE HG13 H  N N 172 
ILE HG21 H  N N 173 
ILE HG22 H  N N 174 
ILE HG23 H  N N 175 
ILE HD11 H  N N 176 
ILE HD12 H  N N 177 
ILE HD13 H  N N 178 
ILE HXT  H  N N 179 
LEU N    N  N N 180 
LEU CA   C  N S 181 
LEU C    C  N N 182 
LEU O    O  N N 183 
LEU CB   C  N N 184 
LEU CG   C  N N 185 
LEU CD1  C  N N 186 
LEU CD2  C  N N 187 
LEU OXT  O  N N 188 
LEU H    H  N N 189 
LEU H2   H  N N 190 
LEU HA   H  N N 191 
LEU HB2  H  N N 192 
LEU HB3  H  N N 193 
LEU HG   H  N N 194 
LEU HD11 H  N N 195 
LEU HD12 H  N N 196 
LEU HD13 H  N N 197 
LEU HD21 H  N N 198 
LEU HD22 H  N N 199 
LEU HD23 H  N N 200 
LEU HXT  H  N N 201 
LYS N    N  N N 202 
LYS CA   C  N S 203 
LYS C    C  N N 204 
LYS O    O  N N 205 
LYS CB   C  N N 206 
LYS CG   C  N N 207 
LYS CD   C  N N 208 
LYS CE   C  N N 209 
LYS NZ   N  N N 210 
LYS OXT  O  N N 211 
LYS H    H  N N 212 
LYS H2   H  N N 213 
LYS HA   H  N N 214 
LYS HB2  H  N N 215 
LYS HB3  H  N N 216 
LYS HG2  H  N N 217 
LYS HG3  H  N N 218 
LYS HD2  H  N N 219 
LYS HD3  H  N N 220 
LYS HE2  H  N N 221 
LYS HE3  H  N N 222 
LYS HZ1  H  N N 223 
LYS HZ2  H  N N 224 
LYS HZ3  H  N N 225 
LYS HXT  H  N N 226 
MET N    N  N N 227 
MET CA   C  N S 228 
MET C    C  N N 229 
MET O    O  N N 230 
MET CB   C  N N 231 
MET CG   C  N N 232 
MET SD   S  N N 233 
MET CE   C  N N 234 
MET OXT  O  N N 235 
MET H    H  N N 236 
MET H2   H  N N 237 
MET HA   H  N N 238 
MET HB2  H  N N 239 
MET HB3  H  N N 240 
MET HG2  H  N N 241 
MET HG3  H  N N 242 
MET HE1  H  N N 243 
MET HE2  H  N N 244 
MET HE3  H  N N 245 
MET HXT  H  N N 246 
PHE N    N  N N 247 
PHE CA   C  N S 248 
PHE C    C  N N 249 
PHE O    O  N N 250 
PHE CB   C  N N 251 
PHE CG   C  Y N 252 
PHE CD1  C  Y N 253 
PHE CD2  C  Y N 254 
PHE CE1  C  Y N 255 
PHE CE2  C  Y N 256 
PHE CZ   C  Y N 257 
PHE OXT  O  N N 258 
PHE H    H  N N 259 
PHE H2   H  N N 260 
PHE HA   H  N N 261 
PHE HB2  H  N N 262 
PHE HB3  H  N N 263 
PHE HD1  H  N N 264 
PHE HD2  H  N N 265 
PHE HE1  H  N N 266 
PHE HE2  H  N N 267 
PHE HZ   H  N N 268 
PHE HXT  H  N N 269 
PRO N    N  N N 270 
PRO CA   C  N S 271 
PRO C    C  N N 272 
PRO O    O  N N 273 
PRO CB   C  N N 274 
PRO CG   C  N N 275 
PRO CD   C  N N 276 
PRO OXT  O  N N 277 
PRO H    H  N N 278 
PRO HA   H  N N 279 
PRO HB2  H  N N 280 
PRO HB3  H  N N 281 
PRO HG2  H  N N 282 
PRO HG3  H  N N 283 
PRO HD2  H  N N 284 
PRO HD3  H  N N 285 
PRO HXT  H  N N 286 
SER N    N  N N 287 
SER CA   C  N S 288 
SER C    C  N N 289 
SER O    O  N N 290 
SER CB   C  N N 291 
SER OG   O  N N 292 
SER OXT  O  N N 293 
SER H    H  N N 294 
SER H2   H  N N 295 
SER HA   H  N N 296 
SER HB2  H  N N 297 
SER HB3  H  N N 298 
SER HG   H  N N 299 
SER HXT  H  N N 300 
THR N    N  N N 301 
THR CA   C  N S 302 
THR C    C  N N 303 
THR O    O  N N 304 
THR CB   C  N R 305 
THR OG1  O  N N 306 
THR CG2  C  N N 307 
THR OXT  O  N N 308 
THR H    H  N N 309 
THR H2   H  N N 310 
THR HA   H  N N 311 
THR HB   H  N N 312 
THR HG1  H  N N 313 
THR HG21 H  N N 314 
THR HG22 H  N N 315 
THR HG23 H  N N 316 
THR HXT  H  N N 317 
TRP N    N  N N 318 
TRP CA   C  N S 319 
TRP C    C  N N 320 
TRP O    O  N N 321 
TRP CB   C  N N 322 
TRP CG   C  Y N 323 
TRP CD1  C  Y N 324 
TRP CD2  C  Y N 325 
TRP NE1  N  Y N 326 
TRP CE2  C  Y N 327 
TRP CE3  C  Y N 328 
TRP CZ2  C  Y N 329 
TRP CZ3  C  Y N 330 
TRP CH2  C  Y N 331 
TRP OXT  O  N N 332 
TRP H    H  N N 333 
TRP H2   H  N N 334 
TRP HA   H  N N 335 
TRP HB2  H  N N 336 
TRP HB3  H  N N 337 
TRP HD1  H  N N 338 
TRP HE1  H  N N 339 
TRP HE3  H  N N 340 
TRP HZ2  H  N N 341 
TRP HZ3  H  N N 342 
TRP HH2  H  N N 343 
TRP HXT  H  N N 344 
TYR N    N  N N 345 
TYR CA   C  N S 346 
TYR C    C  N N 347 
TYR O    O  N N 348 
TYR CB   C  N N 349 
TYR CG   C  Y N 350 
TYR CD1  C  Y N 351 
TYR CD2  C  Y N 352 
TYR CE1  C  Y N 353 
TYR CE2  C  Y N 354 
TYR CZ   C  Y N 355 
TYR OH   O  N N 356 
TYR OXT  O  N N 357 
TYR H    H  N N 358 
TYR H2   H  N N 359 
TYR HA   H  N N 360 
TYR HB2  H  N N 361 
TYR HB3  H  N N 362 
TYR HD1  H  N N 363 
TYR HD2  H  N N 364 
TYR HE1  H  N N 365 
TYR HE2  H  N N 366 
TYR HH   H  N N 367 
TYR HXT  H  N N 368 
VAL N    N  N N 369 
VAL CA   C  N S 370 
VAL C    C  N N 371 
VAL O    O  N N 372 
VAL CB   C  N N 373 
VAL CG1  C  N N 374 
VAL CG2  C  N N 375 
VAL OXT  O  N N 376 
VAL H    H  N N 377 
VAL H2   H  N N 378 
VAL HA   H  N N 379 
VAL HB   H  N N 380 
VAL HG11 H  N N 381 
VAL HG12 H  N N 382 
VAL HG13 H  N N 383 
VAL HG21 H  N N 384 
VAL HG22 H  N N 385 
VAL HG23 H  N N 386 
VAL HXT  H  N N 387 
ZN  ZN   ZN N N 388 
# 
loop_
_chem_comp_bond.comp_id 
_chem_comp_bond.atom_id_1 
_chem_comp_bond.atom_id_2 
_chem_comp_bond.value_order 
_chem_comp_bond.pdbx_aromatic_flag 
_chem_comp_bond.pdbx_stereo_config 
_chem_comp_bond.pdbx_ordinal 
ALA N   CA   sing N N 1   
ALA N   H    sing N N 2   
ALA N   H2   sing N N 3   
ALA CA  C    sing N N 4   
ALA CA  CB   sing N N 5   
ALA CA  HA   sing N N 6   
ALA C   O    doub N N 7   
ALA C   OXT  sing N N 8   
ALA CB  HB1  sing N N 9   
ALA CB  HB2  sing N N 10  
ALA CB  HB3  sing N N 11  
ALA OXT HXT  sing N N 12  
ARG N   CA   sing N N 13  
ARG N   H    sing N N 14  
ARG N   H2   sing N N 15  
ARG CA  C    sing N N 16  
ARG CA  CB   sing N N 17  
ARG CA  HA   sing N N 18  
ARG C   O    doub N N 19  
ARG C   OXT  sing N N 20  
ARG CB  CG   sing N N 21  
ARG CB  HB2  sing N N 22  
ARG CB  HB3  sing N N 23  
ARG CG  CD   sing N N 24  
ARG CG  HG2  sing N N 25  
ARG CG  HG3  sing N N 26  
ARG CD  NE   sing N N 27  
ARG CD  HD2  sing N N 28  
ARG CD  HD3  sing N N 29  
ARG NE  CZ   sing N N 30  
ARG NE  HE   sing N N 31  
ARG CZ  NH1  sing N N 32  
ARG CZ  NH2  doub N N 33  
ARG NH1 HH11 sing N N 34  
ARG NH1 HH12 sing N N 35  
ARG NH2 HH21 sing N N 36  
ARG NH2 HH22 sing N N 37  
ARG OXT HXT  sing N N 38  
ASN N   CA   sing N N 39  
ASN N   H    sing N N 40  
ASN N   H2   sing N N 41  
ASN CA  C    sing N N 42  
ASN CA  CB   sing N N 43  
ASN CA  HA   sing N N 44  
ASN C   O    doub N N 45  
ASN C   OXT  sing N N 46  
ASN CB  CG   sing N N 47  
ASN CB  HB2  sing N N 48  
ASN CB  HB3  sing N N 49  
ASN CG  OD1  doub N N 50  
ASN CG  ND2  sing N N 51  
ASN ND2 HD21 sing N N 52  
ASN ND2 HD22 sing N N 53  
ASN OXT HXT  sing N N 54  
ASP N   CA   sing N N 55  
ASP N   H    sing N N 56  
ASP N   H2   sing N N 57  
ASP CA  C    sing N N 58  
ASP CA  CB   sing N N 59  
ASP CA  HA   sing N N 60  
ASP C   O    doub N N 61  
ASP C   OXT  sing N N 62  
ASP CB  CG   sing N N 63  
ASP CB  HB2  sing N N 64  
ASP CB  HB3  sing N N 65  
ASP CG  OD1  doub N N 66  
ASP CG  OD2  sing N N 67  
ASP OD2 HD2  sing N N 68  
ASP OXT HXT  sing N N 69  
CYS N   CA   sing N N 70  
CYS N   H    sing N N 71  
CYS N   H2   sing N N 72  
CYS CA  C    sing N N 73  
CYS CA  CB   sing N N 74  
CYS CA  HA   sing N N 75  
CYS C   O    doub N N 76  
CYS C   OXT  sing N N 77  
CYS CB  SG   sing N N 78  
CYS CB  HB2  sing N N 79  
CYS CB  HB3  sing N N 80  
CYS SG  HG   sing N N 81  
CYS OXT HXT  sing N N 82  
GLN N   CA   sing N N 83  
GLN N   H    sing N N 84  
GLN N   H2   sing N N 85  
GLN CA  C    sing N N 86  
GLN CA  CB   sing N N 87  
GLN CA  HA   sing N N 88  
GLN C   O    doub N N 89  
GLN C   OXT  sing N N 90  
GLN CB  CG   sing N N 91  
GLN CB  HB2  sing N N 92  
GLN CB  HB3  sing N N 93  
GLN CG  CD   sing N N 94  
GLN CG  HG2  sing N N 95  
GLN CG  HG3  sing N N 96  
GLN CD  OE1  doub N N 97  
GLN CD  NE2  sing N N 98  
GLN NE2 HE21 sing N N 99  
GLN NE2 HE22 sing N N 100 
GLN OXT HXT  sing N N 101 
GLU N   CA   sing N N 102 
GLU N   H    sing N N 103 
GLU N   H2   sing N N 104 
GLU CA  C    sing N N 105 
GLU CA  CB   sing N N 106 
GLU CA  HA   sing N N 107 
GLU C   O    doub N N 108 
GLU C   OXT  sing N N 109 
GLU CB  CG   sing N N 110 
GLU CB  HB2  sing N N 111 
GLU CB  HB3  sing N N 112 
GLU CG  CD   sing N N 113 
GLU CG  HG2  sing N N 114 
GLU CG  HG3  sing N N 115 
GLU CD  OE1  doub N N 116 
GLU CD  OE2  sing N N 117 
GLU OE2 HE2  sing N N 118 
GLU OXT HXT  sing N N 119 
GLY N   CA   sing N N 120 
GLY N   H    sing N N 121 
GLY N   H2   sing N N 122 
GLY CA  C    sing N N 123 
GLY CA  HA2  sing N N 124 
GLY CA  HA3  sing N N 125 
GLY C   O    doub N N 126 
GLY C   OXT  sing N N 127 
GLY OXT HXT  sing N N 128 
HIS N   CA   sing N N 129 
HIS N   H    sing N N 130 
HIS N   H2   sing N N 131 
HIS CA  C    sing N N 132 
HIS CA  CB   sing N N 133 
HIS CA  HA   sing N N 134 
HIS C   O    doub N N 135 
HIS C   OXT  sing N N 136 
HIS CB  CG   sing N N 137 
HIS CB  HB2  sing N N 138 
HIS CB  HB3  sing N N 139 
HIS CG  ND1  sing Y N 140 
HIS CG  CD2  doub Y N 141 
HIS ND1 CE1  doub Y N 142 
HIS ND1 HD1  sing N N 143 
HIS CD2 NE2  sing Y N 144 
HIS CD2 HD2  sing N N 145 
HIS CE1 NE2  sing Y N 146 
HIS CE1 HE1  sing N N 147 
HIS NE2 HE2  sing N N 148 
HIS OXT HXT  sing N N 149 
ILE N   CA   sing N N 150 
ILE N   H    sing N N 151 
ILE N   H2   sing N N 152 
ILE CA  C    sing N N 153 
ILE CA  CB   sing N N 154 
ILE CA  HA   sing N N 155 
ILE C   O    doub N N 156 
ILE C   OXT  sing N N 157 
ILE CB  CG1  sing N N 158 
ILE CB  CG2  sing N N 159 
ILE CB  HB   sing N N 160 
ILE CG1 CD1  sing N N 161 
ILE CG1 HG12 sing N N 162 
ILE CG1 HG13 sing N N 163 
ILE CG2 HG21 sing N N 164 
ILE CG2 HG22 sing N N 165 
ILE CG2 HG23 sing N N 166 
ILE CD1 HD11 sing N N 167 
ILE CD1 HD12 sing N N 168 
ILE CD1 HD13 sing N N 169 
ILE OXT HXT  sing N N 170 
LEU N   CA   sing N N 171 
LEU N   H    sing N N 172 
LEU N   H2   sing N N 173 
LEU CA  C    sing N N 174 
LEU CA  CB   sing N N 175 
LEU CA  HA   sing N N 176 
LEU C   O    doub N N 177 
LEU C   OXT  sing N N 178 
LEU CB  CG   sing N N 179 
LEU CB  HB2  sing N N 180 
LEU CB  HB3  sing N N 181 
LEU CG  CD1  sing N N 182 
LEU CG  CD2  sing N N 183 
LEU CG  HG   sing N N 184 
LEU CD1 HD11 sing N N 185 
LEU CD1 HD12 sing N N 186 
LEU CD1 HD13 sing N N 187 
LEU CD2 HD21 sing N N 188 
LEU CD2 HD22 sing N N 189 
LEU CD2 HD23 sing N N 190 
LEU OXT HXT  sing N N 191 
LYS N   CA   sing N N 192 
LYS N   H    sing N N 193 
LYS N   H2   sing N N 194 
LYS CA  C    sing N N 195 
LYS CA  CB   sing N N 196 
LYS CA  HA   sing N N 197 
LYS C   O    doub N N 198 
LYS C   OXT  sing N N 199 
LYS CB  CG   sing N N 200 
LYS CB  HB2  sing N N 201 
LYS CB  HB3  sing N N 202 
LYS CG  CD   sing N N 203 
LYS CG  HG2  sing N N 204 
LYS CG  HG3  sing N N 205 
LYS CD  CE   sing N N 206 
LYS CD  HD2  sing N N 207 
LYS CD  HD3  sing N N 208 
LYS CE  NZ   sing N N 209 
LYS CE  HE2  sing N N 210 
LYS CE  HE3  sing N N 211 
LYS NZ  HZ1  sing N N 212 
LYS NZ  HZ2  sing N N 213 
LYS NZ  HZ3  sing N N 214 
LYS OXT HXT  sing N N 215 
MET N   CA   sing N N 216 
MET N   H    sing N N 217 
MET N   H2   sing N N 218 
MET CA  C    sing N N 219 
MET CA  CB   sing N N 220 
MET CA  HA   sing N N 221 
MET C   O    doub N N 222 
MET C   OXT  sing N N 223 
MET CB  CG   sing N N 224 
MET CB  HB2  sing N N 225 
MET CB  HB3  sing N N 226 
MET CG  SD   sing N N 227 
MET CG  HG2  sing N N 228 
MET CG  HG3  sing N N 229 
MET SD  CE   sing N N 230 
MET CE  HE1  sing N N 231 
MET CE  HE2  sing N N 232 
MET CE  HE3  sing N N 233 
MET OXT HXT  sing N N 234 
PHE N   CA   sing N N 235 
PHE N   H    sing N N 236 
PHE N   H2   sing N N 237 
PHE CA  C    sing N N 238 
PHE CA  CB   sing N N 239 
PHE CA  HA   sing N N 240 
PHE C   O    doub N N 241 
PHE C   OXT  sing N N 242 
PHE CB  CG   sing N N 243 
PHE CB  HB2  sing N N 244 
PHE CB  HB3  sing N N 245 
PHE CG  CD1  doub Y N 246 
PHE CG  CD2  sing Y N 247 
PHE CD1 CE1  sing Y N 248 
PHE CD1 HD1  sing N N 249 
PHE CD2 CE2  doub Y N 250 
PHE CD2 HD2  sing N N 251 
PHE CE1 CZ   doub Y N 252 
PHE CE1 HE1  sing N N 253 
PHE CE2 CZ   sing Y N 254 
PHE CE2 HE2  sing N N 255 
PHE CZ  HZ   sing N N 256 
PHE OXT HXT  sing N N 257 
PRO N   CA   sing N N 258 
PRO N   CD   sing N N 259 
PRO N   H    sing N N 260 
PRO CA  C    sing N N 261 
PRO CA  CB   sing N N 262 
PRO CA  HA   sing N N 263 
PRO C   O    doub N N 264 
PRO C   OXT  sing N N 265 
PRO CB  CG   sing N N 266 
PRO CB  HB2  sing N N 267 
PRO CB  HB3  sing N N 268 
PRO CG  CD   sing N N 269 
PRO CG  HG2  sing N N 270 
PRO CG  HG3  sing N N 271 
PRO CD  HD2  sing N N 272 
PRO CD  HD3  sing N N 273 
PRO OXT HXT  sing N N 274 
SER N   CA   sing N N 275 
SER N   H    sing N N 276 
SER N   H2   sing N N 277 
SER CA  C    sing N N 278 
SER CA  CB   sing N N 279 
SER CA  HA   sing N N 280 
SER C   O    doub N N 281 
SER C   OXT  sing N N 282 
SER CB  OG   sing N N 283 
SER CB  HB2  sing N N 284 
SER CB  HB3  sing N N 285 
SER OG  HG   sing N N 286 
SER OXT HXT  sing N N 287 
THR N   CA   sing N N 288 
THR N   H    sing N N 289 
THR N   H2   sing N N 290 
THR CA  C    sing N N 291 
THR CA  CB   sing N N 292 
THR CA  HA   sing N N 293 
THR C   O    doub N N 294 
THR C   OXT  sing N N 295 
THR CB  OG1  sing N N 296 
THR CB  CG2  sing N N 297 
THR CB  HB   sing N N 298 
THR OG1 HG1  sing N N 299 
THR CG2 HG21 sing N N 300 
THR CG2 HG22 sing N N 301 
THR CG2 HG23 sing N N 302 
THR OXT HXT  sing N N 303 
TRP N   CA   sing N N 304 
TRP N   H    sing N N 305 
TRP N   H2   sing N N 306 
TRP CA  C    sing N N 307 
TRP CA  CB   sing N N 308 
TRP CA  HA   sing N N 309 
TRP C   O    doub N N 310 
TRP C   OXT  sing N N 311 
TRP CB  CG   sing N N 312 
TRP CB  HB2  sing N N 313 
TRP CB  HB3  sing N N 314 
TRP CG  CD1  doub Y N 315 
TRP CG  CD2  sing Y N 316 
TRP CD1 NE1  sing Y N 317 
TRP CD1 HD1  sing N N 318 
TRP CD2 CE2  doub Y N 319 
TRP CD2 CE3  sing Y N 320 
TRP NE1 CE2  sing Y N 321 
TRP NE1 HE1  sing N N 322 
TRP CE2 CZ2  sing Y N 323 
TRP CE3 CZ3  doub Y N 324 
TRP CE3 HE3  sing N N 325 
TRP CZ2 CH2  doub Y N 326 
TRP CZ2 HZ2  sing N N 327 
TRP CZ3 CH2  sing Y N 328 
TRP CZ3 HZ3  sing N N 329 
TRP CH2 HH2  sing N N 330 
TRP OXT HXT  sing N N 331 
TYR N   CA   sing N N 332 
TYR N   H    sing N N 333 
TYR N   H2   sing N N 334 
TYR CA  C    sing N N 335 
TYR CA  CB   sing N N 336 
TYR CA  HA   sing N N 337 
TYR C   O    doub N N 338 
TYR C   OXT  sing N N 339 
TYR CB  CG   sing N N 340 
TYR CB  HB2  sing N N 341 
TYR CB  HB3  sing N N 342 
TYR CG  CD1  doub Y N 343 
TYR CG  CD2  sing Y N 344 
TYR CD1 CE1  sing Y N 345 
TYR CD1 HD1  sing N N 346 
TYR CD2 CE2  doub Y N 347 
TYR CD2 HD2  sing N N 348 
TYR CE1 CZ   doub Y N 349 
TYR CE1 HE1  sing N N 350 
TYR CE2 CZ   sing Y N 351 
TYR CE2 HE2  sing N N 352 
TYR CZ  OH   sing N N 353 
TYR OH  HH   sing N N 354 
TYR OXT HXT  sing N N 355 
VAL N   CA   sing N N 356 
VAL N   H    sing N N 357 
VAL N   H2   sing N N 358 
VAL CA  C    sing N N 359 
VAL CA  CB   sing N N 360 
VAL CA  HA   sing N N 361 
VAL C   O    doub N N 362 
VAL C   OXT  sing N N 363 
VAL CB  CG1  sing N N 364 
VAL CB  CG2  sing N N 365 
VAL CB  HB   sing N N 366 
VAL CG1 HG11 sing N N 367 
VAL CG1 HG12 sing N N 368 
VAL CG1 HG13 sing N N 369 
VAL CG2 HG21 sing N N 370 
VAL CG2 HG22 sing N N 371 
VAL CG2 HG23 sing N N 372 
VAL OXT HXT  sing N N 373 
# 
loop_
_pdbx_audit_support.funding_organization 
_pdbx_audit_support.country 
_pdbx_audit_support.grant_number 
_pdbx_audit_support.ordinal 
'Japan Society for the Promotion of Science (JSPS)' Japan JP18H02392, 1 
'Japan Society for the Promotion of Science (JSPS)' Japan JP19H05741  2 
'Japan Society for the Promotion of Science (JSPS)' Japan JP19H05294  3 
'Japan Science and Technology'                      Japan 14530337    4 
# 
_pdbx_initial_refinement_model.id               1 
_pdbx_initial_refinement_model.entity_id_list   ? 
_pdbx_initial_refinement_model.type             'experimental model' 
_pdbx_initial_refinement_model.source_name      PDB 
_pdbx_initial_refinement_model.accession_code   3ASL 
_pdbx_initial_refinement_model.details          ? 
# 
_space_group.name_H-M_alt     'I 41 2 2' 
_space_group.name_Hall        'I 4bw 2bw' 
_space_group.IT_number        98 
_space_group.crystal_system   tetragonal 
_space_group.id               1 
# 
_atom_sites.entry_id                    8WMS 
_atom_sites.Cartn_transf_matrix[1][1]   ? 
_atom_sites.Cartn_transf_matrix[1][2]   ? 
_atom_sites.Cartn_transf_matrix[1][3]   ? 
_atom_sites.Cartn_transf_matrix[2][1]   ? 
_atom_sites.Cartn_transf_matrix[2][2]   ? 
_atom_sites.Cartn_transf_matrix[2][3]   ? 
_atom_sites.Cartn_transf_matrix[3][1]   ? 
_atom_sites.Cartn_transf_matrix[3][2]   ? 
_atom_sites.Cartn_transf_matrix[3][3]   ? 
_atom_sites.Cartn_transf_vector[1]      ? 
_atom_sites.Cartn_transf_vector[2]      ? 
_atom_sites.Cartn_transf_vector[3]      ? 
_atom_sites.Cartn_transform_axes        ? 
_atom_sites.fract_transf_matrix[1][1]   0.00887618 
_atom_sites.fract_transf_matrix[1][2]   -0.00792452 
_atom_sites.fract_transf_matrix[1][3]   0.00485954 
_atom_sites.fract_transf_matrix[2][1]   0.00767658 
_atom_sites.fract_transf_matrix[2][2]   0.00245941 
_atom_sites.fract_transf_matrix[2][3]   -0.01001104 
_atom_sites.fract_transf_matrix[3][1]   0.00289959 
_atom_sites.fract_transf_matrix[3][2]   0.00542921 
_atom_sites.fract_transf_matrix[3][3]   0.00355724 
_atom_sites.fract_transf_vector[1]      0.357549 
_atom_sites.fract_transf_vector[2]      -0.088667 
_atom_sites.fract_transf_vector[3]      0.163248 
_atom_sites.solution_primary            ? 
_atom_sites.solution_secondary          ? 
_atom_sites.solution_hydrogens          ? 
_atom_sites.special_details             ? 
# 
loop_
_atom_type.symbol 
_atom_type.scat_dispersion_real 
_atom_type.scat_dispersion_imag 
_atom_type.scat_Cromer_Mann_a1 
_atom_type.scat_Cromer_Mann_a2 
_atom_type.scat_Cromer_Mann_a3 
_atom_type.scat_Cromer_Mann_a4 
_atom_type.scat_Cromer_Mann_b1 
_atom_type.scat_Cromer_Mann_b2 
_atom_type.scat_Cromer_Mann_b3 
_atom_type.scat_Cromer_Mann_b4 
_atom_type.scat_Cromer_Mann_c 
_atom_type.scat_source 
_atom_type.scat_dispersion_source 
C  ? ? 3.54356  2.42580 ? ? 25.62398 1.50364  ? ? 0.0 
;2-Gaussian fit: Grosse-Kunstleve RW, Sauter NK, Adams PD: Newsletter of the IUCr Commission on Crystallographic Computing 2004, 3, 22-31.
;
? 
N  ? ? 4.01032  2.96436 ? ? 19.97189 1.75589  ? ? 0.0 
;2-Gaussian fit: Grosse-Kunstleve RW, Sauter NK, Adams PD: Newsletter of the IUCr Commission on Crystallographic Computing 2004, 3, 22-31.
;
? 
O  ? ? 4.49882  3.47563 ? ? 15.80542 1.70748  ? ? 0.0 
;2-Gaussian fit: Grosse-Kunstleve RW, Sauter NK, Adams PD: Newsletter of the IUCr Commission on Crystallographic Computing 2004, 3, 22-31.
;
? 
S  ? ? 9.55732  6.39887 ? ? 1.23737  29.19336 ? ? 0.0 
;2-Gaussian fit: Grosse-Kunstleve RW, Sauter NK, Adams PD: Newsletter of the IUCr Commission on Crystallographic Computing 2004, 3, 22-31.
;
? 
ZN ? ? 24.64596 5.25405 ? ? 2.14387  29.76375 ? ? 0.0 
;2-Gaussian fit: Grosse-Kunstleve RW, Sauter NK, Adams PD: Newsletter of the IUCr Commission on Crystallographic Computing 2004, 3, 22-31.
;
? 
# 
loop_
_atom_site.group_PDB 
_atom_site.id 
_atom_site.type_symbol 
_atom_site.label_atom_id 
_atom_site.label_alt_id 
_atom_site.label_comp_id 
_atom_site.label_asym_id 
_atom_site.label_entity_id 
_atom_site.label_seq_id 
_atom_site.pdbx_PDB_ins_code 
_atom_site.Cartn_x 
_atom_site.Cartn_y 
_atom_site.Cartn_z 
_atom_site.occupancy 
_atom_site.B_iso_or_equiv 
_atom_site.pdbx_formal_charge 
_atom_site.auth_seq_id 
_atom_site.auth_comp_id 
_atom_site.auth_asym_id 
_atom_site.auth_atom_id 
_atom_site.pdbx_PDB_model_num 
ATOM   1   C  CA  . GLY A 1 1  ? 18.12921  -5.19977  5.49742   1.000 89.27467  ? 299 GLY A CA  1 
ATOM   2   C  C   . GLY A 1 1  ? 16.68668  -5.25768  5.04264   1.000 109.12149 ? 299 GLY A C   1 
ATOM   3   O  O   . GLY A 1 1  ? 16.41276  -5.47399  3.86462   1.000 102.43847 ? 299 GLY A O   1 
ATOM   4   N  N   . PRO A 1 2  ? 15.76341  -5.07516  5.97928   1.000 101.24702 ? 300 PRO A N   1 
ATOM   5   C  CA  . PRO A 1 2  ? 14.33644  -5.08845  5.63266   1.000 101.86876 ? 300 PRO A CA  1 
ATOM   6   C  C   . PRO A 1 2  ? 13.91625  -3.88067  4.80806   1.000 97.03439  ? 300 PRO A C   1 
ATOM   7   O  O   . PRO A 1 2  ? 14.72706  -2.99278  4.52931   1.000 120.56045 ? 300 PRO A O   1 
ATOM   8   C  CB  . PRO A 1 2  ? 13.65415  -5.08881  7.00711   1.000 84.24671  ? 300 PRO A CB  1 
ATOM   9   C  CG  . PRO A 1 2  ? 14.66588  -4.44938  7.91633   1.000 84.53148  ? 300 PRO A CG  1 
ATOM   10  C  CD  . PRO A 1 2  ? 15.97210  -4.99370  7.43356   1.000 92.95594  ? 300 PRO A CD  1 
ATOM   11  N  N   . SER A 1 3  ? 12.64577  -3.83875  4.40789   1.000 99.34377  ? 301 SER A N   1 
ATOM   12  C  CA  . SER A 1 3  ? 12.07597  -2.66920  3.75194   1.000 98.77018  ? 301 SER A CA  1 
ATOM   13  C  C   . SER A 1 3  ? 11.31634  -1.76237  4.71022   1.000 88.15655  ? 301 SER A C   1 
ATOM   14  O  O   . SER A 1 3  ? 11.00792  -0.62294  4.34482   1.000 90.06505  ? 301 SER A O   1 
ATOM   15  C  CB  . SER A 1 3  ? 11.14284  -3.08960  2.60640   1.000 81.15130  ? 301 SER A CB  1 
ATOM   16  O  OG  . SER A 1 3  ? 11.71638  -4.12388  1.82303   1.000 95.51618  ? 301 SER A OG  1 
ATOM   17  N  N   . CYS A 1 4  ? 11.01751  -2.22724  5.92120   1.000 82.42116  ? 302 CYS A N   1 
ATOM   18  C  CA  . CYS A 1 4  ? 10.30912  -1.41562  6.90590   1.000 92.56148  ? 302 CYS A CA  1 
ATOM   19  C  C   . CYS A 1 4  ? 10.94908  -1.64314  8.26582   1.000 90.99931  ? 302 CYS A C   1 
ATOM   20  O  O   . CYS A 1 4  ? 10.81560  -2.72794  8.84032   1.000 83.10594  ? 302 CYS A O   1 
ATOM   21  C  CB  . CYS A 1 4  ? 8.82103   -1.75796  6.94094   1.000 70.18969  ? 302 CYS A CB  1 
ATOM   22  S  SG  . CYS A 1 4  ? 7.87572   -0.76889  8.12364   1.000 81.04450  ? 302 CYS A SG  1 
ATOM   23  N  N   . LYS A 1 5  ? 11.62861  -0.61643  8.78311   1.000 86.20967  ? 303 LYS A N   1 
ATOM   24  C  CA  . LYS A 1 5  ? 12.26022  -0.73600  10.09182  1.000 80.15170  ? 303 LYS A CA  1 
ATOM   25  C  C   . LYS A 1 5  ? 11.23156  -0.90357  11.20380  1.000 83.79200  ? 303 LYS A C   1 
ATOM   26  O  O   . LYS A 1 5  ? 11.52871  -1.51864  12.23458  1.000 86.67850  ? 303 LYS A O   1 
ATOM   27  C  CB  . LYS A 1 5  ? 13.13807  0.48610   10.36458  1.000 94.73603  ? 303 LYS A CB  1 
ATOM   28  C  CG  . LYS A 1 5  ? 12.83778  1.69267   9.48483   1.000 92.11616  ? 303 LYS A CG  1 
ATOM   29  C  CD  . LYS A 1 5  ? 13.58229  2.92694   9.98618   1.000 106.52463 ? 303 LYS A CD  1 
ATOM   30  C  CE  . LYS A 1 5  ? 13.39476  4.12018   9.05905   1.000 106.17622 ? 303 LYS A CE  1 
ATOM   31  N  NZ  . LYS A 1 5  ? 13.80704  5.40574   9.69428   1.000 95.59269  ? 303 LYS A NZ  1 
ATOM   32  N  N   . HIS A 1 6  ? 10.01709  -0.38267  11.01036  1.000 71.19862  ? 304 HIS A N   1 
ATOM   33  C  CA  . HIS A 1 6  ? 9.04316   -0.35041  12.09806  1.000 75.27393  ? 304 HIS A CA  1 
ATOM   34  C  C   . HIS A 1 6  ? 8.48118   -1.73467  12.40013  1.000 84.40779  ? 304 HIS A C   1 
ATOM   35  O  O   . HIS A 1 6  ? 8.23317   -2.06527  13.56569  1.000 93.93911  ? 304 HIS A O   1 
ATOM   36  C  CB  . HIS A 1 6  ? 7.92228   0.62841   11.75846  1.000 78.37762  ? 304 HIS A CB  1 
ATOM   37  C  CG  . HIS A 1 6  ? 8.41116   2.00124   11.41664  1.000 102.94424 ? 304 HIS A CG  1 
ATOM   38  N  ND1 . HIS A 1 6  ? 8.86649   2.88347   12.37234  1.000 108.11298 ? 304 HIS A ND1 1 
ATOM   39  C  CD2 . HIS A 1 6  ? 8.53121   2.63943   10.22809  1.000 95.62591  ? 304 HIS A CD2 1 
ATOM   40  C  CE1 . HIS A 1 6  ? 9.23815   4.00886   11.78946  1.000 89.46851  ? 304 HIS A CE1 1 
ATOM   41  N  NE2 . HIS A 1 6  ? 9.04201   3.88833   10.48880  1.000 93.73174  ? 304 HIS A NE2 1 
ATOM   42  N  N   . CYS A 1 7  ? 8.26729   -2.55607  11.37140  1.000 80.04670  ? 305 CYS A N   1 
ATOM   43  C  CA  . CYS A 1 7  ? 7.74798   -3.90631  11.55943  1.000 92.37079  ? 305 CYS A CA  1 
ATOM   44  C  C   . CYS A 1 7  ? 8.74177   -4.98179  11.13816  1.000 96.40076  ? 305 CYS A C   1 
ATOM   45  O  O   . CYS A 1 7  ? 8.38283   -6.16599  11.12758  1.000 103.61764 ? 305 CYS A O   1 
ATOM   46  C  CB  . CYS A 1 7  ? 6.43757   -4.09561  10.78912  1.000 69.12708  ? 305 CYS A CB  1 
ATOM   47  S  SG  . CYS A 1 7  ? 6.65465   -4.34557  9.01114   1.000 82.92423  ? 305 CYS A SG  1 
ATOM   48  N  N   . LYS A 1 8  ? 9.97000   -4.60141  10.77367  1.000 91.14529  ? 306 LYS A N   1 
ATOM   49  C  CA  . LYS A 1 8  ? 11.00623  -5.53277  10.33144  1.000 98.89591  ? 306 LYS A CA  1 
ATOM   50  C  C   . LYS A 1 8  ? 10.48443  -6.53665  9.30488   1.000 96.33789  ? 306 LYS A C   1 
ATOM   51  O  O   . LYS A 1 8  ? 10.99223  -7.65865  9.20579   1.000 91.59777  ? 306 LYS A O   1 
ATOM   52  C  CB  . LYS A 1 8  ? 11.61842  -6.25549  11.53412  1.000 103.94789 ? 306 LYS A CB  1 
ATOM   53  C  CG  . LYS A 1 8  ? 11.75656  -5.38110  12.77763  1.000 107.18388 ? 306 LYS A CG  1 
ATOM   54  C  CD  . LYS A 1 8  ? 11.51530  -6.17949  14.04252  1.000 119.69299 ? 306 LYS A CD  1 
ATOM   55  C  CE  . LYS A 1 8  ? 10.20595  -6.93778  13.97020  1.000 111.94627 ? 306 LYS A CE  1 
ATOM   56  N  NZ  . LYS A 1 8  ? 9.89201   -7.57318  15.27863  1.000 122.28178 ? 306 LYS A NZ  1 
ATOM   57  N  N   . ASP A 1 9  ? 9.47562   -6.12751  8.53252   1.000 84.95822  ? 307 ASP A N   1 
ATOM   58  C  CA  . ASP A 1 9  ? 8.84780   -6.95334  7.49986   1.000 91.07313  ? 307 ASP A CA  1 
ATOM   59  C  C   . ASP A 1 9  ? 8.27475   -8.25180  8.06349   1.000 95.69909  ? 307 ASP A C   1 
ATOM   60  O  O   . ASP A 1 9  ? 8.16294   -9.25306  7.35233   1.000 96.46639  ? 307 ASP A O   1 
ATOM   61  C  CB  . ASP A 1 9  ? 9.81349   -7.23354  6.34485   1.000 90.53400  ? 307 ASP A CB  1 
ATOM   62  C  CG  . ASP A 1 9  ? 9.99014   -6.03160  5.44129   1.000 86.28283  ? 307 ASP A CG  1 
ATOM   63  O  OD1 . ASP A 1 9  ? 8.99262   -5.58867  4.83488   1.000 102.46569 ? 307 ASP A OD1 1 
ATOM   64  O  OD2 . ASP A 1 9  ? 11.12513  -5.52931  5.33737   1.000 106.77431 ? 307 ASP A OD2 1 
ATOM   65  N  N   . ASP A 1 10 ? 7.90358   -8.23597  9.34245   1.000 92.08785  ? 308 ASP A N   1 
ATOM   66  C  CA  . ASP A 1 10 ? 7.11728   -9.31080  9.93949   1.000 93.34722  ? 308 ASP A CA  1 
ATOM   67  C  C   . ASP A 1 10 ? 5.68671   -9.20758  9.42719   1.000 89.87143  ? 308 ASP A C   1 
ATOM   68  O  O   . ASP A 1 10 ? 4.95345   -8.28585  9.79716   1.000 98.98089  ? 308 ASP A O   1 
ATOM   69  C  CB  . ASP A 1 10 ? 7.16697   -9.20777  11.46204  1.000 94.89773  ? 308 ASP A CB  1 
ATOM   70  C  CG  . ASP A 1 10 ? 6.30694   -10.25374 12.16222  1.000 101.47683 ? 308 ASP A CG  1 
ATOM   71  O  OD1 . ASP A 1 10 ? 5.71361   -11.12412 11.49096  1.000 98.86065  ? 308 ASP A OD1 1 
ATOM   72  O  OD2 . ASP A 1 10 ? 6.21656   -10.19569 13.40608  1.000 99.47174  ? 308 ASP A OD2 1 
ATOM   73  N  N   . VAL A 1 11 ? 5.27991   -10.15586 8.58066   1.000 87.19104  ? 309 VAL A N   1 
ATOM   74  C  CA  . VAL A 1 11 ? 3.95148   -10.09993 7.98585   1.000 90.00587  ? 309 VAL A CA  1 
ATOM   75  C  C   . VAL A 1 11 ? 2.86191   -10.48460 8.96977   1.000 77.86140  ? 309 VAL A C   1 
ATOM   76  O  O   . VAL A 1 11 ? 1.67748   -10.35330 8.64892   1.000 79.59033  ? 309 VAL A O   1 
ATOM   77  C  CB  . VAL A 1 11 ? 3.88073   -11.01447 6.74801   1.000 100.32431 ? 309 VAL A CB  1 
ATOM   78  C  CG1 . VAL A 1 11 ? 4.94033   -10.60691 5.73065   1.000 93.18237  ? 309 VAL A CG1 1 
ATOM   79  C  CG2 . VAL A 1 11 ? 4.01693   -12.47575 7.15240   1.000 99.42705  ? 309 VAL A CG2 1 
ATOM   80  N  N   . ASN A 1 12 ? 3.23293   -10.95489 10.15918  1.000 77.24929  ? 310 ASN A N   1 
ATOM   81  C  CA  . ASN A 1 12 ? 2.28078   -11.33158 11.19325  1.000 75.63667  ? 310 ASN A CA  1 
ATOM   82  C  C   . ASN A 1 12 ? 2.10921   -10.24936 12.25168  1.000 76.11234  ? 310 ASN A C   1 
ATOM   83  O  O   . ASN A 1 12 ? 1.44988   -10.48892 13.26767  1.000 86.38010  ? 310 ASN A O   1 
ATOM   84  C  CB  . ASN A 1 12 ? 2.70281   -12.64833 11.85211  1.000 96.06011  ? 310 ASN A CB  1 
ATOM   85  C  CG  . ASN A 1 12 ? 2.48473   -13.85061 10.95016  1.000 89.48204  ? 310 ASN A CG  1 
ATOM   86  O  OD1 . ASN A 1 12 ? 3.43104   -14.39949 10.38740  1.000 108.56662 ? 310 ASN A OD1 1 
ATOM   87  N  ND2 . ASN A 1 12 ? 1.23049   -14.26178 10.80536  1.000 103.83920 ? 310 ASN A ND2 1 
ATOM   88  N  N   . ARG A 1 13 ? 2.69152   -9.07364  12.04314  1.000 89.63456  ? 311 ARG A N   1 
ATOM   89  C  CA  . ARG A 1 13 ? 2.47677   -7.92260  12.90443  1.000 92.74838  ? 311 ARG A CA  1 
ATOM   90  C  C   . ARG A 1 13 ? 1.70596   -6.86839  12.12360  1.000 81.61328  ? 311 ARG A C   1 
ATOM   91  O  O   . ARG A 1 13 ? 1.87467   -6.74253  10.90606  1.000 70.17678  ? 311 ARG A O   1 
ATOM   92  C  CB  . ARG A 1 13 ? 3.81060   -7.34882  13.39501  1.000 81.75721  ? 311 ARG A CB  1 
ATOM   93  C  CG  . ARG A 1 13 ? 4.32500   -7.97855  14.68040  1.000 99.48876  ? 311 ARG A CG  1 
ATOM   94  C  CD  . ARG A 1 13 ? 5.05071   -6.97206  15.56554  1.000 118.44795 ? 311 ARG A CD  1 
ATOM   95  N  NE  . ARG A 1 13 ? 4.18974   -6.35408  16.56618  1.000 127.56924 ? 311 ARG A NE  1 
ATOM   96  C  CZ  . ARG A 1 13 ? 4.01063   -6.83260  17.78982  1.000 125.66534 ? 311 ARG A CZ  1 
ATOM   97  N  NH1 . ARG A 1 13 ? 4.60277   -7.94753  18.18855  1.000 111.33103 ? 311 ARG A NH1 1 
ATOM   98  N  NH2 . ARG A 1 13 ? 3.21648   -6.17802  18.63337  1.000 101.75242 ? 311 ARG A NH2 1 
ATOM   99  N  N   . LEU A 1 14 ? 0.83371   -6.13825  12.81455  1.000 64.78376  ? 312 LEU A N   1 
ATOM   100 C  CA  . LEU A 1 14 ? 0.22336   -4.96588  12.20503  1.000 74.55484  ? 312 LEU A CA  1 
ATOM   101 C  C   . LEU A 1 14 ? 1.29430   -3.92017  11.93594  1.000 76.04262  ? 312 LEU A C   1 
ATOM   102 O  O   . LEU A 1 14 ? 2.25877   -3.78932  12.69283  1.000 85.19340  ? 312 LEU A O   1 
ATOM   103 C  CB  . LEU A 1 14 ? -0.85596  -4.37948  13.11482  1.000 55.32029  ? 312 LEU A CB  1 
ATOM   104 C  CG  . LEU A 1 14 ? -2.08290  -5.22530  13.43770  1.000 81.20537  ? 312 LEU A CG  1 
ATOM   105 C  CD1 . LEU A 1 14 ? -2.99490  -4.50208  14.42222  1.000 63.63566  ? 312 LEU A CD1 1 
ATOM   106 C  CD2 . LEU A 1 14 ? -2.82512  -5.56039  12.16217  1.000 61.82470  ? 312 LEU A CD2 1 
ATOM   107 N  N   . CYS A 1 15 ? 1.13810   -3.17973  10.84461  1.000 78.40696  ? 313 CYS A N   1 
ATOM   108 C  CA  . CYS A 1 15 ? 2.06014   -2.08450  10.56926  1.000 74.47450  ? 313 CYS A CA  1 
ATOM   109 C  C   . CYS A 1 15 ? 1.31875   -0.97053  9.85675   1.000 75.82620  ? 313 CYS A C   1 
ATOM   110 O  O   . CYS A 1 15 ? 0.83966   -1.15463  8.73426   1.000 66.85586  ? 313 CYS A O   1 
ATOM   111 C  CB  . CYS A 1 15 ? 3.25979   -2.54236  9.74085   1.000 85.37179  ? 313 CYS A CB  1 
ATOM   112 S  SG  . CYS A 1 15 ? 4.61910   -1.36544  9.84772   1.000 63.74907  ? 313 CYS A SG  1 
ATOM   113 N  N   . ARG A 1 16 ? 1.23439   0.17720   10.51484  1.000 66.02697  ? 314 ARG A N   1 
ATOM   114 C  CA  . ARG A 1 16 ? 0.61814   1.35822   9.94291   1.000 66.87665  ? 314 ARG A CA  1 
ATOM   115 C  C   . ARG A 1 16 ? 1.59324   2.18564   9.11345   1.000 66.33720  ? 314 ARG A C   1 
ATOM   116 O  O   . ARG A 1 16 ? 1.25099   3.30338   8.71485   1.000 68.94022  ? 314 ARG A O   1 
ATOM   117 C  CB  . ARG A 1 16 ? 0.00545   2.20719   11.05571  1.000 54.92183  ? 314 ARG A CB  1 
ATOM   118 C  CG  . ARG A 1 16 ? -0.80843  1.39946   12.05730  1.000 67.37950  ? 314 ARG A CG  1 
ATOM   119 C  CD  . ARG A 1 16 ? -1.80872  2.27240   12.78540  1.000 70.71252  ? 314 ARG A CD  1 
ATOM   120 N  NE  . ARG A 1 16 ? -1.26013  3.59490   13.05666  1.000 87.69876  ? 314 ARG A NE  1 
ATOM   121 C  CZ  . ARG A 1 16 ? -0.40902  3.86674   14.03648  1.000 95.60132  ? 314 ARG A CZ  1 
ATOM   122 N  NH1 . ARG A 1 16 ? 0.01862   2.92389   14.86281  1.000 100.24858 ? 314 ARG A NH1 1 
ATOM   123 N  NH2 . ARG A 1 16 ? 0.02356   5.11564   14.19022  1.000 78.21815  ? 314 ARG A NH2 1 
ATOM   124 N  N   . VAL A 1 17 ? 2.79175   1.67341   8.85074   1.000 61.21188  ? 315 VAL A N   1 
ATOM   125 C  CA  . VAL A 1 17 ? 3.74172   2.33042   7.95785   1.000 60.16730  ? 315 VAL A CA  1 
ATOM   126 C  C   . VAL A 1 17 ? 3.71653   1.71802   6.55995   1.000 75.48986  ? 315 VAL A C   1 
ATOM   127 O  O   . VAL A 1 17 ? 3.61466   2.43844   5.56667   1.000 87.22342  ? 315 VAL A O   1 
ATOM   128 C  CB  . VAL A 1 17 ? 5.16475   2.30971   8.56039   1.000 75.29225  ? 315 VAL A CB  1 
ATOM   129 C  CG1 . VAL A 1 17 ? 6.13191   3.04271   7.63945   1.000 67.49613  ? 315 VAL A CG1 1 
ATOM   130 C  CG2 . VAL A 1 17 ? 5.16458   2.96419   9.93437   1.000 59.82035  ? 315 VAL A CG2 1 
ATOM   131 N  N   . CYS A 1 18 ? 3.81266   0.38919   6.45348   1.000 74.98818  ? 316 CYS A N   1 
ATOM   132 C  CA  . CYS A 1 18 ? 3.77553   -0.26538  5.15059   1.000 71.35573  ? 316 CYS A CA  1 
ATOM   133 C  C   . CYS A 1 18 ? 2.44345   -0.94796  4.85899   1.000 58.95987  ? 316 CYS A C   1 
ATOM   134 O  O   . CYS A 1 18 ? 2.27091   -1.48856  3.76351   1.000 70.39117  ? 316 CYS A O   1 
ATOM   135 C  CB  . CYS A 1 18 ? 4.92301   -1.27581  5.01424   1.000 65.24837  ? 316 CYS A CB  1 
ATOM   136 S  SG  . CYS A 1 18 ? 4.98139   -2.56885  6.24960   1.000 72.71198  ? 316 CYS A SG  1 
ATOM   137 N  N   . ALA A 1 19 ? 1.50387   -0.94616  5.80375   1.000 65.94375  ? 317 ALA A N   1 
ATOM   138 C  CA  . ALA A 1 19 ? 0.12893   -1.31431  5.48834   1.000 68.91062  ? 317 ALA A CA  1 
ATOM   139 C  C   . ALA A 1 19 ? -0.78185  -0.13762  5.81296   1.000 62.84707  ? 317 ALA A C   1 
ATOM   140 O  O   . ALA A 1 19 ? -0.32644  1.01130   5.83648   1.000 72.77367  ? 317 ALA A O   1 
ATOM   141 C  CB  . ALA A 1 19 ? -0.30661  -2.57319  6.24430   1.000 56.48128  ? 317 ALA A CB  1 
ATOM   142 N  N   . CYS A 1 20 ? -2.05937  -0.41220  6.07400   1.000 72.79070  ? 318 CYS A N   1 
ATOM   143 C  CA  . CYS A 1 20 ? -3.04392  0.65016   6.25644   1.000 58.77672  ? 318 CYS A CA  1 
ATOM   144 C  C   . CYS A 1 20 ? -2.62923  1.58473   7.38381   1.000 71.18047  ? 318 CYS A C   1 
ATOM   145 O  O   . CYS A 1 20 ? -2.52600  1.16750   8.54042   1.000 57.29912  ? 318 CYS A O   1 
ATOM   146 C  CB  . CYS A 1 20 ? -4.42067  0.05055   6.54477   1.000 58.04348  ? 318 CYS A CB  1 
ATOM   147 S  SG  . CYS A 1 20 ? -5.74067  1.26535   6.77391   1.000 62.53130  ? 318 CYS A SG  1 
ATOM   148 N  N   . HIS A 1 21 ? -2.40613  2.85825   7.04555   1.000 56.71392  ? 319 HIS A N   1 
ATOM   149 C  CA  . HIS A 1 21 ? -1.97320  3.83034   8.04457   1.000 63.55897  ? 319 HIS A CA  1 
ATOM   150 C  C   . HIS A 1 21 ? -2.98638  4.01627   9.16425   1.000 71.06989  ? 319 HIS A C   1 
ATOM   151 O  O   . HIS A 1 21 ? -2.63933  4.57531   10.21028  1.000 77.09811  ? 319 HIS A O   1 
ATOM   152 C  CB  . HIS A 1 21 ? -1.69521  5.18658   7.39590   1.000 65.94856  ? 319 HIS A CB  1 
ATOM   153 C  CG  . HIS A 1 21 ? -1.00246  6.15155   8.30749   1.000 76.64310  ? 319 HIS A CG  1 
ATOM   154 N  ND1 . HIS A 1 21 ? 0.20917   5.87234   8.90376   1.000 66.69463  ? 319 HIS A ND1 1 
ATOM   155 C  CD2 . HIS A 1 21 ? -1.37563  7.36810   8.76983   1.000 57.72124  ? 319 HIS A CD2 1 
ATOM   156 C  CE1 . HIS A 1 21 ? 0.56840   6.88955   9.66486   1.000 65.67088  ? 319 HIS A CE1 1 
ATOM   157 N  NE2 . HIS A 1 21 ? -0.37899  7.80805   9.60625   1.000 77.86287  ? 319 HIS A NE2 1 
ATOM   158 N  N   . LEU A 1 22 ? -4.22087  3.55914   8.97542   1.000 64.21481  ? 320 LEU A N   1 
ATOM   159 C  CA  . LEU A 1 22 ? -5.27125  3.79061   9.95565   1.000 50.98271  ? 320 LEU A CA  1 
ATOM   160 C  C   . LEU A 1 22 ? -5.39971  2.63765   10.94654  1.000 69.23039  ? 320 LEU A C   1 
ATOM   161 O  O   . LEU A 1 22 ? -5.40840  2.86211   12.16202  1.000 66.65288  ? 320 LEU A O   1 
ATOM   162 C  CB  . LEU A 1 22 ? -6.59832  4.04667   9.23023   1.000 65.18972  ? 320 LEU A CB  1 
ATOM   163 C  CG  . LEU A 1 22 ? -6.67447  5.43804   8.60252   1.000 68.19103  ? 320 LEU A CG  1 
ATOM   164 C  CD1 . LEU A 1 22 ? -7.88568  5.58244   7.69322   1.000 60.54096  ? 320 LEU A CD1 1 
ATOM   165 C  CD2 . LEU A 1 22 ? -6.67782  6.50390   9.68192   1.000 50.58735  ? 320 LEU A CD2 1 
ATOM   166 N  N   . CYS A 1 23 ? -5.47746  1.40232   10.44598  1.000 65.70206  ? 321 CYS A N   1 
ATOM   167 C  CA  . CYS A 1 23 ? -5.66404  0.23613   11.29680  1.000 50.77640  ? 321 CYS A CA  1 
ATOM   168 C  C   . CYS A 1 23 ? -4.45647  -0.68679  11.34996  1.000 62.49535  ? 321 CYS A C   1 
ATOM   169 O  O   . CYS A 1 23 ? -4.34368  -1.47176  12.29821  1.000 63.30212  ? 321 CYS A O   1 
ATOM   170 C  CB  . CYS A 1 23 ? -6.87935  -0.57800  10.82969  1.000 57.81261  ? 321 CYS A CB  1 
ATOM   171 S  SG  . CYS A 1 23 ? -6.59906  -1.49667  9.29682   1.000 65.80010  ? 321 CYS A SG  1 
ATOM   172 N  N   . GLY A 1 24 ? -3.56783  -0.62640  10.35863  1.000 62.34188  ? 322 GLY A N   1 
ATOM   173 C  CA  . GLY A 1 24 ? -2.37284  -1.44085  10.33888  1.000 57.88990  ? 322 GLY A CA  1 
ATOM   174 C  C   . GLY A 1 24 ? -2.50526  -2.76744  9.61841   1.000 64.61604  ? 322 GLY A C   1 
ATOM   175 O  O   . GLY A 1 24 ? -1.49478  -3.46165  9.44848   1.000 66.36009  ? 322 GLY A O   1 
ATOM   176 N  N   . GLY A 1 25 ? -3.70549  -3.13073  9.17141   1.000 63.10300  ? 323 GLY A N   1 
ATOM   177 C  CA  . GLY A 1 25 ? -3.91299  -4.44674  8.58654   1.000 56.88087  ? 323 GLY A CA  1 
ATOM   178 C  C   . GLY A 1 25 ? -3.41222  -4.53845  7.15168   1.000 57.16618  ? 323 GLY A C   1 
ATOM   179 O  O   . GLY A 1 25 ? -3.53462  -3.60128  6.36289   1.000 60.53797  ? 323 GLY A O   1 
ATOM   180 N  N   . ARG A 1 26 ? -2.84243  -5.69932  6.82172   1.000 60.72596  ? 324 ARG A N   1 
ATOM   181 C  CA  . ARG A 1 26 ? -2.32933  -5.98616  5.48910   1.000 61.95621  ? 324 ARG A CA  1 
ATOM   182 C  C   . ARG A 1 26 ? -3.33071  -6.72384  4.61490   1.000 66.38691  ? 324 ARG A C   1 
ATOM   183 O  O   . ARG A 1 26 ? -3.00724  -7.05164  3.46783   1.000 65.22093  ? 324 ARG A O   1 
ATOM   184 C  CB  . ARG A 1 26 ? -1.04404  -6.81552  5.57679   1.000 60.11850  ? 324 ARG A CB  1 
ATOM   185 C  CG  . ARG A 1 26 ? -0.34244  -6.77426  6.91368   1.000 64.50450  ? 324 ARG A CG  1 
ATOM   186 C  CD  . ARG A 1 26 ? 0.86999   -7.68484  6.89757   1.000 61.16989  ? 324 ARG A CD  1 
ATOM   187 N  NE  . ARG A 1 26 ? 1.78616   -7.37722  7.98681   1.000 79.57395  ? 324 ARG A NE  1 
ATOM   188 C  CZ  . ARG A 1 26 ? 2.75784   -6.47983  7.90425   1.000 80.45951  ? 324 ARG A CZ  1 
ATOM   189 N  NH1 . ARG A 1 26 ? 2.94844   -5.76951  6.80334   1.000 59.04886  ? 324 ARG A NH1 1 
ATOM   190 N  NH2 . ARG A 1 26 ? 3.55000   -6.28201  8.95500   1.000 74.24221  ? 324 ARG A NH2 1 
ATOM   191 N  N   . GLN A 1 27 ? -4.51753  -7.02027  5.13261   1.000 67.31609  ? 325 GLN A N   1 
ATOM   192 C  CA  . GLN A 1 27 ? -5.50826  -7.72294  4.34096   1.000 67.67259  ? 325 GLN A CA  1 
ATOM   193 C  C   . GLN A 1 27 ? -6.09881  -6.79333  3.28867   1.000 71.27949  ? 325 GLN A C   1 
ATOM   194 O  O   . GLN A 1 27 ? -6.11468  -5.56768  3.43672   1.000 73.16196  ? 325 GLN A O   1 
ATOM   195 C  CB  . GLN A 1 27 ? -6.61114  -8.28840  5.23594   1.000 51.44122  ? 325 GLN A CB  1 
ATOM   196 C  CG  . GLN A 1 27 ? -7.70141  -7.27659  5.58571   1.000 60.03041  ? 325 GLN A CG  1 
ATOM   197 C  CD  . GLN A 1 27 ? -7.31971  -6.37132  6.73437   1.000 67.03036  ? 325 GLN A CD  1 
ATOM   198 O  OE1 . GLN A 1 27 ? -6.20456  -6.43869  7.25374   1.000 59.24251  ? 325 GLN A OE1 1 
ATOM   199 N  NE2 . GLN A 1 27 ? -8.24810  -5.51476  7.14095   1.000 50.67566  ? 325 GLN A NE2 1 
ATOM   200 N  N   . ASP A 1 28 ? -6.58924  -7.40216  2.20847   1.000 61.43772  ? 326 ASP A N   1 
ATOM   201 C  CA  . ASP A 1 28 ? -7.10342  -6.70673  1.05088   1.000 62.78315  ? 326 ASP A CA  1 
ATOM   202 C  C   . ASP A 1 28 ? -6.14576  -5.60072  0.53656   1.000 67.77425  ? 326 ASP A C   1 
ATOM   203 O  O   . ASP A 1 28 ? -6.52460  -4.43620  0.48010   1.000 62.66756  ? 326 ASP A O   1 
ATOM   204 C  CB  . ASP A 1 28 ? -8.47700  -6.11417  1.33639   1.000 68.54930  ? 326 ASP A CB  1 
ATOM   205 C  CG  . ASP A 1 28 ? -9.43600  -7.13097  1.94759   1.000 69.19533  ? 326 ASP A CG  1 
ATOM   206 O  OD1 . ASP A 1 28 ? -9.78026  -8.12245  1.27018   1.000 88.10329  ? 326 ASP A OD1 1 
ATOM   207 O  OD2 . ASP A 1 28 ? -9.84831  -6.93690  3.11038   1.000 74.13323  ? 326 ASP A OD2 1 
ATOM   208 N  N   . PRO A 1 29 ? -4.91770  -5.96233  0.15255   1.000 58.15738  ? 327 PRO A N   1 
ATOM   209 C  CA  . PRO A 1 29 ? -4.03462  -4.94631  -0.45233  1.000 62.57618  ? 327 PRO A CA  1 
ATOM   210 C  C   . PRO A 1 29 ? -4.60989  -4.32953  -1.71562  1.000 78.26343  ? 327 PRO A C   1 
ATOM   211 O  O   . PRO A 1 29 ? -4.17573  -3.24064  -2.10842  1.000 66.57836  ? 327 PRO A O   1 
ATOM   212 C  CB  . PRO A 1 29 ? -2.74187  -5.72460  -0.74114  1.000 70.44063  ? 327 PRO A CB  1 
ATOM   213 C  CG  . PRO A 1 29 ? -3.15512  -7.16040  -0.74997  1.000 71.61617  ? 327 PRO A CG  1 
ATOM   214 C  CD  . PRO A 1 29 ? -4.23259  -7.25838  0.27542   1.000 66.03347  ? 327 PRO A CD  1 
ATOM   215 N  N   . ASP A 1 30 ? -5.58059  -4.98597  -2.35588  1.000 70.17912  ? 328 ASP A N   1 
ATOM   216 C  CA  . ASP A 1 30 ? -6.27806  -4.43294  -3.51075  1.000 67.99015  ? 328 ASP A CA  1 
ATOM   217 C  C   . ASP A 1 30 ? -7.25239  -3.32620  -3.13584  1.000 68.67021  ? 328 ASP A C   1 
ATOM   218 O  O   . ASP A 1 30 ? -7.73552  -2.61923  -4.02686  1.000 71.09461  ? 328 ASP A O   1 
ATOM   219 C  CB  . ASP A 1 30 ? -7.04260  -5.53881  -4.23474  1.000 67.52895  ? 328 ASP A CB  1 
ATOM   220 C  CG  . ASP A 1 30 ? -7.91259  -6.34930  -3.29671  1.000 80.12162  ? 328 ASP A CG  1 
ATOM   221 O  OD1 . ASP A 1 30 ? -9.12374  -6.46680  -3.56524  1.000 83.18577  ? 328 ASP A OD1 1 
ATOM   222 O  OD2 . ASP A 1 30 ? -7.38709  -6.86779  -2.29053  1.000 74.42664  ? 328 ASP A OD2 1 
ATOM   223 N  N   . LYS A 1 31 ? -7.57825  -3.18468  -1.85223  1.000 66.49331  ? 329 LYS A N   1 
ATOM   224 C  CA  . LYS A 1 31 ? -8.49070  -2.15132  -1.38162  1.000 67.83422  ? 329 LYS A CA  1 
ATOM   225 C  C   . LYS A 1 31 ? -7.77176  -1.09469  -0.55779  1.000 71.34223  ? 329 LYS A C   1 
ATOM   226 O  O   . LYS A 1 31 ? -8.42520  -0.31930  0.14935   1.000 63.63959  ? 329 LYS A O   1 
ATOM   227 C  CB  . LYS A 1 31 ? -9.62486  -2.77736  -0.56575  1.000 73.38793  ? 329 LYS A CB  1 
ATOM   228 C  CG  . LYS A 1 31 ? -10.69827 -3.43340  -1.41510  1.000 74.12243  ? 329 LYS A CG  1 
ATOM   229 C  CD  . LYS A 1 31 ? -11.80285 -3.99324  -0.54223  1.000 76.22158  ? 329 LYS A CD  1 
ATOM   230 C  CE  . LYS A 1 31 ? -12.47304 -5.18521  -1.19371  1.000 82.86004  ? 329 LYS A CE  1 
ATOM   231 N  NZ  . LYS A 1 31 ? -13.84463 -5.39786  -0.65931  1.000 70.33055  ? 329 LYS A NZ  1 
ATOM   232 N  N   . GLN A 1 32 ? -6.44678  -1.05116  -0.62851  1.000 67.05472  ? 330 GLN A N   1 
ATOM   233 C  CA  . GLN A 1 32 ? -5.63110  -0.09923  0.11233   1.000 69.04443  ? 330 GLN A CA  1 
ATOM   234 C  C   . GLN A 1 32 ? -5.08841  0.90957   -0.88785  1.000 66.58625  ? 330 GLN A C   1 
ATOM   235 O  O   . GLN A 1 32 ? -4.20792  0.57899   -1.68716  1.000 67.50921  ? 330 GLN A O   1 
ATOM   236 C  CB  . GLN A 1 32 ? -4.50120  -0.81330  0.85052   1.000 63.39539  ? 330 GLN A CB  1 
ATOM   237 C  CG  . GLN A 1 32 ? -4.99334  -1.90183  1.78247   1.000 54.97662  ? 330 GLN A CG  1 
ATOM   238 C  CD  . GLN A 1 32 ? -4.08401  -2.13729  2.96683   1.000 70.86017  ? 330 GLN A CD  1 
ATOM   239 O  OE1 . GLN A 1 32 ? -3.47519  -1.21165  3.49610   1.000 70.24731  ? 330 GLN A OE1 1 
ATOM   240 N  NE2 . GLN A 1 32 ? -3.99544  -3.38611  3.39573   1.000 66.23550  ? 330 GLN A NE2 1 
ATOM   241 N  N   . LEU A 1 33 ? -5.62280  2.12774   -0.85460  1.000 65.38041  ? 331 LEU A N   1 
ATOM   242 C  CA  . LEU A 1 33 ? -5.18203  3.17181   -1.76774  1.000 70.44485  ? 331 LEU A CA  1 
ATOM   243 C  C   . LEU A 1 33 ? -3.87594  3.78315   -1.28214  1.000 63.05467  ? 331 LEU A C   1 
ATOM   244 O  O   . LEU A 1 33 ? -3.66390  3.95687   -0.07862  1.000 67.34820  ? 331 LEU A O   1 
ATOM   245 C  CB  . LEU A 1 33 ? -6.24855  4.25888   -1.89658  1.000 63.18762  ? 331 LEU A CB  1 
ATOM   246 C  CG  . LEU A 1 33 ? -7.69728  3.79614   -2.03851  1.000 59.73106  ? 331 LEU A CG  1 
ATOM   247 C  CD1 . LEU A 1 33 ? -8.59153  4.97388   -2.34676  1.000 73.46160  ? 331 LEU A CD1 1 
ATOM   248 C  CD2 . LEU A 1 33 ? -7.83461  2.73075   -3.11899  1.000 79.95068  ? 331 LEU A CD2 1 
ATOM   249 N  N   . MET A 1 34 ? -2.99919  4.10897   -2.22788  1.000 68.64246  ? 332 MET A N   1 
ATOM   250 C  CA  . MET A 1 34 ? -1.73536  4.76825   -1.93160  1.000 69.38914  ? 332 MET A CA  1 
ATOM   251 C  C   . MET A 1 34 ? -1.89706  6.26321   -2.16255  1.000 64.29041  ? 332 MET A C   1 
ATOM   252 O  O   . MET A 1 34 ? -2.18728  6.69398   -3.28392  1.000 70.10063  ? 332 MET A O   1 
ATOM   253 C  CB  . MET A 1 34 ? -0.60108  4.20433   -2.78811  1.000 72.08338  ? 332 MET A CB  1 
ATOM   254 C  CG  . MET A 1 34 ? -0.51356  2.68622   -2.76986  1.000 69.28791  ? 332 MET A CG  1 
ATOM   255 S  SD  . MET A 1 34 ? -0.10246  2.07492   -1.12191  1.000 76.44640  ? 332 MET A SD  1 
ATOM   256 C  CE  . MET A 1 34 ? 1.68791   2.04974   -1.18579  1.000 64.21887  ? 332 MET A CE  1 
ATOM   257 N  N   . CYS A 1 35 ? -1.73565  7.04341   -1.09740  1.000 71.83661  ? 333 CYS A N   1 
ATOM   258 C  CA  . CYS A 1 35 ? -1.73900  8.49385   -1.22211  1.000 72.84773  ? 333 CYS A CA  1 
ATOM   259 C  C   . CYS A 1 35 ? -0.64615  8.93601   -2.18178  1.000 75.24519  ? 333 CYS A C   1 
ATOM   260 O  O   . CYS A 1 35 ? 0.52989   8.62020   -1.98269  1.000 74.25447  ? 333 CYS A O   1 
ATOM   261 C  CB  . CYS A 1 35 ? -1.53607  9.14243   0.14541   1.000 74.09986  ? 333 CYS A CB  1 
ATOM   262 S  SG  . CYS A 1 35 ? -1.69274  10.93764  0.12590   1.000 76.22881  ? 333 CYS A SG  1 
ATOM   263 N  N   . ASP A 1 36 ? -1.03103  9.66537   -3.22785  1.000 74.93009  ? 334 ASP A N   1 
ATOM   264 C  CA  . ASP A 1 36 ? -0.03332  10.13431  -4.18185  1.000 80.87927  ? 334 ASP A CA  1 
ATOM   265 C  C   . ASP A 1 36 ? 0.80234   11.28879  -3.64780  1.000 86.63117  ? 334 ASP A C   1 
ATOM   266 O  O   . ASP A 1 36 ? 1.61348   11.84057  -4.40204  1.000 86.47842  ? 334 ASP A O   1 
ATOM   267 C  CB  . ASP A 1 36 ? -0.70939  10.52659  -5.49545  1.000 79.76723  ? 334 ASP A CB  1 
ATOM   268 C  CG  . ASP A 1 36 ? -1.17872  9.32609   -6.27728  1.000 88.59460  ? 334 ASP A CG  1 
ATOM   269 O  OD1 . ASP A 1 36 ? -0.33798  8.46735   -6.61063  1.000 80.21493  ? 334 ASP A OD1 1 
ATOM   270 O  OD2 . ASP A 1 36 ? -2.39035  9.22334   -6.53734  1.000 70.23770  ? 334 ASP A OD2 1 
ATOM   271 N  N   . GLU A 1 37 ? 0.62721   11.66810  -2.38080  1.000 90.78247  ? 335 GLU A N   1 
ATOM   272 C  CA  . GLU A 1 37 ? 1.48677   12.65198  -1.73598  1.000 62.55890  ? 335 GLU A CA  1 
ATOM   273 C  C   . GLU A 1 37 ? 2.44602   12.01061  -0.74183  1.000 71.23319  ? 335 GLU A C   1 
ATOM   274 O  O   . GLU A 1 37 ? 3.66304   12.16790  -0.87779  1.000 82.11723  ? 335 GLU A O   1 
ATOM   275 C  CB  . GLU A 1 37 ? 0.65275   13.73856  -1.03952  1.000 88.04998  ? 335 GLU A CB  1 
ATOM   276 C  CG  . GLU A 1 37 ? 1.49086   14.69940  -0.21318  1.000 92.08436  ? 335 GLU A CG  1 
ATOM   277 C  CD  . GLU A 1 37 ? 0.97765   16.12771  -0.23520  1.000 95.17502  ? 335 GLU A CD  1 
ATOM   278 O  OE1 . GLU A 1 37 ? 0.51796   16.57986  -1.30407  1.000 100.81767 ? 335 GLU A OE1 1 
ATOM   279 O  OE2 . GLU A 1 37 ? 1.05174   16.80328  0.81558   1.000 110.43534 ? 335 GLU A OE2 1 
ATOM   280 N  N   . CYS A 1 38 ? 1.93146   11.28274  0.25175   1.000 77.03441  ? 336 CYS A N   1 
ATOM   281 C  CA  . CYS A 1 38 ? 2.74783   10.72789  1.32509   1.000 82.55854  ? 336 CYS A CA  1 
ATOM   282 C  C   . CYS A 1 38 ? 2.99702   9.22953   1.18834   1.000 73.53871  ? 336 CYS A C   1 
ATOM   283 O  O   . CYS A 1 38 ? 3.76626   8.67262   1.97915   1.000 78.04362  ? 336 CYS A O   1 
ATOM   284 C  CB  . CYS A 1 38 ? 2.10315   11.02257  2.68642   1.000 68.11824  ? 336 CYS A CB  1 
ATOM   285 S  SG  . CYS A 1 38 ? 0.62876   10.04764  3.07640   1.000 71.65639  ? 336 CYS A SG  1 
ATOM   286 N  N   . ASP A 1 39 ? 2.36714   8.56881   0.21414   1.000 75.65771  ? 337 ASP A N   1 
ATOM   287 C  CA  . ASP A 1 39 ? 2.62815   7.16271   -0.10751  1.000 87.66230  ? 337 ASP A CA  1 
ATOM   288 C  C   . ASP A 1 39 ? 2.33951   6.23427   1.06849   1.000 73.17033  ? 337 ASP A C   1 
ATOM   289 O  O   . ASP A 1 39 ? 2.98746   5.19374   1.22492   1.000 71.27033  ? 337 ASP A O   1 
ATOM   290 C  CB  . ASP A 1 39 ? 4.05780   6.95861   -0.62111  1.000 78.39692  ? 337 ASP A CB  1 
ATOM   291 C  CG  . ASP A 1 39 ? 4.14354   5.87795   -1.67853  1.000 103.82832 ? 337 ASP A CG  1 
ATOM   292 O  OD1 . ASP A 1 39 ? 5.04315   5.02391   -1.57584  1.000 124.11476 ? 337 ASP A OD1 1 
ATOM   293 O  OD2 . ASP A 1 39 ? 3.30902   5.87802   -2.60666  1.000 91.78154  ? 337 ASP A OD2 1 
ATOM   294 N  N   . MET A 1 40 ? 1.35884   6.59885   1.88763   1.000 79.71377  ? 338 MET A N   1 
ATOM   295 C  CA  . MET A 1 40 ? 0.80255   5.68154   2.86446   1.000 84.43869  ? 338 MET A CA  1 
ATOM   296 C  C   . MET A 1 40 ? -0.34997  4.91291   2.22667   1.000 68.18473  ? 338 MET A C   1 
ATOM   297 O  O   . MET A 1 40 ? -0.90320  5.31881   1.20166   1.000 69.03498  ? 338 MET A O   1 
ATOM   298 C  CB  . MET A 1 40 ? 0.32066   6.44199   4.09728   1.000 71.25403  ? 338 MET A CB  1 
ATOM   299 C  CG  . MET A 1 40 ? 1.39440   6.85748   5.13591   1.000 70.62420  ? 338 MET A CG  1 
ATOM   300 S  SD  . MET A 1 40 ? 2.62244   5.65479   5.72404   1.000 76.14466  ? 338 MET A SD  1 
ATOM   301 C  CE  . MET A 1 40 ? 3.85872   5.64737   4.42901   1.000 90.99987  ? 338 MET A CE  1 
ATOM   302 N  N   . ALA A 1 41 ? -0.70309  3.78820   2.84106   1.000 65.67744  ? 339 ALA A N   1 
ATOM   303 C  CA  . ALA A 1 41 ? -1.78260  2.94146   2.35519   1.000 66.58401  ? 339 ALA A CA  1 
ATOM   304 C  C   . ALA A 1 41 ? -3.00401  3.10883   3.24789   1.000 62.01269  ? 339 ALA A C   1 
ATOM   305 O  O   . ALA A 1 41 ? -2.87704  3.27558   4.46436   1.000 59.31697  ? 339 ALA A O   1 
ATOM   306 C  CB  . ALA A 1 41 ? -1.35529  1.47309   2.31212   1.000 65.94623  ? 339 ALA A CB  1 
ATOM   307 N  N   . PHE A 1 42 ? -4.18771  3.08538   2.63595   1.000 62.33736  ? 340 PHE A N   1 
ATOM   308 C  CA  . PHE A 1 42 ? -5.44376  3.29036   3.35023   1.000 71.18142  ? 340 PHE A CA  1 
ATOM   309 C  C   . PHE A 1 42 ? -6.50177  2.34055   2.81284   1.000 58.98180  ? 340 PHE A C   1 
ATOM   310 O  O   . PHE A 1 42 ? -6.82589  2.37762   1.62123   1.000 61.64178  ? 340 PHE A O   1 
ATOM   311 C  CB  . PHE A 1 42 ? -5.93466  4.73835   3.22883   1.000 61.06250  ? 340 PHE A CB  1 
ATOM   312 C  CG  . PHE A 1 42 ? -5.02244  5.74794   3.86203   1.000 63.44724  ? 340 PHE A CG  1 
ATOM   313 C  CD1 . PHE A 1 42 ? -3.88856  6.20010   3.20265   1.000 69.80968  ? 340 PHE A CD1 1 
ATOM   314 C  CD2 . PHE A 1 42 ? -5.29209  6.23321   5.13020   1.000 66.44799  ? 340 PHE A CD2 1 
ATOM   315 C  CE1 . PHE A 1 42 ? -3.05252  7.12163   3.79443   1.000 63.63914  ? 340 PHE A CE1 1 
ATOM   316 C  CE2 . PHE A 1 42 ? -4.46048  7.15550   5.72447   1.000 59.97637  ? 340 PHE A CE2 1 
ATOM   317 C  CZ  . PHE A 1 42 ? -3.34149  7.60406   5.05586   1.000 67.85703  ? 340 PHE A CZ  1 
ATOM   318 N  N   . HIS A 1 43 ? -7.03756  1.49847   3.69246   1.000 69.37093  ? 341 HIS A N   1 
ATOM   319 C  CA  . HIS A 1 43 ? -8.22738  0.72174   3.37352   1.000 67.25435  ? 341 HIS A CA  1 
ATOM   320 C  C   . HIS A 1 43 ? -9.35421  1.66290   2.98004   1.000 70.09936  ? 341 HIS A C   1 
ATOM   321 O  O   . HIS A 1 43 ? -9.68629  2.58412   3.73445   1.000 64.80518  ? 341 HIS A O   1 
ATOM   322 C  CB  . HIS A 1 43 ? -8.64981  -0.11022  4.58360   1.000 56.23174  ? 341 HIS A CB  1 
ATOM   323 C  CG  . HIS A 1 43 ? -7.88670  -1.38777  4.75044   1.000 62.29739  ? 341 HIS A CG  1 
ATOM   324 N  ND1 . HIS A 1 43 ? -7.22497  -1.70916  5.91708   1.000 63.85386  ? 341 HIS A ND1 1 
ATOM   325 C  CD2 . HIS A 1 43 ? -7.69396  -2.43166  3.91029   1.000 63.52460  ? 341 HIS A CD2 1 
ATOM   326 C  CE1 . HIS A 1 43 ? -6.65116  -2.89140  5.78523   1.000 68.49833  ? 341 HIS A CE1 1 
ATOM   327 N  NE2 . HIS A 1 43 ? -6.92170  -3.35245  4.57723   1.000 60.01919  ? 341 HIS A NE2 1 
ATOM   328 N  N   . ILE A 1 44 ? -9.94442  1.43710   1.80072   1.000 60.81739  ? 342 ILE A N   1 
ATOM   329 C  CA  . ILE A 1 44 ? -11.11677 2.22300   1.41558   1.000 63.04684  ? 342 ILE A CA  1 
ATOM   330 C  C   . ILE A 1 44 ? -12.18499 2.16317   2.49871   1.000 70.75760  ? 342 ILE A C   1 
ATOM   331 O  O   . ILE A 1 44 ? -12.93489 3.12890   2.69898   1.000 72.30469  ? 342 ILE A O   1 
ATOM   332 C  CB  . ILE A 1 44 ? -11.67673 1.76139   0.04915   1.000 59.44580  ? 342 ILE A CB  1 
ATOM   333 C  CG1 . ILE A 1 44 ? -12.42905 0.43486   0.18147   1.000 65.46475  ? 342 ILE A CG1 1 
ATOM   334 C  CG2 . ILE A 1 44 ? -10.57038 1.67625   -0.99147  1.000 69.96120  ? 342 ILE A CG2 1 
ATOM   335 C  CD1 . ILE A 1 44 ? -12.67368 -0.28284  -1.12721  1.000 65.29416  ? 342 ILE A CD1 1 
ATOM   336 N  N   . TYR A 1 45 ? -12.25999 1.04894   3.22905   1.000 64.33553  ? 343 TYR A N   1 
ATOM   337 C  CA  . TYR A 1 45 ? -13.24785 0.89463   4.28600   1.000 71.84814  ? 343 TYR A CA  1 
ATOM   338 C  C   . TYR A 1 45 ? -12.75603 1.37956   5.64474   1.000 67.70998  ? 343 TYR A C   1 
ATOM   339 O  O   . TYR A 1 45 ? -13.49651 1.27466   6.62955   1.000 74.50878  ? 343 TYR A O   1 
ATOM   340 C  CB  . TYR A 1 45 ? -13.71244 -0.56486  4.39010   1.000 63.88113  ? 343 TYR A CB  1 
ATOM   341 C  CG  . TYR A 1 45 ? -12.64222 -1.64403  4.41388   1.000 61.97408  ? 343 TYR A CG  1 
ATOM   342 C  CD1 . TYR A 1 45 ? -12.00802 -1.99599  5.59977   1.000 61.43541  ? 343 TYR A CD1 1 
ATOM   343 C  CD2 . TYR A 1 45 ? -12.32467 -2.36450  3.26538   1.000 63.18873  ? 343 TYR A CD2 1 
ATOM   344 C  CE1 . TYR A 1 45 ? -11.05165 -2.99867  5.63295   1.000 56.06438  ? 343 TYR A CE1 1 
ATOM   345 C  CE2 . TYR A 1 45 ? -11.37175 -3.37351  3.28970   1.000 58.15269  ? 343 TYR A CE2 1 
ATOM   346 C  CZ  . TYR A 1 45 ? -10.74173 -3.68908  4.47814   1.000 58.56133  ? 343 TYR A CZ  1 
ATOM   347 O  OH  . TYR A 1 45 ? -9.79308  -4.68571  4.50646   1.000 63.15789  ? 343 TYR A OH  1 
ATOM   348 N  N   . CYS A 1 46 ? -11.53500 1.90695   5.72264   1.000 69.85437  ? 344 CYS A N   1 
ATOM   349 C  CA  . CYS A 1 46 ? -11.06890 2.58743   6.92126   1.000 79.51600  ? 344 CYS A CA  1 
ATOM   350 C  C   . CYS A 1 46 ? -11.25264 4.09374   6.85505   1.000 70.07233  ? 344 CYS A C   1 
ATOM   351 O  O   . CYS A 1 46 ? -11.32347 4.74104   7.90442   1.000 72.51314  ? 344 CYS A O   1 
ATOM   352 C  CB  . CYS A 1 46 ? -9.59377  2.26885   7.17431   1.000 74.59459  ? 344 CYS A CB  1 
ATOM   353 S  SG  . CYS A 1 46 ? -9.35527  0.66325   7.94906   1.000 66.16912  ? 344 CYS A SG  1 
ATOM   354 N  N   . LEU A 1 47 ? -11.33196 4.65605   5.65369   1.000 80.39538  ? 345 LEU A N   1 
ATOM   355 C  CA  . LEU A 1 47 ? -11.61878 6.07315   5.49243   1.000 75.20822  ? 345 LEU A CA  1 
ATOM   356 C  C   . LEU A 1 47 ? -12.96238 6.42058   6.12219   1.000 82.84175  ? 345 LEU A C   1 
ATOM   357 O  O   . LEU A 1 47 ? -13.87860 5.59547   6.17352   1.000 87.26552  ? 345 LEU A O   1 
ATOM   358 C  CB  . LEU A 1 47 ? -11.62233 6.42995   4.00526   1.000 62.30408  ? 345 LEU A CB  1 
ATOM   359 C  CG  . LEU A 1 47 ? -10.26233 6.22331   3.34100   1.000 65.30755  ? 345 LEU A CG  1 
ATOM   360 C  CD1 . LEU A 1 47 ? -10.35982 6.32020   1.82362   1.000 58.50768  ? 345 LEU A CD1 1 
ATOM   361 C  CD2 . LEU A 1 47 ? -9.27083  7.23438   3.88059   1.000 68.32426  ? 345 LEU A CD2 1 
ATOM   362 N  N   . ASP A 1 48 ? -13.06988 7.64869   6.61804   1.000 80.83312  ? 346 ASP A N   1 
ATOM   363 C  CA  . ASP A 1 48 ? -14.31983 8.17312   7.17102   1.000 92.32281  ? 346 ASP A CA  1 
ATOM   364 C  C   . ASP A 1 48 ? -14.69516 9.37526   6.31625   1.000 91.81910  ? 346 ASP A C   1 
ATOM   365 O  O   . ASP A 1 48 ? -14.05627 10.43946  6.43482   1.000 88.80766  ? 346 ASP A O   1 
ATOM   366 C  CB  . ASP A 1 48 ? -14.14322 8.55410   8.64563   1.000 92.69185  ? 346 ASP A CB  1 
ATOM   367 C  CG  . ASP A 1 48 ? -15.32025 9.35158   9.22994   1.000 110.85823 ? 346 ASP A CG  1 
ATOM   368 O  OD1 . ASP A 1 48 ? -15.28878 9.59071   10.45542  1.000 124.08289 ? 346 ASP A OD1 1 
ATOM   369 O  OD2 . ASP A 1 48 ? -16.27889 9.71862   8.51582   1.000 116.62674 ? 346 ASP A OD2 1 
ATOM   370 N  N   . PRO A 1 49 ? -15.70057 9.26680   5.43758   1.000 91.46790  ? 347 PRO A N   1 
ATOM   371 C  CA  . PRO A 1 49 ? -16.59502 8.12228   5.21859   1.000 85.53479  ? 347 PRO A CA  1 
ATOM   372 C  C   . PRO A 1 49 ? -15.93048 7.03872   4.37522   1.000 88.39512  ? 347 PRO A C   1 
ATOM   373 O  O   . PRO A 1 49 ? -14.95797 7.31460   3.67659   1.000 87.42345  ? 347 PRO A O   1 
ATOM   374 C  CB  . PRO A 1 49 ? -17.79862 8.76007   4.49765   1.000 81.63016  ? 347 PRO A CB  1 
ATOM   375 C  CG  . PRO A 1 49 ? -17.35352 10.17032  4.06491   1.000 85.56211  ? 347 PRO A CG  1 
ATOM   376 C  CD  . PRO A 1 49 ? -15.88745 10.27904  4.38911   1.000 82.87151  ? 347 PRO A CD  1 
ATOM   377 N  N   . PRO A 1 50 ? -16.40905 5.79607   4.42345   1.000 84.01071  ? 348 PRO A N   1 
ATOM   378 C  CA  . PRO A 1 50 ? -15.78502 4.74655   3.61199   1.000 78.04294  ? 348 PRO A CA  1 
ATOM   379 C  C   . PRO A 1 50 ? -16.14009 4.90278   2.14290   1.000 76.90580  ? 348 PRO A C   1 
ATOM   380 O  O   . PRO A 1 50 ? -17.24896 5.31132   1.79040   1.000 83.97617  ? 348 PRO A O   1 
ATOM   381 C  CB  . PRO A 1 50 ? -16.36428 3.45160   4.19391   1.000 77.62276  ? 348 PRO A CB  1 
ATOM   382 C  CG  . PRO A 1 50 ? -17.64566 3.85733   4.82390   1.000 83.96018  ? 348 PRO A CG  1 
ATOM   383 C  CD  . PRO A 1 50 ? -17.44214 5.25805   5.32548   1.000 70.80212  ? 348 PRO A CD  1 
ATOM   384 N  N   . LEU A 1 51 ? -15.17514 4.58705   1.28550   1.000 74.13741  ? 349 LEU A N   1 
ATOM   385 C  CA  . LEU A 1 51 ? -15.40364 4.52491   -0.15002  1.000 81.54596  ? 349 LEU A CA  1 
ATOM   386 C  C   . LEU A 1 51 ? -15.85973 3.12006   -0.51794  1.000 86.52189  ? 349 LEU A C   1 
ATOM   387 O  O   . LEU A 1 51 ? -15.19476 2.13596   -0.17966  1.000 94.12911  ? 349 LEU A O   1 
ATOM   388 C  CB  . LEU A 1 51 ? -14.13558 4.89249   -0.92342  1.000 76.81422  ? 349 LEU A CB  1 
ATOM   389 C  CG  . LEU A 1 51 ? -13.44905 6.21117   -0.55828  1.000 76.41745  ? 349 LEU A CG  1 
ATOM   390 C  CD1 . LEU A 1 51 ? -12.16611 6.39860   -1.35657  1.000 77.97188  ? 349 LEU A CD1 1 
ATOM   391 C  CD2 . LEU A 1 51 ? -14.39588 7.38686   -0.78903  1.000 73.50065  ? 349 LEU A CD2 1 
ATOM   392 N  N   . SER A 1 52 ? -16.99124 3.02893   -1.21100  1.000 88.27281  ? 350 SER A N   1 
ATOM   393 C  CA  . SER A 1 52 ? -17.52478 1.72671   -1.58527  1.000 90.23936  ? 350 SER A CA  1 
ATOM   394 C  C   . SER A 1 52 ? -16.73962 1.05797   -2.70455  1.000 79.07703  ? 350 SER A C   1 
ATOM   395 O  O   . SER A 1 52 ? -17.06767 -0.07758  -3.06414  1.000 94.20050  ? 350 SER A O   1 
ATOM   396 C  CB  . SER A 1 52 ? -18.98911 1.87093   -1.99704  1.000 84.41406  ? 350 SER A CB  1 
ATOM   397 O  OG  . SER A 1 52 ? -19.16149 2.97894   -2.86366  1.000 102.59196 ? 350 SER A OG  1 
ATOM   398 N  N   . SER A 1 53 ? -15.71817 1.71317   -3.24874  1.000 79.44551  ? 351 SER A N   1 
ATOM   399 C  CA  . SER A 1 53 ? -14.98111 1.19429   -4.39286  1.000 87.11676  ? 351 SER A CA  1 
ATOM   400 C  C   . SER A 1 53 ? -13.68995 1.98898   -4.53759  1.000 84.18773  ? 351 SER A C   1 
ATOM   401 O  O   . SER A 1 53 ? -13.49317 3.02087   -3.88961  1.000 89.55063  ? 351 SER A O   1 
ATOM   402 C  CB  . SER A 1 53 ? -15.82187 1.26987   -5.66892  1.000 86.77497  ? 351 SER A CB  1 
ATOM   403 O  OG  . SER A 1 53 ? -15.01809 1.56435   -6.79541  1.000 95.78673  ? 351 SER A OG  1 
ATOM   404 N  N   . VAL A 1 54 ? -12.80740 1.48637   -5.39456  1.000 78.29487  ? 352 VAL A N   1 
ATOM   405 C  CA  . VAL A 1 54 ? -11.53831 2.14865   -5.68471  1.000 67.49834  ? 352 VAL A CA  1 
ATOM   406 C  C   . VAL A 1 54 ? -11.80290 3.28879   -6.66142  1.000 88.03468  ? 352 VAL A C   1 
ATOM   407 O  O   . VAL A 1 54 ? -12.38403 3.06065   -7.73271  1.000 102.15978 ? 352 VAL A O   1 
ATOM   408 C  CB  . VAL A 1 54 ? -10.50430 1.15376   -6.23619  1.000 71.68920  ? 352 VAL A CB  1 
ATOM   409 C  CG1 . VAL A 1 54 ? -9.29398  1.88815   -6.76098  1.000 64.62454  ? 352 VAL A CG1 1 
ATOM   410 C  CG2 . VAL A 1 54 ? -10.09047 0.16660   -5.15217  1.000 69.05566  ? 352 VAL A CG2 1 
ATOM   411 N  N   . PRO A 1 55 ? -11.41305 4.52048   -6.32638  1.000 92.46780  ? 353 PRO A N   1 
ATOM   412 C  CA  . PRO A 1 55 ? -11.74721 5.67599   -7.17081  1.000 98.34229  ? 353 PRO A CA  1 
ATOM   413 C  C   . PRO A 1 55 ? -11.33368 5.49009   -8.62711  1.000 101.73079 ? 353 PRO A C   1 
ATOM   414 O  O   . PRO A 1 55 ? -10.40428 4.74213   -8.94646  1.000 89.27748  ? 353 PRO A O   1 
ATOM   415 C  CB  . PRO A 1 55 ? -10.97737 6.83131   -6.51726  1.000 88.51752  ? 353 PRO A CB  1 
ATOM   416 C  CG  . PRO A 1 55 ? -10.60344 6.35612   -5.12914  1.000 79.56731  ? 353 PRO A CG  1 
ATOM   417 C  CD  . PRO A 1 55 ? -10.97682 4.91455   -4.97722  1.000 92.85107  ? 353 PRO A CD  1 
ATOM   418 N  N   . SER A 1 56 ? -12.05085 6.18757   -9.50971  1.000 108.59437 ? 354 SER A N   1 
ATOM   419 C  CA  . SER A 1 56 ? -11.86700 6.08422   -10.95099 1.000 110.28207 ? 354 SER A CA  1 
ATOM   420 C  C   . SER A 1 56 ? -10.93879 7.15274   -11.51183 1.000 104.00498 ? 354 SER A C   1 
ATOM   421 O  O   . SER A 1 56 ? -10.84111 7.29088   -12.73735 1.000 111.53061 ? 354 SER A O   1 
ATOM   422 C  CB  . SER A 1 56 ? -13.22469 6.16651   -11.65207 1.000 111.00098 ? 354 SER A CB  1 
ATOM   423 O  OG  . SER A 1 56 ? -14.28243 6.14772   -10.69750 1.000 106.10914 ? 354 SER A OG  1 
ATOM   424 N  N   . GLU A 1 57 ? -10.26808 7.90938   -10.64933 1.000 107.61562 ? 355 GLU A N   1 
ATOM   425 C  CA  . GLU A 1 57 ? -9.42554  9.01314   -11.07748 1.000 103.50861 ? 355 GLU A CA  1 
ATOM   426 C  C   . GLU A 1 57 ? -7.99627  8.52700   -11.32053 1.000 106.14050 ? 355 GLU A C   1 
ATOM   427 O  O   . GLU A 1 57 ? -7.71139  7.32621   -11.35112 1.000 108.51757 ? 355 GLU A O   1 
ATOM   428 C  CB  . GLU A 1 57 ? -9.45683  10.15524  -10.05663 1.000 85.15823  ? 355 GLU A CB  1 
ATOM   429 C  CG  . GLU A 1 57 ? -10.81188 10.85383  -9.81057  1.000 87.56816  ? 355 GLU A CG  1 
ATOM   430 C  CD  . GLU A 1 57 ? -11.93707 9.96200   -9.29508  1.000 106.55897 ? 355 GLU A CD  1 
ATOM   431 O  OE1 . GLU A 1 57 ? -11.73570 8.74881   -9.08646  1.000 116.07835 ? 355 GLU A OE1 1 
ATOM   432 O  OE2 . GLU A 1 57 ? -13.05175 10.49165  -9.11136  1.000 106.65250 ? 355 GLU A OE2 1 
ATOM   433 N  N   . ASP A 1 58 ? -7.07533  9.47650   -11.49403 1.000 104.10251 ? 356 ASP A N   1 
ATOM   434 C  CA  . ASP A 1 58 ? -5.67578  9.17473   -11.75248 1.000 112.10141 ? 356 ASP A CA  1 
ATOM   435 C  C   . ASP A 1 58 ? -4.78029  9.42239   -10.55157 1.000 111.93500 ? 356 ASP A C   1 
ATOM   436 O  O   . ASP A 1 58 ? -3.66754  8.88684   -10.50771 1.000 115.54063 ? 356 ASP A O   1 
ATOM   437 C  CB  . ASP A 1 58 ? -5.16165  10.00909  -12.93366 1.000 118.11692 ? 356 ASP A CB  1 
ATOM   438 C  CG  . ASP A 1 58 ? -5.76302  11.39413  -12.96031 1.000 123.47405 ? 356 ASP A CG  1 
ATOM   439 O  OD1 . ASP A 1 58 ? -5.72028  12.04648  -14.02159 1.000 111.87717 ? 356 ASP A OD1 1 
ATOM   440 O  OD2 . ASP A 1 58 ? -6.27629  11.83328  -11.90991 1.000 120.81648 ? 356 ASP A OD2 1 
ATOM   441 N  N   . GLU A 1 59 ? -5.23161  10.22757  -9.59337  1.000 103.13675 ? 357 GLU A N   1 
ATOM   442 C  CA  . GLU A 1 59 ? -4.50636  10.45863  -8.35605  1.000 94.77658  ? 357 GLU A CA  1 
ATOM   443 C  C   . GLU A 1 59 ? -5.50304  10.53413  -7.20799  1.000 97.32725  ? 357 GLU A C   1 
ATOM   444 O  O   . GLU A 1 59 ? -6.68746  10.81853  -7.40329  1.000 100.58967 ? 357 GLU A O   1 
ATOM   445 C  CB  . GLU A 1 59 ? -3.64640  11.73305  -8.43188  1.000 93.19232  ? 357 GLU A CB  1 
ATOM   446 C  CG  . GLU A 1 59 ? -4.25839  12.84585  -9.27412  1.000 102.21042 ? 357 GLU A CG  1 
ATOM   447 C  CD  . GLU A 1 59 ? -3.68479  14.21443  -8.96162  1.000 122.98147 ? 357 GLU A CD  1 
ATOM   448 O  OE1 . GLU A 1 59 ? -2.70614  14.29401  -8.19268  1.000 114.35401 ? 357 GLU A OE1 1 
ATOM   449 O  OE2 . GLU A 1 59 ? -4.21201  15.21492  -9.48900  1.000 130.93558 ? 357 GLU A OE2 1 
ATOM   450 N  N   . TRP A 1 60 ? -5.01024  10.25427  -6.00353  1.000 86.21135  ? 358 TRP A N   1 
ATOM   451 C  CA  . TRP A 1 60 ? -5.83627  10.28109  -4.80575  1.000 83.67342  ? 358 TRP A CA  1 
ATOM   452 C  C   . TRP A 1 60 ? -4.98118  10.76670  -3.65002  1.000 74.03547  ? 358 TRP A C   1 
ATOM   453 O  O   . TRP A 1 60 ? -3.78250  10.47867  -3.59598  1.000 76.26536  ? 358 TRP A O   1 
ATOM   454 C  CB  . TRP A 1 60 ? -6.41570  8.89782   -4.48995  1.000 75.54053  ? 358 TRP A CB  1 
ATOM   455 C  CG  . TRP A 1 60 ? -7.13123  8.79430   -3.16670  1.000 70.17273  ? 358 TRP A CG  1 
ATOM   456 C  CD1 . TRP A 1 60 ? -8.43908  9.09389   -2.91740  1.000 65.21021  ? 358 TRP A CD1 1 
ATOM   457 C  CD2 . TRP A 1 60 ? -6.58012  8.34399   -1.91991  1.000 68.77774  ? 358 TRP A CD2 1 
ATOM   458 N  NE1 . TRP A 1 60 ? -8.73545  8.86234   -1.59432  1.000 68.58273  ? 358 TRP A NE1 1 
ATOM   459 C  CE2 . TRP A 1 60 ? -7.61148  8.40216   -0.96121  1.000 58.01770  ? 358 TRP A CE2 1 
ATOM   460 C  CE3 . TRP A 1 60 ? -5.31537  7.90097   -1.52134  1.000 74.68919  ? 358 TRP A CE3 1 
ATOM   461 C  CZ2 . TRP A 1 60 ? -7.41709  8.03597   0.36960   1.000 57.94216  ? 358 TRP A CZ2 1 
ATOM   462 C  CZ3 . TRP A 1 60 ? -5.12642  7.53268   -0.19663  1.000 63.43038  ? 358 TRP A CZ3 1 
ATOM   463 C  CH2 . TRP A 1 60 ? -6.17225  7.60353   0.73054   1.000 59.01327  ? 358 TRP A CH2 1 
ATOM   464 N  N   . TYR A 1 61 ? -5.59728  11.50280  -2.73189  1.000 76.95779  ? 359 TYR A N   1 
ATOM   465 C  CA  . TYR A 1 61 ? -4.87968  12.04567  -1.59092  1.000 76.84569  ? 359 TYR A CA  1 
ATOM   466 C  C   . TYR A 1 61 ? -5.62494  11.72830  -0.30481  1.000 76.43155  ? 359 TYR A C   1 
ATOM   467 O  O   . TYR A 1 61 ? -6.85061  11.86094  -0.23267  1.000 76.31377  ? 359 TYR A O   1 
ATOM   468 C  CB  . TYR A 1 61 ? -4.66648  13.54777  -1.74955  1.000 94.15301  ? 359 TYR A CB  1 
ATOM   469 C  CG  . TYR A 1 61 ? -3.76831  13.87181  -2.91858  1.000 84.04948  ? 359 TYR A CG  1 
ATOM   470 C  CD1 . TYR A 1 61 ? -2.38920  13.75363  -2.80878  1.000 92.91945  ? 359 TYR A CD1 1 
ATOM   471 C  CD2 . TYR A 1 61 ? -4.29706  14.27532  -4.13697  1.000 79.72719  ? 359 TYR A CD2 1 
ATOM   472 C  CE1 . TYR A 1 61 ? -1.56068  14.03877  -3.87569  1.000 83.48559  ? 359 TYR A CE1 1 
ATOM   473 C  CE2 . TYR A 1 61 ? -3.47689  14.56297  -5.20896  1.000 89.99532  ? 359 TYR A CE2 1 
ATOM   474 C  CZ  . TYR A 1 61 ? -2.10997  14.44191  -5.07401  1.000 94.71032  ? 359 TYR A CZ  1 
ATOM   475 O  OH  . TYR A 1 61 ? -1.28682  14.72977  -6.13816  1.000 99.54572  ? 359 TYR A OH  1 
ATOM   476 N  N   . CYS A 1 62 ? -4.86436  11.30931  0.70689   1.000 76.04125  ? 360 CYS A N   1 
ATOM   477 C  CA  . CYS A 1 62 ? -5.41552  10.81877  1.95464   1.000 76.85413  ? 360 CYS A CA  1 
ATOM   478 C  C   . CYS A 1 62 ? -5.97331  11.97484  2.77966   1.000 75.99172  ? 360 CYS A C   1 
ATOM   479 O  O   . CYS A 1 62 ? -5.71704  13.14393  2.48390   1.000 82.77561  ? 360 CYS A O   1 
ATOM   480 C  CB  . CYS A 1 62 ? -4.33956  10.05478  2.72667   1.000 62.99550  ? 360 CYS A CB  1 
ATOM   481 S  SG  . CYS A 1 62 ? -3.11767  11.07196  3.58585   1.000 73.29673  ? 360 CYS A SG  1 
ATOM   482 N  N   . PRO A 1 63 ? -6.75746  11.67628  3.82298   1.000 75.92502  ? 361 PRO A N   1 
ATOM   483 C  CA  . PRO A 1 63 ? -7.28508  12.75087  4.68180   1.000 63.65170  ? 361 PRO A CA  1 
ATOM   484 C  C   . PRO A 1 63 ? -6.22125  13.56922  5.40181   1.000 84.22133  ? 361 PRO A C   1 
ATOM   485 O  O   . PRO A 1 63 ? -6.55513  14.63640  5.93357   1.000 76.71549  ? 361 PRO A O   1 
ATOM   486 C  CB  . PRO A 1 63 ? -8.15641  11.99310  5.68989   1.000 67.45645  ? 361 PRO A CB  1 
ATOM   487 C  CG  . PRO A 1 63 ? -8.59118  10.78057  4.96038   1.000 62.86987  ? 361 PRO A CG  1 
ATOM   488 C  CD  . PRO A 1 63 ? -7.42281  10.38766  4.09608   1.000 62.84620  ? 361 PRO A CD  1 
ATOM   489 N  N   . GLU A 1 64 ? -4.97021  13.11226  5.45563   1.000 73.60046  ? 362 GLU A N   1 
ATOM   490 C  CA  . GLU A 1 64 ? -3.92307  13.86915  6.12972   1.000 71.80099  ? 362 GLU A CA  1 
ATOM   491 C  C   . GLU A 1 64 ? -3.23674  14.87678  5.22218   1.000 92.29927  ? 362 GLU A C   1 
ATOM   492 O  O   . GLU A 1 64 ? -2.69421  15.87059  5.72052   1.000 86.22563  ? 362 GLU A O   1 
ATOM   493 C  CB  . GLU A 1 64 ? -2.87478  12.91914  6.71409   1.000 69.92727  ? 362 GLU A CB  1 
ATOM   494 C  CG  . GLU A 1 64 ? -3.33866  12.16887  7.94341   1.000 70.10027  ? 362 GLU A CG  1 
ATOM   495 C  CD  . GLU A 1 64 ? -2.34876  11.12194  8.40006   1.000 68.71530  ? 362 GLU A CD  1 
ATOM   496 O  OE1 . GLU A 1 64 ? -1.25813  11.01961  7.79775   1.000 64.38225  ? 362 GLU A OE1 1 
ATOM   497 O  OE2 . GLU A 1 64 ? -2.67228  10.40053  9.36590   1.000 63.89011  ? 362 GLU A OE2 1 
ATOM   498 N  N   . CYS A 1 65 ? -3.25837  14.65038  3.90994   1.000 85.06648  ? 363 CYS A N   1 
ATOM   499 C  CA  . CYS A 1 65 ? -2.59988  15.53514  2.96045   1.000 81.75760  ? 363 CYS A CA  1 
ATOM   500 C  C   . CYS A 1 65 ? -3.54786  16.52328  2.29140   1.000 86.05795  ? 363 CYS A C   1 
ATOM   501 O  O   . CYS A 1 65 ? -3.08015  17.52138  1.73106   1.000 111.13595 ? 363 CYS A O   1 
ATOM   502 C  CB  . CYS A 1 65 ? -1.88630  14.70889  1.88282   1.000 69.94092  ? 363 CYS A CB  1 
ATOM   503 S  SG  . CYS A 1 65 ? -0.61120  13.60328  2.53638   1.000 67.33404  ? 363 CYS A SG  1 
ATOM   504 N  N   . ARG A 1 66 ? -4.85393  16.27487  2.33001   1.000 89.83967  ? 364 ARG A N   1 
ATOM   505 C  CA  . ARG A 1 66 ? -5.82666  17.20754  1.76729   1.000 96.44906  ? 364 ARG A CA  1 
ATOM   506 C  C   . ARG A 1 66 ? -6.11525  18.34432  2.74274   1.000 86.70672  ? 364 ARG A C   1 
ATOM   507 O  O   . ARG A 1 66 ? -5.97165  18.18674  3.95682   1.000 83.65913  ? 364 ARG A O   1 
ATOM   508 C  CB  . ARG A 1 66 ? -7.12933  16.48919  1.40880   1.000 83.90127  ? 364 ARG A CB  1 
ATOM   509 C  CG  . ARG A 1 66 ? -7.02166  15.52988  0.23351   1.000 91.15079  ? 364 ARG A CG  1 
ATOM   510 C  CD  . ARG A 1 66 ? -8.35182  15.40123  -0.50368  1.000 101.82379 ? 364 ARG A CD  1 
ATOM   511 N  NE  . ARG A 1 66 ? -8.21579  15.60443  -1.94234  1.000 110.68822 ? 364 ARG A NE  1 
ATOM   512 C  CZ  . ARG A 1 66 ? -8.96884  16.42189  -2.66653  1.000 120.89236 ? 364 ARG A CZ  1 
ATOM   513 N  NH1 . ARG A 1 66 ? -9.92069  17.15798  -2.11345  1.000 119.59336 ? 364 ARG A NH1 1 
ATOM   514 N  NH2 . ARG A 1 66 ? -8.76876  16.49329  -3.98106  1.000 105.62417 ? 364 ARG A NH2 1 
ATOM   515 N  N   . GLY B 2 4  ? -3.73811  6.60767   -12.75467 1.000 97.29694  ? 84  GLY B N   1 
ATOM   516 C  CA  . GLY B 2 4  ? -4.63784  5.77557   -11.97628 1.000 104.49341 ? 84  GLY B CA  1 
ATOM   517 C  C   . GLY B 2 4  ? -4.27274  5.74375   -10.50602 1.000 113.08830 ? 84  GLY B C   1 
ATOM   518 O  O   . GLY B 2 4  ? -3.09334  5.75883   -10.15592 1.000 141.88465 ? 84  GLY B O   1 
ATOM   519 N  N   . VAL B 2 5  ? -5.29558  5.73419   -9.64604  1.000 107.88618 ? 85  VAL B N   1 
ATOM   520 C  CA  . VAL B 2 5  ? -5.07732  5.51759   -8.22208  1.000 91.43348  ? 85  VAL B CA  1 
ATOM   521 C  C   . VAL B 2 5  ? -4.31999  4.21753   -8.04289  1.000 93.98603  ? 85  VAL B C   1 
ATOM   522 O  O   . VAL B 2 5  ? -4.68621  3.18512   -8.61480  1.000 77.54874  ? 85  VAL B O   1 
ATOM   523 C  CB  . VAL B 2 5  ? -6.41828  5.50164   -7.46471  1.000 79.73882  ? 85  VAL B CB  1 
ATOM   524 C  CG1 . VAL B 2 5  ? -7.04744  6.87756   -7.47726  1.000 86.06991  ? 85  VAL B CG1 1 
ATOM   525 C  CG2 . VAL B 2 5  ? -7.36603  4.49839   -8.09965  1.000 107.88515 ? 85  VAL B CG2 1 
ATOM   526 N  N   . ARG B 2 6  ? -3.23310  4.26883   -7.28532  1.000 83.46940  ? 86  ARG B N   1 
ATOM   527 C  CA  . ARG B 2 6  ? -2.44674  3.07472   -7.02656  1.000 75.83485  ? 86  ARG B CA  1 
ATOM   528 C  C   . ARG B 2 6  ? -2.93931  2.39697   -5.75895  1.000 73.76458  ? 86  ARG B C   1 
ATOM   529 O  O   . ARG B 2 6  ? -3.32156  3.06017   -4.79198  1.000 80.22299  ? 86  ARG B O   1 
ATOM   530 C  CB  . ARG B 2 6  ? -0.95984  3.40729   -6.90396  1.000 71.96401  ? 86  ARG B CB  1 
ATOM   531 C  CG  . ARG B 2 6  ? -0.43948  4.27140   -8.03407  1.000 81.31920  ? 86  ARG B CG  1 
ATOM   532 C  CD  . ARG B 2 6  ? 0.90241   4.86068   -7.68368  1.000 84.21247  ? 86  ARG B CD  1 
ATOM   533 N  NE  . ARG B 2 6  ? 0.81041   5.65702   -6.46851  1.000 86.52128  ? 86  ARG B NE  1 
ATOM   534 C  CZ  . ARG B 2 6  ? 1.68960   5.61529   -5.47857  1.000 79.48665  ? 86  ARG B CZ  1 
ATOM   535 N  NH1 . ARG B 2 6  ? 2.76268   4.84312   -5.54003  1.000 85.11797  ? 86  ARG B NH1 1 
ATOM   536 N  NH2 . ARG B 2 6  ? 1.48657   6.36702   -4.40041  1.000 76.09164  ? 86  ARG B NH2 1 
ATOM   537 N  N   . THR B 2 7  ? -2.94864  1.07158   -5.78038  1.000 65.46082  ? 87  THR B N   1 
ATOM   538 C  CA  . THR B 2 7  ? -3.27660  0.26932   -4.61675  1.000 57.89244  ? 87  THR B CA  1 
ATOM   539 C  C   . THR B 2 7  ? -1.99464  -0.30055  -4.02442  1.000 67.55047  ? 87  THR B C   1 
ATOM   540 O  O   . THR B 2 7  ? -0.96274  -0.39097  -4.69635  1.000 71.68089  ? 87  THR B O   1 
ATOM   541 C  CB  . THR B 2 7  ? -4.24414  -0.86514  -4.98144  1.000 67.20059  ? 87  THR B CB  1 
ATOM   542 O  OG1 . THR B 2 7  ? -3.63219  -1.72640  -5.94849  1.000 68.31586  ? 87  THR B OG1 1 
ATOM   543 C  CG2 . THR B 2 7  ? -5.52777  -0.30411  -5.56936  1.000 54.63188  ? 87  THR B CG2 1 
ATOM   544 N  N   . LEU B 2 8  ? -2.06596  -0.66886  -2.74261  1.000 64.03873  ? 88  LEU B N   1 
ATOM   545 C  CA  . LEU B 2 8  ? -0.96442  -1.40037  -2.12458  1.000 61.76440  ? 88  LEU B CA  1 
ATOM   546 C  C   . LEU B 2 8  ? -0.60891  -2.63460  -2.94075  1.000 68.92589  ? 88  LEU B C   1 
ATOM   547 O  O   . LEU B 2 8  ? 0.57194   -2.95938  -3.12055  1.000 71.27777  ? 88  LEU B O   1 
ATOM   548 C  CB  . LEU B 2 8  ? -1.33641  -1.80217  -0.69713  1.000 49.06231  ? 88  LEU B CB  1 
ATOM   549 C  CG  . LEU B 2 8  ? -0.19021  -2.40229  0.12224   1.000 56.83122  ? 88  LEU B CG  1 
ATOM   550 C  CD1 . LEU B 2 8  ? 0.92799   -1.39355  0.29734   1.000 61.73108  ? 88  LEU B CD1 1 
ATOM   551 C  CD2 . LEU B 2 8  ? -0.67649  -2.91875  1.48001   1.000 58.89028  ? 88  LEU B CD2 1 
ATOM   552 N  N   . LEU B 2 9  ? -1.63000  -3.32923  -3.44669  1.000 66.70278  ? 89  LEU B N   1 
ATOM   553 C  CA  . LEU B 2 9  ? -1.41326  -4.52038  -4.25987  1.000 67.91566  ? 89  LEU B CA  1 
ATOM   554 C  C   . LEU B 2 9  ? -0.55725  -4.20704  -5.47882  1.000 71.34566  ? 89  LEU B C   1 
ATOM   555 O  O   . LEU B 2 9  ? 0.43091   -4.89822  -5.75412  1.000 71.65566  ? 89  LEU B O   1 
ATOM   556 C  CB  . LEU B 2 9  ? -2.75711  -5.09691  -4.69829  1.000 70.45181  ? 89  LEU B CB  1 
ATOM   557 C  CG  . LEU B 2 9  ? -2.65978  -6.35566  -5.55618  1.000 72.14212  ? 89  LEU B CG  1 
ATOM   558 C  CD1 . LEU B 2 9  ? -2.07140  -7.48212  -4.74945  1.000 62.09080  ? 89  LEU B CD1 1 
ATOM   559 C  CD2 . LEU B 2 9  ? -4.01611  -6.74446  -6.12898  1.000 72.17833  ? 89  LEU B CD2 1 
ATOM   560 N  N   . SER B 2 10 ? -0.93010  -3.16338  -6.22525  1.000 67.47566  ? 90  SER B N   1 
ATOM   561 C  CA  . SER B 2 10 ? -0.17747  -2.79075  -7.41863  1.000 72.70566  ? 90  SER B CA  1 
ATOM   562 C  C   . SER B 2 10 ? 1.28324   -2.53449  -7.08585  1.000 81.38566  ? 90  SER B C   1 
ATOM   563 O  O   . SER B 2 10 ? 2.18175   -2.99293  -7.80045  1.000 80.73566  ? 90  SER B O   1 
ATOM   564 C  CB  . SER B 2 10 ? -0.79448  -1.54904  -8.06293  1.000 72.12227  ? 90  SER B CB  1 
ATOM   565 O  OG  . SER B 2 10 ? -1.07233  -0.55084  -7.08888  1.000 76.88730  ? 90  SER B OG  1 
ATOM   566 N  N   . VAL B 2 11 ? 1.53504   -1.80291  -5.99858  1.000 70.43453  ? 91  VAL B N   1 
ATOM   567 C  CA  . VAL B 2 11 ? 2.90353   -1.51602  -5.58069  1.000 64.59965  ? 91  VAL B CA  1 
ATOM   568 C  C   . VAL B 2 11 ? 3.62906   -2.80450  -5.22132  1.000 68.68780  ? 91  VAL B C   1 
ATOM   569 O  O   . VAL B 2 11 ? 4.79425   -3.00185  -5.58714  1.000 69.78036  ? 91  VAL B O   1 
ATOM   570 C  CB  . VAL B 2 11 ? 2.89846   -0.52147  -4.40458  1.000 70.14130  ? 91  VAL B CB  1 
ATOM   571 C  CG1 . VAL B 2 11 ? 4.31964   -0.19992  -3.96249  1.000 61.79655  ? 91  VAL B CG1 1 
ATOM   572 C  CG2 . VAL B 2 11 ? 2.13923   0.74186   -4.78331  1.000 58.31566  ? 91  VAL B CG2 1 
ATOM   573 N  N   . GLN B 2 12 ? 2.95109   -3.70551  -4.50546  1.000 67.40933  ? 92  GLN B N   1 
ATOM   574 C  CA  . GLN B 2 12 ? 3.57856   -4.96722  -4.12278  1.000 67.91653  ? 92  GLN B CA  1 
ATOM   575 C  C   . GLN B 2 12 ? 3.92863   -5.80655  -5.34594  1.000 67.22575  ? 92  GLN B C   1 
ATOM   576 O  O   . GLN B 2 12 ? 4.98302   -6.45201  -5.38587  1.000 70.99834  ? 92  GLN B O   1 
ATOM   577 C  CB  . GLN B 2 12 ? 2.65922   -5.75214  -3.18600  1.000 68.48583  ? 92  GLN B CB  1 
ATOM   578 C  CG  . GLN B 2 12 ? 2.65083   -5.25562  -1.74641  1.000 67.01290  ? 92  GLN B CG  1 
ATOM   579 C  CD  . GLN B 2 12 ? 1.37375   -5.62457  -1.01749  1.000 97.00656  ? 92  GLN B CD  1 
ATOM   580 O  OE1 . GLN B 2 12 ? 0.39773   -6.04965  -1.62961  1.000 86.49807  ? 92  GLN B OE1 1 
ATOM   581 N  NE2 . GLN B 2 12 ? 1.37614   -5.46465  0.29530   1.000 81.79423  ? 92  GLN B NE2 1 
ATOM   582 N  N   . ARG B 2 13 ? 3.05166   -5.81731  -6.35087  1.000 71.68146  ? 93  ARG B N   1 
ATOM   583 C  CA  . ARG B 2 13 ? 3.31358   -6.60201  -7.55291  1.000 68.16977  ? 93  ARG B CA  1 
ATOM   584 C  C   . ARG B 2 13 ? 4.51408   -6.06077  -8.32204  1.000 73.24855  ? 93  ARG B C   1 
ATOM   585 O  O   . ARG B 2 13 ? 5.29696   -6.83547  -8.88486  1.000 73.68367  ? 93  ARG B O   1 
ATOM   586 C  CB  . ARG B 2 13 ? 2.06751   -6.62355  -8.43653  1.000 67.06447  ? 93  ARG B CB  1 
ATOM   587 C  CG  . ARG B 2 13 ? 0.97669   -7.56640  -7.95020  1.000 81.71464  ? 93  ARG B CG  1 
ATOM   588 C  CD  . ARG B 2 13 ? 0.38444   -8.35083  -9.10175  1.000 86.38969  ? 93  ARG B CD  1 
ATOM   589 N  NE  . ARG B 2 13 ? -0.93419  -7.84427  -9.46471  1.000 98.17929  ? 93  ARG B NE  1 
ATOM   590 C  CZ  . ARG B 2 13 ? -2.08055  -8.39420  -9.08809  1.000 101.14503 ? 93  ARG B CZ  1 
ATOM   591 N  NH1 . ARG B 2 13 ? -2.10955  -9.49689  -8.35524  1.000 84.24196  ? 93  ARG B NH1 1 
ATOM   592 N  NH2 . ARG B 2 13 ? -3.22610  -7.82130  -9.45339  1.000 93.49844  ? 93  ARG B NH2 1 
ATOM   593 N  N   . GLU B 2 14 ? 4.67884   -4.73541  -8.35362  1.000 74.14525  ? 94  GLU B N   1 
ATOM   594 C  CA  . GLU B 2 14 ? 5.80512   -4.14531  -9.07191  1.000 71.76290  ? 94  GLU B CA  1 
ATOM   595 C  C   . GLU B 2 14 ? 7.12801   -4.48753  -8.40019  1.000 66.96566  ? 94  GLU B C   1 
ATOM   596 O  O   . GLU B 2 14 ? 8.12690   -4.76153  -9.07780  1.000 79.33556  ? 94  GLU B O   1 
ATOM   597 C  CB  . GLU B 2 14 ? 5.63453   -2.62883  -9.16431  1.000 77.07534  ? 94  GLU B CB  1 
ATOM   598 C  CG  . GLU B 2 14 ? 4.37710   -2.16744  -9.88380  1.000 95.09363  ? 94  GLU B CG  1 
ATOM   599 C  CD  . GLU B 2 14 ? 4.38045   -0.67922  -10.14409 1.000 118.90275 ? 94  GLU B CD  1 
ATOM   600 O  OE1 . GLU B 2 14 ? 3.31708   -0.04525  -10.00924 1.000 113.24139 ? 94  GLU B OE1 1 
ATOM   601 O  OE2 . GLU B 2 14 ? 5.45279   -0.13923  -10.47597 1.000 124.45216 ? 94  GLU B OE2 1 
ATOM   602 N  N   . LYS B 2 15 ? 7.15905   -4.45311  -7.06591  1.000 63.39237  ? 95  LYS B N   1 
ATOM   603 C  CA  . LYS B 2 15 ? 8.34846   -4.88913  -6.34570  1.000 78.18942  ? 95  LYS B CA  1 
ATOM   604 C  C   . LYS B 2 15 ? 8.62716   -6.36641  -6.59720  1.000 63.70336  ? 95  LYS B C   1 
ATOM   605 O  O   . LYS B 2 15 ? 9.78609   -6.76227  -6.76088  1.000 68.70717  ? 95  LYS B O   1 
ATOM   606 C  CB  . LYS B 2 15 ? 8.19032   -4.61333  -4.84869  1.000 68.28071  ? 95  LYS B CB  1 
ATOM   607 C  CG  . LYS B 2 15 ? 8.54921   -3.18780  -4.43326  1.000 80.91133  ? 95  LYS B CG  1 
ATOM   608 C  CD  . LYS B 2 15 ? 8.64219   -3.05371  -2.91995  1.000 95.46329  ? 95  LYS B CD  1 
ATOM   609 C  CE  . LYS B 2 15 ? 8.56633   -1.60263  -2.47645  1.000 104.30299 ? 95  LYS B CE  1 
ATOM   610 N  NZ  . LYS B 2 15 ? 7.62849   -1.41938  -1.33424  1.000 100.48037 ? 95  LYS B NZ  1 
ATOM   611 N  N   . MET B 2 16 ? 7.58209   -7.19880  -6.62688  1.000 75.23270  ? 96  MET B N   1 
ATOM   612 C  CA  . MET B 2 16 ? 7.77445   -8.61225  -6.94372  1.000 69.59931  ? 96  MET B CA  1 
ATOM   613 C  C   . MET B 2 16 ? 8.36581   -8.78820  -8.33133  1.000 72.08417  ? 96  MET B C   1 
ATOM   614 O  O   . MET B 2 16 ? 9.23652   -9.63915  -8.54245  1.000 77.59471  ? 96  MET B O   1 
ATOM   615 C  CB  . MET B 2 16 ? 6.45197   -9.36519  -6.85738  1.000 72.00514  ? 96  MET B CB  1 
ATOM   616 C  CG  . MET B 2 16 ? 6.56596   -10.87110 -6.97337  1.000 96.43994  ? 96  MET B CG  1 
ATOM   617 S  SD  . MET B 2 16 ? 6.60286   -11.61358 -5.34544  1.000 121.19888 ? 96  MET B SD  1 
ATOM   618 C  CE  . MET B 2 16 ? 5.48256   -10.52976 -4.46879  1.000 94.66652  ? 96  MET B CE  1 
ATOM   619 N  N   . ALA B 2 17 ? 7.86831   -8.01937  -9.30212  1.000 69.23740  ? 97  ALA B N   1 
ATOM   620 C  CA  . ALA B 2 17 ? 8.39082   -8.10883  -10.66003 1.000 67.59724  ? 97  ALA B CA  1 
ATOM   621 C  C   . ALA B 2 17 ? 9.86046   -7.71389  -10.70394 1.000 81.69226  ? 97  ALA B C   1 
ATOM   622 O  O   . ALA B 2 17 ? 10.69615  -8.45115  -11.23975 1.000 76.25601  ? 97  ALA B O   1 
ATOM   623 C  CB  . ALA B 2 17 ? 7.56318   -7.22907  -11.59686 1.000 69.18572  ? 97  ALA B CB  1 
ATOM   624 N  N   . ARG B 2 18 ? 10.19001  -6.54023  -10.15502 1.000 73.80556  ? 98  ARG B N   1 
ATOM   625 C  CA  . ARG B 2 18 ? 11.58220  -6.10731  -10.08058 1.000 78.92119  ? 98  ARG B CA  1 
ATOM   626 C  C   . ARG B 2 18 ? 12.45015  -7.18567  -9.45029  1.000 71.87848  ? 98  ARG B C   1 
ATOM   627 O  O   . ARG B 2 18 ? 13.52349  -7.51853  -9.96515  1.000 75.40433  ? 98  ARG B O   1 
ATOM   628 C  CB  . ARG B 2 18 ? 11.69128  -4.81209  -9.27390  1.000 70.41244  ? 98  ARG B CB  1 
ATOM   629 C  CG  . ARG B 2 18 ? 11.21453  -3.55839  -9.99249  1.000 93.87049  ? 98  ARG B CG  1 
ATOM   630 C  CD  . ARG B 2 18 ? 12.30252  -2.90335  -10.82365 1.000 105.34840 ? 98  ARG B CD  1 
ATOM   631 N  NE  . ARG B 2 18 ? 11.77276  -2.44469  -12.10346 1.000 127.73059 ? 98  ARG B NE  1 
ATOM   632 C  CZ  . ARG B 2 18 ? 12.41521  -2.51115  -13.26174 1.000 123.31407 ? 98  ARG B CZ  1 
ATOM   633 N  NH1 . ARG B 2 18 ? 13.65655  -2.96144  -13.33848 1.000 115.17628 ? 98  ARG B NH1 1 
ATOM   634 N  NH2 . ARG B 2 18 ? 11.80098  -2.09899  -14.36900 1.000 109.14562 ? 98  ARG B NH2 1 
ATOM   635 N  N   . LEU B 2 19 ? 11.98879  -7.75323  -8.33357  1.000 66.87881  ? 99  LEU B N   1 
ATOM   636 C  CA  . LEU B 2 19 ? 12.76801  -8.78286  -7.65817  1.000 68.61712  ? 99  LEU B CA  1 
ATOM   637 C  C   . LEU B 2 19 ? 12.95323  -9.98949  -8.56793  1.000 79.61356  ? 99  LEU B C   1 
ATOM   638 O  O   . LEU B 2 19 ? 14.03697  -10.58234 -8.62306  1.000 78.80530  ? 99  LEU B O   1 
ATOM   639 C  CB  . LEU B 2 19 ? 12.07790  -9.20434  -6.36003  1.000 61.64566  ? 99  LEU B CB  1 
ATOM   640 C  CG  . LEU B 2 19 ? 12.96430  -9.54402  -5.15534  1.000 73.11781  ? 99  LEU B CG  1 
ATOM   641 C  CD1 . LEU B 2 19 ? 12.11592  -9.75167  -3.90136  1.000 73.05145  ? 99  LEU B CD1 1 
ATOM   642 C  CD2 . LEU B 2 19 ? 13.92897  -10.71099 -5.38457  1.000 86.85075  ? 99  LEU B CD2 1 
ATOM   643 N  N   . ARG B 2 20 ? 11.88763  -10.37352 -9.27939  1.000 89.48519  ? 100 ARG B N   1 
ATOM   644 C  CA  . ARG B 2 20 ? 11.94115  -11.53122 -10.16617 1.000 82.19672  ? 100 ARG B CA  1 
ATOM   645 C  C   . ARG B 2 20 ? 13.09034  -11.41949 -11.15733 1.000 72.87542  ? 100 ARG B C   1 
ATOM   646 O  O   . ARG B 2 20 ? 13.80116  -12.39899 -11.40878 1.000 84.63999  ? 100 ARG B O   1 
ATOM   647 C  CB  . ARG B 2 20 ? 10.61048  -11.68046 -10.90693 1.000 83.59381  ? 100 ARG B CB  1 
ATOM   648 C  CG  . ARG B 2 20 ? 9.55737   -12.51469 -10.18551 1.000 94.32595  ? 100 ARG B CG  1 
ATOM   649 C  CD  . ARG B 2 20 ? 8.83758   -13.41373 -11.17462 1.000 93.58344  ? 100 ARG B CD  1 
ATOM   650 N  NE  . ARG B 2 20 ? 8.22651   -14.58082 -10.55018 1.000 118.87148 ? 100 ARG B NE  1 
ATOM   651 C  CZ  . ARG B 2 20 ? 7.08589   -14.56518 -9.87317  1.000 122.84474 ? 100 ARG B CZ  1 
ATOM   652 N  NH1 . ARG B 2 20 ? 6.42049   -13.43879 -9.66255  1.000 88.17050  ? 100 ARG B NH1 1 
ATOM   653 N  NH2 . ARG B 2 20 ? 6.59750   -15.71010 -9.40172  1.000 117.22072 ? 100 ARG B NH2 1 
ATOM   654 N  N   . TYR B 2 21 ? 13.30417  -10.22487 -11.71352 1.000 76.39900  ? 101 TYR B N   1 
ATOM   655 C  CA  . TYR B 2 21 ? 14.37647  -10.05510 -12.68906 1.000 81.92880  ? 101 TYR B CA  1 
ATOM   656 C  C   . TYR B 2 21 ? 15.75313  -10.27032 -12.05982 1.000 86.43161  ? 101 TYR B C   1 
ATOM   657 O  O   . TYR B 2 21 ? 16.61917  -10.91339 -12.66658 1.000 88.50778  ? 101 TYR B O   1 
ATOM   658 C  CB  . TYR B 2 21 ? 14.28183  -8.67816  -13.35271 1.000 77.51131  ? 101 TYR B CB  1 
ATOM   659 C  CG  . TYR B 2 21 ? 12.91102  -8.34149  -13.91938 1.000 99.82579  ? 101 TYR B CG  1 
ATOM   660 C  CD1 . TYR B 2 21 ? 12.12552  -9.30899  -14.53986 1.000 110.97024 ? 101 TYR B CD1 1 
ATOM   661 C  CD2 . TYR B 2 21 ? 12.41301  -7.04925  -13.84892 1.000 97.13959  ? 101 TYR B CD2 1 
ATOM   662 C  CE1 . TYR B 2 21 ? 10.87483  -8.99404  -15.05922 1.000 95.14504  ? 101 TYR B CE1 1 
ATOM   663 C  CE2 . TYR B 2 21 ? 11.17168  -6.72694  -14.36400 1.000 110.19252 ? 101 TYR B CE2 1 
ATOM   664 C  CZ  . TYR B 2 21 ? 10.40401  -7.69988  -14.96792 1.000 120.79090 ? 101 TYR B CZ  1 
ATOM   665 O  OH  . TYR B 2 21 ? 9.16502   -7.37291  -15.48082 1.000 112.73442 ? 101 TYR B OH  1 
ATOM   666 N  N   . MET B 2 22 ? 15.98112  -9.74671  -10.84465 1.000 85.42347  ? 102 MET B N   1 
ATOM   667 C  CA  . MET B 2 22 ? 17.26327  -9.99358  -10.18259 1.000 76.47315  ? 102 MET B CA  1 
ATOM   668 C  C   . MET B 2 22 ? 17.38234  -11.42069 -9.66728  1.000 82.91513  ? 102 MET B C   1 
ATOM   669 O  O   . MET B 2 22 ? 18.48426  -11.98477 -9.67832  1.000 83.65683  ? 102 MET B O   1 
ATOM   670 C  CB  . MET B 2 22 ? 17.50192  -9.04649  -9.00486  1.000 95.04164  ? 102 MET B CB  1 
ATOM   671 C  CG  . MET B 2 22 ? 16.88721  -7.68545  -9.08744  1.000 75.35084  ? 102 MET B CG  1 
ATOM   672 S  SD  . MET B 2 22 ? 16.59184  -7.04587  -7.43039  1.000 95.23373  ? 102 MET B SD  1 
ATOM   673 C  CE  . MET B 2 22 ? 18.19513  -7.32128  -6.68419  1.000 85.61604  ? 102 MET B CE  1 
ATOM   674 N  N   . LEU B 2 23 ? 16.28197  -12.00323 -9.17643  1.000 79.84855  ? 103 LEU B N   1 
ATOM   675 C  CA  . LEU B 2 23 ? 16.29343  -13.42493 -8.83952  1.000 87.83995  ? 103 LEU B CA  1 
ATOM   676 C  C   . LEU B 2 23 ? 16.87030  -14.23877 -9.98491  1.000 96.28176  ? 103 LEU B C   1 
ATOM   677 O  O   . LEU B 2 23 ? 17.68151  -15.14915 -9.77649  1.000 90.94771  ? 103 LEU B O   1 
ATOM   678 C  CB  . LEU B 2 23 ? 14.88307  -13.92925 -8.54136  1.000 99.25056  ? 103 LEU B CB  1 
ATOM   679 C  CG  . LEU B 2 23 ? 14.47871  -14.45879 -7.16891  1.000 92.15820  ? 103 LEU B CG  1 
ATOM   680 C  CD1 . LEU B 2 23 ? 13.20032  -15.27391 -7.33036  1.000 102.49699 ? 103 LEU B CD1 1 
ATOM   681 C  CD2 . LEU B 2 23 ? 15.55592  -15.28078 -6.52457  1.000 85.47472  ? 103 LEU B CD2 1 
ATOM   682 N  N   . LEU B 2 24 ? 16.45655  -13.91271 -11.20896 1.000 91.69894  ? 104 LEU B N   1 
ATOM   683 C  CA  . LEU B 2 24 ? 16.98163  -14.58278 -12.39118 1.000 76.07917  ? 104 LEU B CA  1 
ATOM   684 C  C   . LEU B 2 24 ? 18.44404  -14.21874 -12.61508 1.000 95.32736  ? 104 LEU B C   1 
ATOM   685 O  O   . LEU B 2 24 ? 19.28179  -15.09262 -12.87160 1.000 92.49712  ? 104 LEU B O   1 
ATOM   686 C  CB  . LEU B 2 24 ? 16.13579  -14.21038 -13.61251 1.000 77.25947  ? 104 LEU B CB  1 
ATOM   687 C  CG  . LEU B 2 24 ? 14.81802  -14.95545 -13.86248 1.000 85.81500  ? 104 LEU B CG  1 
ATOM   688 C  CD1 . LEU B 2 24 ? 14.40912  -15.83507 -12.68295 1.000 84.53068  ? 104 LEU B CD1 1 
ATOM   689 C  CD2 . LEU B 2 24 ? 13.70954  -13.96805 -14.19719 1.000 83.93245  ? 104 LEU B CD2 1 
ATOM   690 N  N   . GLY B 2 25 ? 18.77085  -12.93185 -12.50542 1.000 83.88020  ? 105 GLY B N   1 
ATOM   691 C  CA  . GLY B 2 25 ? 20.12255  -12.46786 -12.74269 1.000 69.39440  ? 105 GLY B CA  1 
ATOM   692 C  C   . GLY B 2 25 ? 20.14619  -11.22575 -13.60924 1.000 82.55247  ? 105 GLY B C   1 
ATOM   693 O  O   . GLY B 2 25 ? 21.20832  -10.78311 -14.05806 1.000 74.87092  ? 105 GLY B O   1 
ATOM   694 N  N   . GLY B 2 26 ? 18.96947  -10.66563 -13.86314 1.000 87.97678  ? 106 GLY B N   1 
ATOM   695 C  CA  . GLY B 2 26 ? 18.84791  -9.42303  -14.59321 1.000 87.21978  ? 106 GLY B CA  1 
ATOM   696 C  C   . GLY B 2 26 ? 18.58404  -9.53926  -16.08032 1.000 90.95760  ? 106 GLY B C   1 
ATOM   697 O  O   . GLY B 2 26 ? 18.84157  -8.56860  -16.80366 1.000 103.55058 ? 106 GLY B O   1 
ATOM   698 N  N   . VAL B 2 27 ? 18.05407  -10.66972 -16.55185 1.000 118.75855 ? 107 VAL B N   1 
ATOM   699 C  CA  . VAL B 2 27 ? 17.85221  -10.90763 -17.98247 1.000 101.11161 ? 107 VAL B CA  1 
ATOM   700 C  C   . VAL B 2 27 ? 17.19524  -12.26890 -18.19826 1.000 92.82310  ? 107 VAL B C   1 
ATOM   701 O  O   . VAL B 2 27 ? 16.48555  -12.48738 -19.18296 1.000 99.67114  ? 107 VAL B O   1 
ATOM   702 C  CB  . VAL B 2 27 ? 19.18440  -10.81624 -18.75184 1.000 95.15378  ? 107 VAL B CB  1 
ATOM   703 C  CG1 . VAL B 2 27 ? 20.11886  -11.90973 -18.29116 1.000 98.18471  ? 107 VAL B CG1 1 
ATOM   704 C  CG2 . VAL B 2 27 ? 18.95778  -10.88416 -20.26561 1.000 88.88989  ? 107 VAL B CG2 1 
HETATM 705 ZN ZN  . ZN  C 3 .  ? 6.08273   -2.22020  8.26986   1.000 77.69918  ? 401 ZN  A ZN  1 
HETATM 706 ZN ZN  . ZN  D 3 .  ? -7.30936  -0.29795  7.45212   1.000 66.38859  ? 402 ZN  A ZN  1 
HETATM 707 ZN ZN  . ZN  E 3 .  ? -1.16586  11.36561  2.35532   1.000 68.85211  ? 403 ZN  A ZN  1 
HETATM 708 ZN ZN  . ZN  F 3 .  ? -0.86881  10.04491  9.79327   0.480 57.56505  ? 404 ZN  A ZN  1 
# 
